data_5O7B
# 
_entry.id   5O7B 
# 
_audit_conform.dict_name       mmcif_pdbx.dic 
_audit_conform.dict_version    5.383 
_audit_conform.dict_location   http://mmcif.pdb.org/dictionaries/ascii/mmcif_pdbx.dic 
# 
loop_
_database_2.database_id 
_database_2.database_code 
_database_2.pdbx_database_accession 
_database_2.pdbx_DOI 
PDB   5O7B         pdb_00005o7b 10.2210/pdb5o7b/pdb 
WWPDB D_1200005297 ?            ?                   
# 
loop_
_pdbx_audit_revision_history.ordinal 
_pdbx_audit_revision_history.data_content_type 
_pdbx_audit_revision_history.major_revision 
_pdbx_audit_revision_history.minor_revision 
_pdbx_audit_revision_history.revision_date 
1 'Structure model' 1 0 2018-06-20 
2 'Structure model' 1 1 2019-03-20 
3 'Structure model' 1 2 2024-01-17 
# 
_pdbx_audit_revision_details.ordinal             1 
_pdbx_audit_revision_details.revision_ordinal    1 
_pdbx_audit_revision_details.data_content_type   'Structure model' 
_pdbx_audit_revision_details.provider            repository 
_pdbx_audit_revision_details.type                'Initial release' 
_pdbx_audit_revision_details.description         ? 
_pdbx_audit_revision_details.details             ? 
# 
loop_
_pdbx_audit_revision_group.ordinal 
_pdbx_audit_revision_group.revision_ordinal 
_pdbx_audit_revision_group.data_content_type 
_pdbx_audit_revision_group.group 
1 2 'Structure model' 'Data collection'        
2 2 'Structure model' 'Database references'    
3 3 'Structure model' Advisory                 
4 3 'Structure model' 'Data collection'        
5 3 'Structure model' 'Database references'    
6 3 'Structure model' 'Refinement description' 
# 
loop_
_pdbx_audit_revision_category.ordinal 
_pdbx_audit_revision_category.revision_ordinal 
_pdbx_audit_revision_category.data_content_type 
_pdbx_audit_revision_category.category 
1 2 'Structure model' citation                        
2 2 'Structure model' citation_author                 
3 2 'Structure model' pdbx_database_proc              
4 3 'Structure model' chem_comp_atom                  
5 3 'Structure model' chem_comp_bond                  
6 3 'Structure model' database_2                      
7 3 'Structure model' pdbx_initial_refinement_model   
8 3 'Structure model' pdbx_unobs_or_zero_occ_atoms    
9 3 'Structure model' pdbx_unobs_or_zero_occ_residues 
# 
loop_
_pdbx_audit_revision_item.ordinal 
_pdbx_audit_revision_item.revision_ordinal 
_pdbx_audit_revision_item.data_content_type 
_pdbx_audit_revision_item.item 
1  2 'Structure model' '_citation.country'                   
2  2 'Structure model' '_citation.journal_abbrev'            
3  2 'Structure model' '_citation.journal_id_CSD'            
4  2 'Structure model' '_citation.journal_id_ISSN'           
5  2 'Structure model' '_citation.page_first'                
6  2 'Structure model' '_citation.page_last'                 
7  2 'Structure model' '_citation.pdbx_database_id_DOI'      
8  2 'Structure model' '_citation.pdbx_database_id_PubMed'   
9  2 'Structure model' '_citation.title'                     
10 2 'Structure model' '_citation.year'                      
11 3 'Structure model' '_database_2.pdbx_DOI'                
12 3 'Structure model' '_database_2.pdbx_database_accession' 
# 
_pdbx_database_status.status_code                     REL 
_pdbx_database_status.status_code_sf                  REL 
_pdbx_database_status.status_code_mr                  ? 
_pdbx_database_status.entry_id                        5O7B 
_pdbx_database_status.recvd_initial_deposition_date   2017-06-08 
_pdbx_database_status.SG_entry                        N 
_pdbx_database_status.deposit_site                    PDBE 
_pdbx_database_status.process_site                    PDBE 
_pdbx_database_status.status_code_cs                  ? 
_pdbx_database_status.methods_development_category    ? 
_pdbx_database_status.pdb_format_compatible           Y 
_pdbx_database_status.status_code_nmr_data            ? 
# 
loop_
_audit_author.name 
_audit_author.pdbx_ordinal 
_audit_author.identifier_ORCID 
'Leite, J.P.' 1 0000-0001-5063-515X 
'Gales, L.'   2 0000-0002-8352-6539 
# 
_citation.abstract                  ? 
_citation.abstract_id_CAS           ? 
_citation.book_id_ISBN              ? 
_citation.book_publisher            ? 
_citation.book_publisher_city       ? 
_citation.book_title                ? 
_citation.coordinate_linkage        ? 
_citation.country                   UK 
_citation.database_id_Medline       ? 
_citation.details                   ? 
_citation.id                        primary 
_citation.journal_abbrev            Microbiologyopen 
_citation.journal_id_ASTM           ? 
_citation.journal_id_CSD            ? 
_citation.journal_id_ISSN           2045-8827 
_citation.journal_full              ? 
_citation.journal_issue             ? 
_citation.journal_volume            ? 
_citation.language                  ? 
_citation.page_first                e753 
_citation.page_last                 e753 
_citation.title                     
;The role of the tyrosine kinase Wzc (Sll0923) and the phosphatase Wzb (Slr0328) in the production of extracellular polymeric substances (EPS) by Synechocystis PCC 6803.
;
_citation.year                      2019 
_citation.database_id_CSD           ? 
_citation.pdbx_database_id_DOI      10.1002/mbo3.753 
_citation.pdbx_database_id_PubMed   30675753 
_citation.unpublished_flag          ? 
# 
loop_
_citation_author.citation_id 
_citation_author.name 
_citation_author.ordinal 
_citation_author.identifier_ORCID 
primary 'Pereira, S.B.'       1  0000-0003-3284-8092 
primary 'Santos, M.'          2  ?                   
primary 'Leite, J.P.'         3  ?                   
primary 'Flores, C.'          4  ?                   
primary 'Eisfeld, C.'         5  ?                   
primary 'Buttel, Z.'          6  ?                   
primary 'Mota, R.'            7  ?                   
primary 'Rossi, F.'           8  ?                   
primary 'De Philippis, R.'    9  ?                   
primary 'Gales, L.'           10 ?                   
primary 'Morais-Cabral, J.H.' 11 ?                   
primary 'Tamagnini, P.'       12 0000-0003-4396-2122 
# 
loop_
_entity.id 
_entity.type 
_entity.src_method 
_entity.pdbx_description 
_entity.formula_weight 
_entity.pdbx_number_of_molecules 
_entity.pdbx_ec 
_entity.pdbx_mutation 
_entity.pdbx_fragment 
_entity.details 
1 polymer man 'Putative low molecular weight protein-tyrosine-phosphatase slr0328' 18939.305 1 3.1.3.48 ? ? ? 
2 water   nat water                                                                18.015    5 ?        ? ? ? 
# 
_entity_poly.entity_id                      1 
_entity_poly.type                           'polypeptide(L)' 
_entity_poly.nstd_linkage                   no 
_entity_poly.nstd_monomer                   no 
_entity_poly.pdbx_seq_one_letter_code       
;MRGSHHHHHHGSACKLLFVCLGNICRSPAAENIMNAQIDQAGLGAKIVCDSAGTSSYHVGDSPDRRMTESLKKRGYRVQG
RARQFFPEDFAEFDLILAMDGDNYRNILAQDPAGQYHHKVKMICDYTEKFGDREVPDPYYGGQAGFEHVIDLLEDACGNL
LTSLGKELVN
;
_entity_poly.pdbx_seq_one_letter_code_can   
;MRGSHHHHHHGSACKLLFVCLGNICRSPAAENIMNAQIDQAGLGAKIVCDSAGTSSYHVGDSPDRRMTESLKKRGYRVQG
RARQFFPEDFAEFDLILAMDGDNYRNILAQDPAGQYHHKVKMICDYTEKFGDREVPDPYYGGQAGFEHVIDLLEDACGNL
LTSLGKELVN
;
_entity_poly.pdbx_strand_id                 A 
_entity_poly.pdbx_target_identifier         ? 
# 
_pdbx_entity_nonpoly.entity_id   2 
_pdbx_entity_nonpoly.name        water 
_pdbx_entity_nonpoly.comp_id     HOH 
# 
loop_
_entity_poly_seq.entity_id 
_entity_poly_seq.num 
_entity_poly_seq.mon_id 
_entity_poly_seq.hetero 
1 1   MET n 
1 2   ARG n 
1 3   GLY n 
1 4   SER n 
1 5   HIS n 
1 6   HIS n 
1 7   HIS n 
1 8   HIS n 
1 9   HIS n 
1 10  HIS n 
1 11  GLY n 
1 12  SER n 
1 13  ALA n 
1 14  CYS n 
1 15  LYS n 
1 16  LEU n 
1 17  LEU n 
1 18  PHE n 
1 19  VAL n 
1 20  CYS n 
1 21  LEU n 
1 22  GLY n 
1 23  ASN n 
1 24  ILE n 
1 25  CYS n 
1 26  ARG n 
1 27  SER n 
1 28  PRO n 
1 29  ALA n 
1 30  ALA n 
1 31  GLU n 
1 32  ASN n 
1 33  ILE n 
1 34  MET n 
1 35  ASN n 
1 36  ALA n 
1 37  GLN n 
1 38  ILE n 
1 39  ASP n 
1 40  GLN n 
1 41  ALA n 
1 42  GLY n 
1 43  LEU n 
1 44  GLY n 
1 45  ALA n 
1 46  LYS n 
1 47  ILE n 
1 48  VAL n 
1 49  CYS n 
1 50  ASP n 
1 51  SER n 
1 52  ALA n 
1 53  GLY n 
1 54  THR n 
1 55  SER n 
1 56  SER n 
1 57  TYR n 
1 58  HIS n 
1 59  VAL n 
1 60  GLY n 
1 61  ASP n 
1 62  SER n 
1 63  PRO n 
1 64  ASP n 
1 65  ARG n 
1 66  ARG n 
1 67  MET n 
1 68  THR n 
1 69  GLU n 
1 70  SER n 
1 71  LEU n 
1 72  LYS n 
1 73  LYS n 
1 74  ARG n 
1 75  GLY n 
1 76  TYR n 
1 77  ARG n 
1 78  VAL n 
1 79  GLN n 
1 80  GLY n 
1 81  ARG n 
1 82  ALA n 
1 83  ARG n 
1 84  GLN n 
1 85  PHE n 
1 86  PHE n 
1 87  PRO n 
1 88  GLU n 
1 89  ASP n 
1 90  PHE n 
1 91  ALA n 
1 92  GLU n 
1 93  PHE n 
1 94  ASP n 
1 95  LEU n 
1 96  ILE n 
1 97  LEU n 
1 98  ALA n 
1 99  MET n 
1 100 ASP n 
1 101 GLY n 
1 102 ASP n 
1 103 ASN n 
1 104 TYR n 
1 105 ARG n 
1 106 ASN n 
1 107 ILE n 
1 108 LEU n 
1 109 ALA n 
1 110 GLN n 
1 111 ASP n 
1 112 PRO n 
1 113 ALA n 
1 114 GLY n 
1 115 GLN n 
1 116 TYR n 
1 117 HIS n 
1 118 HIS n 
1 119 LYS n 
1 120 VAL n 
1 121 LYS n 
1 122 MET n 
1 123 ILE n 
1 124 CYS n 
1 125 ASP n 
1 126 TYR n 
1 127 THR n 
1 128 GLU n 
1 129 LYS n 
1 130 PHE n 
1 131 GLY n 
1 132 ASP n 
1 133 ARG n 
1 134 GLU n 
1 135 VAL n 
1 136 PRO n 
1 137 ASP n 
1 138 PRO n 
1 139 TYR n 
1 140 TYR n 
1 141 GLY n 
1 142 GLY n 
1 143 GLN n 
1 144 ALA n 
1 145 GLY n 
1 146 PHE n 
1 147 GLU n 
1 148 HIS n 
1 149 VAL n 
1 150 ILE n 
1 151 ASP n 
1 152 LEU n 
1 153 LEU n 
1 154 GLU n 
1 155 ASP n 
1 156 ALA n 
1 157 CYS n 
1 158 GLY n 
1 159 ASN n 
1 160 LEU n 
1 161 LEU n 
1 162 THR n 
1 163 SER n 
1 164 LEU n 
1 165 GLY n 
1 166 LYS n 
1 167 GLU n 
1 168 LEU n 
1 169 VAL n 
1 170 ASN n 
# 
_entity_src_gen.entity_id                          1 
_entity_src_gen.pdbx_src_id                        1 
_entity_src_gen.pdbx_alt_source_flag               sample 
_entity_src_gen.pdbx_seq_type                      'Biological sequence' 
_entity_src_gen.pdbx_beg_seq_num                   1 
_entity_src_gen.pdbx_end_seq_num                   170 
_entity_src_gen.gene_src_common_name               ? 
_entity_src_gen.gene_src_genus                     ? 
_entity_src_gen.pdbx_gene_src_gene                 slr0328 
_entity_src_gen.gene_src_species                   ? 
_entity_src_gen.gene_src_strain                    'PCC 6803 / Kazusa' 
_entity_src_gen.gene_src_tissue                    ? 
_entity_src_gen.gene_src_tissue_fraction           ? 
_entity_src_gen.gene_src_details                   ? 
_entity_src_gen.pdbx_gene_src_fragment             ? 
_entity_src_gen.pdbx_gene_src_scientific_name      'Synechocystis sp. (strain PCC 6803 / Kazusa)' 
_entity_src_gen.pdbx_gene_src_ncbi_taxonomy_id     1111708 
_entity_src_gen.pdbx_gene_src_variant              ? 
_entity_src_gen.pdbx_gene_src_cell_line            ? 
_entity_src_gen.pdbx_gene_src_atcc                 ? 
_entity_src_gen.pdbx_gene_src_organ                ? 
_entity_src_gen.pdbx_gene_src_organelle            ? 
_entity_src_gen.pdbx_gene_src_cell                 ? 
_entity_src_gen.pdbx_gene_src_cellular_location    ? 
_entity_src_gen.host_org_common_name               ? 
_entity_src_gen.pdbx_host_org_scientific_name      'Escherichia coli' 
_entity_src_gen.pdbx_host_org_ncbi_taxonomy_id     1007065 
_entity_src_gen.host_org_genus                     ? 
_entity_src_gen.pdbx_host_org_gene                 ? 
_entity_src_gen.pdbx_host_org_organ                ? 
_entity_src_gen.host_org_species                   ? 
_entity_src_gen.pdbx_host_org_tissue               ? 
_entity_src_gen.pdbx_host_org_tissue_fraction      ? 
_entity_src_gen.pdbx_host_org_strain               M15 
_entity_src_gen.pdbx_host_org_variant              pREP4 
_entity_src_gen.pdbx_host_org_cell_line            ? 
_entity_src_gen.pdbx_host_org_atcc                 ? 
_entity_src_gen.pdbx_host_org_culture_collection   ? 
_entity_src_gen.pdbx_host_org_cell                 ? 
_entity_src_gen.pdbx_host_org_organelle            ? 
_entity_src_gen.pdbx_host_org_cellular_location    ? 
_entity_src_gen.pdbx_host_org_vector_type          plasmid 
_entity_src_gen.pdbx_host_org_vector               ? 
_entity_src_gen.host_org_details                   ? 
_entity_src_gen.expression_system_id               ? 
_entity_src_gen.plasmid_name                       PQE-30 
_entity_src_gen.plasmid_details                    ? 
_entity_src_gen.pdbx_description                   ? 
# 
loop_
_chem_comp.id 
_chem_comp.type 
_chem_comp.mon_nstd_flag 
_chem_comp.name 
_chem_comp.pdbx_synonyms 
_chem_comp.formula 
_chem_comp.formula_weight 
ALA 'L-peptide linking' y ALANINE         ? 'C3 H7 N O2'     89.093  
ARG 'L-peptide linking' y ARGININE        ? 'C6 H15 N4 O2 1' 175.209 
ASN 'L-peptide linking' y ASPARAGINE      ? 'C4 H8 N2 O3'    132.118 
ASP 'L-peptide linking' y 'ASPARTIC ACID' ? 'C4 H7 N O4'     133.103 
CYS 'L-peptide linking' y CYSTEINE        ? 'C3 H7 N O2 S'   121.158 
GLN 'L-peptide linking' y GLUTAMINE       ? 'C5 H10 N2 O3'   146.144 
GLU 'L-peptide linking' y 'GLUTAMIC ACID' ? 'C5 H9 N O4'     147.129 
GLY 'peptide linking'   y GLYCINE         ? 'C2 H5 N O2'     75.067  
HIS 'L-peptide linking' y HISTIDINE       ? 'C6 H10 N3 O2 1' 156.162 
HOH non-polymer         . WATER           ? 'H2 O'           18.015  
ILE 'L-peptide linking' y ISOLEUCINE      ? 'C6 H13 N O2'    131.173 
LEU 'L-peptide linking' y LEUCINE         ? 'C6 H13 N O2'    131.173 
LYS 'L-peptide linking' y LYSINE          ? 'C6 H15 N2 O2 1' 147.195 
MET 'L-peptide linking' y METHIONINE      ? 'C5 H11 N O2 S'  149.211 
PHE 'L-peptide linking' y PHENYLALANINE   ? 'C9 H11 N O2'    165.189 
PRO 'L-peptide linking' y PROLINE         ? 'C5 H9 N O2'     115.130 
SER 'L-peptide linking' y SERINE          ? 'C3 H7 N O3'     105.093 
THR 'L-peptide linking' y THREONINE       ? 'C4 H9 N O3'     119.119 
TYR 'L-peptide linking' y TYROSINE        ? 'C9 H11 N O3'    181.189 
VAL 'L-peptide linking' y VALINE          ? 'C5 H11 N O2'    117.146 
# 
loop_
_pdbx_poly_seq_scheme.asym_id 
_pdbx_poly_seq_scheme.entity_id 
_pdbx_poly_seq_scheme.seq_id 
_pdbx_poly_seq_scheme.mon_id 
_pdbx_poly_seq_scheme.ndb_seq_num 
_pdbx_poly_seq_scheme.pdb_seq_num 
_pdbx_poly_seq_scheme.auth_seq_num 
_pdbx_poly_seq_scheme.pdb_mon_id 
_pdbx_poly_seq_scheme.auth_mon_id 
_pdbx_poly_seq_scheme.pdb_strand_id 
_pdbx_poly_seq_scheme.pdb_ins_code 
_pdbx_poly_seq_scheme.hetero 
A 1 1   MET 1   -12 ?   ?   ?   A . n 
A 1 2   ARG 2   -11 ?   ?   ?   A . n 
A 1 3   GLY 3   -10 ?   ?   ?   A . n 
A 1 4   SER 4   -9  ?   ?   ?   A . n 
A 1 5   HIS 5   -8  ?   ?   ?   A . n 
A 1 6   HIS 6   -7  ?   ?   ?   A . n 
A 1 7   HIS 7   -6  ?   ?   ?   A . n 
A 1 8   HIS 8   -5  ?   ?   ?   A . n 
A 1 9   HIS 9   -4  ?   ?   ?   A . n 
A 1 10  HIS 10  -3  ?   ?   ?   A . n 
A 1 11  GLY 11  -2  ?   ?   ?   A . n 
A 1 12  SER 12  -1  ?   ?   ?   A . n 
A 1 13  ALA 13  0   ?   ?   ?   A . n 
A 1 14  CYS 14  1   ?   ?   ?   A . n 
A 1 15  LYS 15  2   2   LYS LYS A . n 
A 1 16  LEU 16  3   3   LEU LEU A . n 
A 1 17  LEU 17  4   4   LEU LEU A . n 
A 1 18  PHE 18  5   5   PHE PHE A . n 
A 1 19  VAL 19  6   6   VAL VAL A . n 
A 1 20  CYS 20  7   7   CYS CYS A . n 
A 1 21  LEU 21  8   8   LEU LEU A . n 
A 1 22  GLY 22  9   9   GLY GLY A . n 
A 1 23  ASN 23  10  10  ASN ASN A . n 
A 1 24  ILE 24  11  11  ILE ILE A . n 
A 1 25  CYS 25  12  12  CYS CYS A . n 
A 1 26  ARG 26  13  13  ARG ARG A . n 
A 1 27  SER 27  14  14  SER SER A . n 
A 1 28  PRO 28  15  15  PRO PRO A . n 
A 1 29  ALA 29  16  16  ALA ALA A . n 
A 1 30  ALA 30  17  17  ALA ALA A . n 
A 1 31  GLU 31  18  18  GLU GLU A . n 
A 1 32  ASN 32  19  19  ASN ASN A . n 
A 1 33  ILE 33  20  20  ILE ILE A . n 
A 1 34  MET 34  21  21  MET MET A . n 
A 1 35  ASN 35  22  22  ASN ASN A . n 
A 1 36  ALA 36  23  23  ALA ALA A . n 
A 1 37  GLN 37  24  24  GLN GLN A . n 
A 1 38  ILE 38  25  25  ILE ILE A . n 
A 1 39  ASP 39  26  ?   ?   ?   A . n 
A 1 40  GLN 40  27  ?   ?   ?   A . n 
A 1 41  ALA 41  28  ?   ?   ?   A . n 
A 1 42  GLY 42  29  ?   ?   ?   A . n 
A 1 43  LEU 43  30  30  LEU LEU A . n 
A 1 44  GLY 44  31  31  GLY GLY A . n 
A 1 45  ALA 45  32  ?   ?   ?   A . n 
A 1 46  LYS 46  33  ?   ?   ?   A . n 
A 1 47  ILE 47  34  ?   ?   ?   A . n 
A 1 48  VAL 48  35  ?   ?   ?   A . n 
A 1 49  CYS 49  36  36  CYS CYS A . n 
A 1 50  ASP 50  37  37  ASP ASP A . n 
A 1 51  SER 51  38  38  SER SER A . n 
A 1 52  ALA 52  39  39  ALA ALA A . n 
A 1 53  GLY 53  40  40  GLY GLY A . n 
A 1 54  THR 54  41  41  THR THR A . n 
A 1 55  SER 55  42  42  SER SER A . n 
A 1 56  SER 56  43  43  SER SER A . n 
A 1 57  TYR 57  44  44  TYR TYR A . n 
A 1 58  HIS 58  45  45  HIS HIS A . n 
A 1 59  VAL 59  46  46  VAL VAL A . n 
A 1 60  GLY 60  47  47  GLY GLY A . n 
A 1 61  ASP 61  48  48  ASP ASP A . n 
A 1 62  SER 62  49  49  SER SER A . n 
A 1 63  PRO 63  50  50  PRO PRO A . n 
A 1 64  ASP 64  51  51  ASP ASP A . n 
A 1 65  ARG 65  52  52  ARG ARG A . n 
A 1 66  ARG 66  53  53  ARG ARG A . n 
A 1 67  MET 67  54  54  MET MET A . n 
A 1 68  THR 68  55  55  THR THR A . n 
A 1 69  GLU 69  56  56  GLU GLU A . n 
A 1 70  SER 70  57  57  SER SER A . n 
A 1 71  LEU 71  58  58  LEU LEU A . n 
A 1 72  LYS 72  59  59  LYS LYS A . n 
A 1 73  LYS 73  60  ?   ?   ?   A . n 
A 1 74  ARG 74  61  ?   ?   ?   A . n 
A 1 75  GLY 75  62  ?   ?   ?   A . n 
A 1 76  TYR 76  63  ?   ?   ?   A . n 
A 1 77  ARG 77  64  64  ARG ARG A . n 
A 1 78  VAL 78  65  65  VAL VAL A . n 
A 1 79  GLN 79  66  ?   ?   ?   A . n 
A 1 80  GLY 80  67  ?   ?   ?   A . n 
A 1 81  ARG 81  68  68  ARG ARG A . n 
A 1 82  ALA 82  69  69  ALA ALA A . n 
A 1 83  ARG 83  70  70  ARG ARG A . n 
A 1 84  GLN 84  71  71  GLN GLN A . n 
A 1 85  PHE 85  72  ?   ?   ?   A . n 
A 1 86  PHE 86  73  ?   ?   ?   A . n 
A 1 87  PRO 87  74  ?   ?   ?   A . n 
A 1 88  GLU 88  75  ?   ?   ?   A . n 
A 1 89  ASP 89  76  76  ASP ASP A . n 
A 1 90  PHE 90  77  77  PHE PHE A . n 
A 1 91  ALA 91  78  ?   ?   ?   A . n 
A 1 92  GLU 92  79  ?   ?   ?   A . n 
A 1 93  PHE 93  80  80  PHE PHE A . n 
A 1 94  ASP 94  81  81  ASP ASP A . n 
A 1 95  LEU 95  82  ?   ?   ?   A . n 
A 1 96  ILE 96  83  ?   ?   ?   A . n 
A 1 97  LEU 97  84  84  LEU LEU A . n 
A 1 98  ALA 98  85  85  ALA ALA A . n 
A 1 99  MET 99  86  86  MET MET A . n 
A 1 100 ASP 100 87  87  ASP ASP A . n 
A 1 101 GLY 101 88  88  GLY GLY A . n 
A 1 102 ASP 102 89  89  ASP ASP A . n 
A 1 103 ASN 103 90  90  ASN ASN A . n 
A 1 104 TYR 104 91  91  TYR ALA A . n 
A 1 105 ARG 105 92  92  ARG ARG A . n 
A 1 106 ASN 106 93  93  ASN ASN A . n 
A 1 107 ILE 107 94  ?   ?   ?   A . n 
A 1 108 LEU 108 95  ?   ?   ?   A . n 
A 1 109 ALA 109 96  ?   ?   ?   A . n 
A 1 110 GLN 110 97  ?   ?   ?   A . n 
A 1 111 ASP 111 98  ?   ?   ?   A . n 
A 1 112 PRO 112 99  ?   ?   ?   A . n 
A 1 113 ALA 113 100 ?   ?   ?   A . n 
A 1 114 GLY 114 101 ?   ?   ?   A . n 
A 1 115 GLN 115 102 ?   ?   ?   A . n 
A 1 116 TYR 116 103 ?   ?   ?   A . n 
A 1 117 HIS 117 104 ?   ?   ?   A . n 
A 1 118 HIS 118 105 ?   ?   ?   A . n 
A 1 119 LYS 119 106 106 LYS LYS A . n 
A 1 120 VAL 120 107 107 VAL VAL A . n 
A 1 121 LYS 121 108 108 LYS LYS A . n 
A 1 122 MET 122 109 ?   ?   ?   A . n 
A 1 123 ILE 123 110 ?   ?   ?   A . n 
A 1 124 CYS 124 111 111 CYS CYS A . n 
A 1 125 ASP 125 112 112 ASP ASP A . n 
A 1 126 TYR 126 113 113 TYR TYR A . n 
A 1 127 THR 127 114 114 THR THR A . n 
A 1 128 GLU 128 115 115 GLU GLU A . n 
A 1 129 LYS 129 116 116 LYS LYS A . n 
A 1 130 PHE 130 117 117 PHE PHE A . n 
A 1 131 GLY 131 118 118 GLY GLY A . n 
A 1 132 ASP 132 119 ?   ?   ?   A . n 
A 1 133 ARG 133 120 ?   ?   ?   A . n 
A 1 134 GLU 134 121 121 GLU GLU A . n 
A 1 135 VAL 135 122 122 VAL VAL A . n 
A 1 136 PRO 136 123 123 PRO PRO A . n 
A 1 137 ASP 137 124 124 ASP ASP A . n 
A 1 138 PRO 138 125 ?   ?   ?   A . n 
A 1 139 TYR 139 126 ?   ?   ?   A . n 
A 1 140 TYR 140 127 127 TYR TYR A . n 
A 1 141 GLY 141 128 128 GLY GLY A . n 
A 1 142 GLY 142 129 129 GLY GLY A . n 
A 1 143 GLN 143 130 130 GLN GLN A . n 
A 1 144 ALA 144 131 131 ALA ALA A . n 
A 1 145 GLY 145 132 132 GLY GLY A . n 
A 1 146 PHE 146 133 133 PHE PHE A . n 
A 1 147 GLU 147 134 134 GLU GLU A . n 
A 1 148 HIS 148 135 135 HIS HIS A . n 
A 1 149 VAL 149 136 136 VAL VAL A . n 
A 1 150 ILE 150 137 137 ILE ILE A . n 
A 1 151 ASP 151 138 138 ASP ASP A . n 
A 1 152 LEU 152 139 139 LEU LEU A . n 
A 1 153 LEU 153 140 140 LEU LEU A . n 
A 1 154 GLU 154 141 141 GLU GLU A . n 
A 1 155 ASP 155 142 142 ASP ASP A . n 
A 1 156 ALA 156 143 143 ALA ALA A . n 
A 1 157 CYS 157 144 144 CYS CYS A . n 
A 1 158 GLY 158 145 ?   ?   ?   A . n 
A 1 159 ASN 159 146 ?   ?   ?   A . n 
A 1 160 LEU 160 147 ?   ?   ?   A . n 
A 1 161 LEU 161 148 148 LEU LEU A . n 
A 1 162 THR 162 149 149 THR THR A . n 
A 1 163 SER 163 150 ?   ?   ?   A . n 
A 1 164 LEU 164 151 ?   ?   ?   A . n 
A 1 165 GLY 165 152 ?   ?   ?   A . n 
A 1 166 LYS 166 153 ?   ?   ?   A . n 
A 1 167 GLU 167 154 ?   ?   ?   A . n 
A 1 168 LEU 168 155 ?   ?   ?   A . n 
A 1 169 VAL 169 156 ?   ?   ?   A . n 
A 1 170 ASN 170 157 ?   ?   ?   A . n 
# 
loop_
_pdbx_nonpoly_scheme.asym_id 
_pdbx_nonpoly_scheme.entity_id 
_pdbx_nonpoly_scheme.mon_id 
_pdbx_nonpoly_scheme.ndb_seq_num 
_pdbx_nonpoly_scheme.pdb_seq_num 
_pdbx_nonpoly_scheme.auth_seq_num 
_pdbx_nonpoly_scheme.pdb_mon_id 
_pdbx_nonpoly_scheme.auth_mon_id 
_pdbx_nonpoly_scheme.pdb_strand_id 
_pdbx_nonpoly_scheme.pdb_ins_code 
B 2 HOH 1 201 4  HOH HOH A . 
B 2 HOH 2 202 12 HOH HOH A . 
B 2 HOH 3 203 10 HOH HOH A . 
B 2 HOH 4 204 5  HOH HOH A . 
B 2 HOH 5 205 11 HOH HOH A . 
# 
loop_
_pdbx_unobs_or_zero_occ_atoms.id 
_pdbx_unobs_or_zero_occ_atoms.PDB_model_num 
_pdbx_unobs_or_zero_occ_atoms.polymer_flag 
_pdbx_unobs_or_zero_occ_atoms.occupancy_flag 
_pdbx_unobs_or_zero_occ_atoms.auth_asym_id 
_pdbx_unobs_or_zero_occ_atoms.auth_comp_id 
_pdbx_unobs_or_zero_occ_atoms.auth_seq_id 
_pdbx_unobs_or_zero_occ_atoms.PDB_ins_code 
_pdbx_unobs_or_zero_occ_atoms.auth_atom_id 
_pdbx_unobs_or_zero_occ_atoms.label_alt_id 
_pdbx_unobs_or_zero_occ_atoms.label_asym_id 
_pdbx_unobs_or_zero_occ_atoms.label_comp_id 
_pdbx_unobs_or_zero_occ_atoms.label_seq_id 
_pdbx_unobs_or_zero_occ_atoms.label_atom_id 
1  1 Y 0 A ASN 19  ? CG  ? A ASN 32  CG  
2  1 Y 0 A ASN 19  ? OD1 ? A ASN 32  OD1 
3  1 Y 0 A ASN 19  ? ND2 ? A ASN 32  ND2 
4  1 Y 0 A ILE 20  ? CD1 ? A ILE 33  CD1 
5  1 Y 0 A GLN 24  ? CD  ? A GLN 37  CD  
6  1 Y 0 A GLN 24  ? OE1 ? A GLN 37  OE1 
7  1 Y 0 A GLN 24  ? NE2 ? A GLN 37  NE2 
8  1 Y 0 A ILE 25  ? O   ? A ILE 38  O   
9  1 Y 0 A ARG 52  ? CD  ? A ARG 65  CD  
10 1 Y 0 A ARG 52  ? NE  ? A ARG 65  NE  
11 1 Y 0 A ARG 52  ? CZ  ? A ARG 65  CZ  
12 1 Y 0 A ARG 52  ? NH1 ? A ARG 65  NH1 
13 1 Y 0 A ARG 52  ? NH2 ? A ARG 65  NH2 
14 1 Y 0 A ARG 64  ? NE  ? A ARG 77  NE  
15 1 Y 0 A ARG 64  ? CZ  ? A ARG 77  CZ  
16 1 Y 0 A ARG 64  ? NH1 ? A ARG 77  NH1 
17 1 Y 0 A ARG 64  ? NH2 ? A ARG 77  NH2 
18 1 Y 0 A ARG 68  ? CZ  ? A ARG 81  CZ  
19 1 Y 0 A ARG 68  ? NH1 ? A ARG 81  NH1 
20 1 Y 0 A ARG 68  ? NH2 ? A ARG 81  NH2 
21 1 Y 1 A TYR 91  ? CG  ? A TYR 104 CG  
22 1 Y 1 A TYR 91  ? CD1 ? A TYR 104 CD1 
23 1 Y 1 A TYR 91  ? CD2 ? A TYR 104 CD2 
24 1 Y 1 A TYR 91  ? CE1 ? A TYR 104 CE1 
25 1 Y 1 A TYR 91  ? CE2 ? A TYR 104 CE2 
26 1 Y 1 A TYR 91  ? CZ  ? A TYR 104 CZ  
27 1 Y 1 A TYR 91  ? OH  ? A TYR 104 OH  
28 1 Y 0 A GLU 115 ? CD  ? A GLU 128 CD  
29 1 Y 0 A GLU 115 ? OE1 ? A GLU 128 OE1 
30 1 Y 0 A GLU 115 ? OE2 ? A GLU 128 OE2 
31 1 Y 0 A LYS 116 ? CE  ? A LYS 129 CE  
32 1 Y 0 A LYS 116 ? NZ  ? A LYS 129 NZ  
# 
loop_
_software.citation_id 
_software.classification 
_software.compiler_name 
_software.compiler_version 
_software.contact_author 
_software.contact_author_email 
_software.date 
_software.description 
_software.dependencies 
_software.hardware 
_software.language 
_software.location 
_software.mods 
_software.name 
_software.os 
_software.os_version 
_software.type 
_software.version 
_software.pdbx_ordinal 
? refinement        ? ? ? ? ? ? ? ? ? ? ? PHENIX      ? ? ? 1.11.1_2575 1 
? 'data scaling'    ? ? ? ? ? ? ? ? ? ? ? Aimless     ? ? ? 0.5.27      2 
? 'data extraction' ? ? ? ? ? ? ? ? ? ? ? PDB_EXTRACT ? ? ? 3.22        3 
? 'data reduction'  ? ? ? ? ? ? ? ? ? ? ? iMOSFLM     ? ? ? .           4 
? phasing           ? ? ? ? ? ? ? ? ? ? ? PHASER      ? ? ? .           5 
# 
_cell.angle_alpha                  90.000 
_cell.angle_alpha_esd              ? 
_cell.angle_beta                   90.000 
_cell.angle_beta_esd               ? 
_cell.angle_gamma                  120.000 
_cell.angle_gamma_esd              ? 
_cell.entry_id                     5O7B 
_cell.details                      ? 
_cell.formula_units_Z              ? 
_cell.length_a                     73.408 
_cell.length_a_esd                 ? 
_cell.length_b                     73.408 
_cell.length_b_esd                 ? 
_cell.length_c                     68.067 
_cell.length_c_esd                 ? 
_cell.volume                       ? 
_cell.volume_esd                   ? 
_cell.Z_PDB                        6 
_cell.reciprocal_angle_alpha       ? 
_cell.reciprocal_angle_beta        ? 
_cell.reciprocal_angle_gamma       ? 
_cell.reciprocal_angle_alpha_esd   ? 
_cell.reciprocal_angle_beta_esd    ? 
_cell.reciprocal_angle_gamma_esd   ? 
_cell.reciprocal_length_a          ? 
_cell.reciprocal_length_b          ? 
_cell.reciprocal_length_c          ? 
_cell.reciprocal_length_a_esd      ? 
_cell.reciprocal_length_b_esd      ? 
_cell.reciprocal_length_c_esd      ? 
_cell.pdbx_unique_axis             ? 
# 
_symmetry.entry_id                         5O7B 
_symmetry.cell_setting                     ? 
_symmetry.Int_Tables_number                152 
_symmetry.space_group_name_Hall            ? 
_symmetry.space_group_name_H-M             'P 31 2 1' 
_symmetry.pdbx_full_space_group_name_H-M   ? 
# 
_exptl.absorpt_coefficient_mu     ? 
_exptl.absorpt_correction_T_max   ? 
_exptl.absorpt_correction_T_min   ? 
_exptl.absorpt_correction_type    ? 
_exptl.absorpt_process_details    ? 
_exptl.entry_id                   5O7B 
_exptl.crystals_number            1 
_exptl.details                    ? 
_exptl.method                     'X-RAY DIFFRACTION' 
_exptl.method_details             ? 
# 
_exptl_crystal.colour                      ? 
_exptl_crystal.density_diffrn              ? 
_exptl_crystal.density_Matthews            2.80 
_exptl_crystal.density_method              ? 
_exptl_crystal.density_percent_sol         56.00 
_exptl_crystal.description                 ? 
_exptl_crystal.F_000                       ? 
_exptl_crystal.id                          1 
_exptl_crystal.preparation                 ? 
_exptl_crystal.size_max                    ? 
_exptl_crystal.size_mid                    ? 
_exptl_crystal.size_min                    ? 
_exptl_crystal.size_rad                    ? 
_exptl_crystal.colour_lustre               ? 
_exptl_crystal.colour_modifier             ? 
_exptl_crystal.colour_primary              ? 
_exptl_crystal.density_meas                ? 
_exptl_crystal.density_meas_esd            ? 
_exptl_crystal.density_meas_gt             ? 
_exptl_crystal.density_meas_lt             ? 
_exptl_crystal.density_meas_temp           ? 
_exptl_crystal.density_meas_temp_esd       ? 
_exptl_crystal.density_meas_temp_gt        ? 
_exptl_crystal.density_meas_temp_lt        ? 
_exptl_crystal.pdbx_crystal_image_url      ? 
_exptl_crystal.pdbx_crystal_image_format   ? 
_exptl_crystal.pdbx_mosaicity              0.200 
_exptl_crystal.pdbx_mosaicity_esd          ? 
# 
_exptl_crystal_grow.apparatus       ? 
_exptl_crystal_grow.atmosphere      ? 
_exptl_crystal_grow.crystal_id      1 
_exptl_crystal_grow.details         ? 
_exptl_crystal_grow.method          EVAPORATION 
_exptl_crystal_grow.method_ref      ? 
_exptl_crystal_grow.pH              6.7 
_exptl_crystal_grow.pressure        ? 
_exptl_crystal_grow.pressure_esd    ? 
_exptl_crystal_grow.seeding         ? 
_exptl_crystal_grow.seeding_ref     ? 
_exptl_crystal_grow.temp            293 
_exptl_crystal_grow.temp_details    ? 
_exptl_crystal_grow.temp_esd        ? 
_exptl_crystal_grow.time            ? 
_exptl_crystal_grow.pdbx_details    'ADA, ammonium sulfate' 
_exptl_crystal_grow.pdbx_pH_range   ? 
# 
_diffrn.ambient_environment    ? 
_diffrn.ambient_temp           100 
_diffrn.ambient_temp_details   ? 
_diffrn.ambient_temp_esd       ? 
_diffrn.crystal_id             1 
_diffrn.crystal_support        ? 
_diffrn.crystal_treatment      ? 
_diffrn.details                ? 
_diffrn.id                     1 
_diffrn.ambient_pressure       ? 
_diffrn.ambient_pressure_esd   ? 
_diffrn.ambient_pressure_gt    ? 
_diffrn.ambient_pressure_lt    ? 
_diffrn.ambient_temp_gt        ? 
_diffrn.ambient_temp_lt        ? 
# 
_diffrn_detector.details                      'Pt coated mirrors in a Kirkpatrick-Baez (KB) geometry' 
_diffrn_detector.detector                     CCD 
_diffrn_detector.diffrn_id                    1 
_diffrn_detector.type                         'MARMOSAIC 225 mm CCD' 
_diffrn_detector.area_resol_mean              ? 
_diffrn_detector.dtime                        ? 
_diffrn_detector.pdbx_frames_total            ? 
_diffrn_detector.pdbx_collection_time_total   ? 
_diffrn_detector.pdbx_collection_date         2016-07-24 
# 
_diffrn_radiation.collimation                      ? 
_diffrn_radiation.diffrn_id                        1 
_diffrn_radiation.filter_edge                      ? 
_diffrn_radiation.inhomogeneity                    ? 
_diffrn_radiation.monochromator                    'Si (111)' 
_diffrn_radiation.polarisn_norm                    ? 
_diffrn_radiation.polarisn_ratio                   ? 
_diffrn_radiation.probe                            ? 
_diffrn_radiation.type                             ? 
_diffrn_radiation.xray_symbol                      ? 
_diffrn_radiation.wavelength_id                    1 
_diffrn_radiation.pdbx_monochromatic_or_laue_m_l   M 
_diffrn_radiation.pdbx_wavelength_list             ? 
_diffrn_radiation.pdbx_wavelength                  ? 
_diffrn_radiation.pdbx_diffrn_protocol             'SINGLE WAVELENGTH' 
_diffrn_radiation.pdbx_analyzer                    ? 
_diffrn_radiation.pdbx_scattering_type             x-ray 
# 
_diffrn_radiation_wavelength.id           1 
_diffrn_radiation_wavelength.wavelength   0.873 
_diffrn_radiation_wavelength.wt           1.0 
# 
_diffrn_source.current                     ? 
_diffrn_source.details                     ? 
_diffrn_source.diffrn_id                   1 
_diffrn_source.power                       ? 
_diffrn_source.size                        ? 
_diffrn_source.source                      SYNCHROTRON 
_diffrn_source.target                      ? 
_diffrn_source.type                        'ESRF BEAMLINE ID23-2' 
_diffrn_source.voltage                     ? 
_diffrn_source.take-off_angle              ? 
_diffrn_source.pdbx_wavelength_list        0.873 
_diffrn_source.pdbx_wavelength             ? 
_diffrn_source.pdbx_synchrotron_beamline   ID23-2 
_diffrn_source.pdbx_synchrotron_site       ESRF 
# 
_reflns.B_iso_Wilson_estimate            39.870 
_reflns.entry_id                         5O7B 
_reflns.data_reduction_details           ? 
_reflns.data_reduction_method            ? 
_reflns.d_resolution_high                2.28 
_reflns.d_resolution_low                 46.6 
_reflns.details                          ? 
_reflns.limit_h_max                      ? 
_reflns.limit_h_min                      ? 
_reflns.limit_k_max                      ? 
_reflns.limit_k_min                      ? 
_reflns.limit_l_max                      ? 
_reflns.limit_l_min                      ? 
_reflns.number_all                       ? 
_reflns.number_obs                       10021 
_reflns.observed_criterion               ? 
_reflns.observed_criterion_F_max         ? 
_reflns.observed_criterion_F_min         ? 
_reflns.observed_criterion_I_max         ? 
_reflns.observed_criterion_I_min         ? 
_reflns.observed_criterion_sigma_F       ? 
_reflns.observed_criterion_sigma_I       ? 
_reflns.percent_possible_obs             100 
_reflns.R_free_details                   ? 
_reflns.Rmerge_F_all                     ? 
_reflns.Rmerge_F_obs                     ? 
_reflns.Friedel_coverage                 ? 
_reflns.number_gt                        ? 
_reflns.threshold_expression             ? 
_reflns.pdbx_redundancy                  6.7 
_reflns.pdbx_Rmerge_I_obs                0.12 
_reflns.pdbx_Rmerge_I_all                ? 
_reflns.pdbx_Rsym_value                  ? 
_reflns.pdbx_netI_over_av_sigmaI         ? 
_reflns.pdbx_netI_over_sigmaI            8.2 
_reflns.pdbx_res_netI_over_av_sigmaI_2   ? 
_reflns.pdbx_res_netI_over_sigmaI_2      ? 
_reflns.pdbx_chi_squared                 ? 
_reflns.pdbx_scaling_rejects             ? 
_reflns.pdbx_d_res_high_opt              ? 
_reflns.pdbx_d_res_low_opt               ? 
_reflns.pdbx_d_res_opt_method            ? 
_reflns.phase_calculation_details        ? 
_reflns.pdbx_Rrim_I_all                  ? 
_reflns.pdbx_Rpim_I_all                  ? 
_reflns.pdbx_d_opt                       ? 
_reflns.pdbx_number_measured_all         ? 
_reflns.pdbx_diffrn_id                   1 
_reflns.pdbx_ordinal                     1 
_reflns.pdbx_CC_half                     ? 
_reflns.pdbx_R_split                     ? 
# 
loop_
_reflns_shell.d_res_high 
_reflns_shell.d_res_low 
_reflns_shell.meanI_over_sigI_all 
_reflns_shell.meanI_over_sigI_obs 
_reflns_shell.number_measured_all 
_reflns_shell.number_measured_obs 
_reflns_shell.number_possible 
_reflns_shell.number_unique_all 
_reflns_shell.number_unique_obs 
_reflns_shell.percent_possible_all 
_reflns_shell.percent_possible_obs 
_reflns_shell.Rmerge_F_all 
_reflns_shell.Rmerge_F_obs 
_reflns_shell.Rmerge_I_all 
_reflns_shell.Rmerge_I_obs 
_reflns_shell.meanI_over_sigI_gt 
_reflns_shell.meanI_over_uI_all 
_reflns_shell.meanI_over_uI_gt 
_reflns_shell.number_measured_gt 
_reflns_shell.number_unique_gt 
_reflns_shell.percent_possible_gt 
_reflns_shell.Rmerge_F_gt 
_reflns_shell.Rmerge_I_gt 
_reflns_shell.pdbx_redundancy 
_reflns_shell.pdbx_Rsym_value 
_reflns_shell.pdbx_chi_squared 
_reflns_shell.pdbx_netI_over_sigmaI_all 
_reflns_shell.pdbx_netI_over_sigmaI_obs 
_reflns_shell.pdbx_Rrim_I_all 
_reflns_shell.pdbx_Rpim_I_all 
_reflns_shell.pdbx_rejects 
_reflns_shell.pdbx_ordinal 
_reflns_shell.pdbx_diffrn_id 
_reflns_shell.pdbx_CC_half 
_reflns_shell.pdbx_R_split 
2.280 2.360  ? ? ? ? ? ? ? 100.000 ? ? ? ? 0.836 ? ? ? ? ? ? ? ? 7.200 ? ? ? ? 0.970 0.362 ? 1 1 0.616 ? 
8.830 46.460 ? ? ? ? ? ? ? 99.600  ? ? ? ? 0.040 ? ? ? ? ? ? ? ? 5.800 ? ? ? ? 0.043 0.017 ? 2 1 0.998 ? 
# 
_refine.aniso_B[1][1]                            ? 
_refine.aniso_B[1][2]                            ? 
_refine.aniso_B[1][3]                            ? 
_refine.aniso_B[2][2]                            ? 
_refine.aniso_B[2][3]                            ? 
_refine.aniso_B[3][3]                            ? 
_refine.B_iso_max                                88.530 
_refine.B_iso_mean                               33.8711 
_refine.B_iso_min                                19.200 
_refine.correlation_coeff_Fo_to_Fc               ? 
_refine.correlation_coeff_Fo_to_Fc_free          ? 
_refine.details                                  ? 
_refine.diff_density_max                         ? 
_refine.diff_density_max_esd                     ? 
_refine.diff_density_min                         ? 
_refine.diff_density_min_esd                     ? 
_refine.diff_density_rms                         ? 
_refine.diff_density_rms_esd                     ? 
_refine.entry_id                                 5O7B 
_refine.pdbx_refine_id                           'X-RAY DIFFRACTION' 
_refine.ls_abs_structure_details                 ? 
_refine.ls_abs_structure_Flack                   ? 
_refine.ls_abs_structure_Flack_esd               ? 
_refine.ls_abs_structure_Rogers                  ? 
_refine.ls_abs_structure_Rogers_esd              ? 
_refine.ls_d_res_high                            2.2810 
_refine.ls_d_res_low                             46.4600 
_refine.ls_extinction_coef                       ? 
_refine.ls_extinction_coef_esd                   ? 
_refine.ls_extinction_expression                 ? 
_refine.ls_extinction_method                     ? 
_refine.ls_goodness_of_fit_all                   ? 
_refine.ls_goodness_of_fit_all_esd               ? 
_refine.ls_goodness_of_fit_obs                   ? 
_refine.ls_goodness_of_fit_obs_esd               ? 
_refine.ls_hydrogen_treatment                    ? 
_refine.ls_matrix_type                           ? 
_refine.ls_number_constraints                    ? 
_refine.ls_number_parameters                     ? 
_refine.ls_number_reflns_all                     ? 
_refine.ls_number_reflns_obs                     9995 
_refine.ls_number_reflns_R_free                  992 
_refine.ls_number_reflns_R_work                  9003 
_refine.ls_number_restraints                     ? 
_refine.ls_percent_reflns_obs                    99.9500 
_refine.ls_percent_reflns_R_free                 9.9200 
_refine.ls_R_factor_all                          ? 
_refine.ls_R_factor_obs                          0.2267 
_refine.ls_R_factor_R_free                       0.2529 
_refine.ls_R_factor_R_free_error                 ? 
_refine.ls_R_factor_R_free_error_details         ? 
_refine.ls_R_factor_R_work                       0.2240 
_refine.ls_R_Fsqd_factor_obs                     ? 
_refine.ls_R_I_factor_obs                        ? 
_refine.ls_redundancy_reflns_all                 ? 
_refine.ls_redundancy_reflns_obs                 ? 
_refine.ls_restrained_S_all                      ? 
_refine.ls_restrained_S_obs                      ? 
_refine.ls_shift_over_esd_max                    ? 
_refine.ls_shift_over_esd_mean                   ? 
_refine.ls_structure_factor_coef                 ? 
_refine.ls_weighting_details                     ? 
_refine.ls_weighting_scheme                      ? 
_refine.ls_wR_factor_all                         ? 
_refine.ls_wR_factor_obs                         ? 
_refine.ls_wR_factor_R_free                      ? 
_refine.ls_wR_factor_R_work                      ? 
_refine.occupancy_max                            ? 
_refine.occupancy_min                            ? 
_refine.solvent_model_details                    'FLAT BULK SOLVENT MODEL' 
_refine.solvent_model_param_bsol                 ? 
_refine.solvent_model_param_ksol                 ? 
_refine.ls_R_factor_gt                           ? 
_refine.ls_goodness_of_fit_gt                    ? 
_refine.ls_goodness_of_fit_ref                   ? 
_refine.ls_shift_over_su_max                     ? 
_refine.ls_shift_over_su_max_lt                  ? 
_refine.ls_shift_over_su_mean                    ? 
_refine.ls_shift_over_su_mean_lt                 ? 
_refine.pdbx_ls_sigma_I                          ? 
_refine.pdbx_ls_sigma_F                          100.000 
_refine.pdbx_ls_sigma_Fsqd                       ? 
_refine.pdbx_data_cutoff_high_absF               ? 
_refine.pdbx_data_cutoff_high_rms_absF           ? 
_refine.pdbx_data_cutoff_low_absF                ? 
_refine.pdbx_isotropic_thermal_model             ? 
_refine.pdbx_ls_cross_valid_method               'FREE R-VALUE' 
_refine.pdbx_method_to_determine_struct          ? 
_refine.pdbx_starting_model                      3ido 
_refine.pdbx_stereochemistry_target_values       ML 
_refine.pdbx_R_Free_selection_details            ? 
_refine.pdbx_stereochem_target_val_spec_case     ? 
_refine.pdbx_overall_ESU_R                       ? 
_refine.pdbx_overall_ESU_R_Free                  ? 
_refine.pdbx_solvent_vdw_probe_radii             1.1100 
_refine.pdbx_solvent_ion_probe_radii             ? 
_refine.pdbx_solvent_shrinkage_radii             0.9000 
_refine.pdbx_real_space_R                        ? 
_refine.pdbx_density_correlation                 ? 
_refine.pdbx_pd_number_of_powder_patterns        ? 
_refine.pdbx_pd_number_of_points                 ? 
_refine.pdbx_pd_meas_number_of_points            ? 
_refine.pdbx_pd_proc_ls_prof_R_factor            ? 
_refine.pdbx_pd_proc_ls_prof_wR_factor           ? 
_refine.pdbx_pd_Marquardt_correlation_coeff      ? 
_refine.pdbx_pd_Fsqrd_R_factor                   ? 
_refine.pdbx_pd_ls_matrix_band_width             ? 
_refine.pdbx_overall_phase_error                 22.2600 
_refine.pdbx_overall_SU_R_free_Cruickshank_DPI   ? 
_refine.pdbx_overall_SU_R_free_Blow_DPI          ? 
_refine.pdbx_overall_SU_R_Blow_DPI               ? 
_refine.pdbx_TLS_residual_ADP_flag               ? 
_refine.pdbx_diffrn_id                           1 
_refine.overall_SU_B                             ? 
_refine.overall_SU_ML                            0.2600 
_refine.overall_SU_R_Cruickshank_DPI             ? 
_refine.overall_SU_R_free                        ? 
_refine.overall_FOM_free_R_set                   ? 
_refine.overall_FOM_work_R_set                   ? 
_refine.pdbx_average_fsc_overall                 ? 
_refine.pdbx_average_fsc_work                    ? 
_refine.pdbx_average_fsc_free                    ? 
# 
_refine_hist.cycle_id                         final 
_refine_hist.pdbx_refine_id                   'X-RAY DIFFRACTION' 
_refine_hist.d_res_high                       2.2810 
_refine_hist.d_res_low                        46.4600 
_refine_hist.pdbx_number_atoms_ligand         0 
_refine_hist.number_atoms_solvent             5 
_refine_hist.number_atoms_total               813 
_refine_hist.pdbx_number_residues_total       103 
_refine_hist.pdbx_B_iso_mean_solvent          39.60 
_refine_hist.pdbx_number_atoms_protein        808 
_refine_hist.pdbx_number_atoms_nucleic_acid   0 
# 
loop_
_refine_ls_restr.pdbx_refine_id 
_refine_ls_restr.criterion 
_refine_ls_restr.dev_ideal 
_refine_ls_restr.dev_ideal_target 
_refine_ls_restr.number 
_refine_ls_restr.rejects 
_refine_ls_restr.type 
_refine_ls_restr.weight 
_refine_ls_restr.pdbx_restraint_function 
'X-RAY DIFFRACTION' ? 0.007 ? 817  ? f_bond_d           ? ? 
'X-RAY DIFFRACTION' ? 0.999 ? 1080 ? f_angle_d          ? ? 
'X-RAY DIFFRACTION' ? 0.052 ? 120  ? f_chiral_restr     ? ? 
'X-RAY DIFFRACTION' ? 0.005 ? 139  ? f_plane_restr      ? ? 
'X-RAY DIFFRACTION' ? 7.560 ? 683  ? f_dihedral_angle_d ? ? 
# 
loop_
_refine_ls_shell.pdbx_refine_id 
_refine_ls_shell.d_res_high 
_refine_ls_shell.d_res_low 
_refine_ls_shell.number_reflns_all 
_refine_ls_shell.number_reflns_obs 
_refine_ls_shell.number_reflns_R_free 
_refine_ls_shell.number_reflns_R_work 
_refine_ls_shell.percent_reflns_obs 
_refine_ls_shell.percent_reflns_R_free 
_refine_ls_shell.R_factor_all 
_refine_ls_shell.R_factor_obs 
_refine_ls_shell.R_factor_R_free 
_refine_ls_shell.R_factor_R_free_error 
_refine_ls_shell.R_factor_R_work 
_refine_ls_shell.redundancy_reflns_all 
_refine_ls_shell.redundancy_reflns_obs 
_refine_ls_shell.wR_factor_all 
_refine_ls_shell.wR_factor_obs 
_refine_ls_shell.wR_factor_R_free 
_refine_ls_shell.wR_factor_R_work 
_refine_ls_shell.pdbx_total_number_of_bins_used 
_refine_ls_shell.pdbx_phase_error 
_refine_ls_shell.pdbx_fsc_work 
_refine_ls_shell.pdbx_fsc_free 
'X-RAY DIFFRACTION' 2.2805 2.4007  1392 . 138 1254 100.0000 . . . 0.2470 0.0000 0.2150 . . . . . . 7 . . . 
'X-RAY DIFFRACTION' 2.4007 2.5512  1407 . 142 1265 100.0000 . . . 0.2101 0.0000 0.2071 . . . . . . 7 . . . 
'X-RAY DIFFRACTION' 2.5512 2.7481  1400 . 142 1258 100.0000 . . . 0.2396 0.0000 0.2155 . . . . . . 7 . . . 
'X-RAY DIFFRACTION' 2.7481 3.0246  1424 . 142 1282 100.0000 . . . 0.2590 0.0000 0.2100 . . . . . . 7 . . . 
'X-RAY DIFFRACTION' 3.0246 3.4622  1420 . 142 1278 100.0000 . . . 0.2423 0.0000 0.2170 . . . . . . 7 . . . 
'X-RAY DIFFRACTION' 3.4622 4.3614  1441 . 136 1305 100.0000 . . . 0.2274 0.0000 0.2095 . . . . . . 7 . . . 
'X-RAY DIFFRACTION' 4.3614 46.4700 1511 . 150 1361 100.0000 . . . 0.2962 0.0000 0.2555 . . . . . . 7 . . . 
# 
_struct.entry_id                     5O7B 
_struct.title                        'CRYSTAL STRUCTURE OF THE SLR0328 TYROSINE PHOSPHATASE WZB FROM SYNECHOCYSTIS SP. PCC 6803' 
_struct.pdbx_model_details           ? 
_struct.pdbx_formula_weight          ? 
_struct.pdbx_formula_weight_method   ? 
_struct.pdbx_model_type_details      ? 
_struct.pdbx_CASP_flag               N 
# 
_struct_keywords.entry_id        5O7B 
_struct_keywords.text            'phosphatase, HYDROLASE' 
_struct_keywords.pdbx_keywords   HYDROLASE 
# 
loop_
_struct_asym.id 
_struct_asym.pdbx_blank_PDB_chainid_flag 
_struct_asym.pdbx_modified 
_struct_asym.entity_id 
_struct_asym.details 
A N N 1 ? 
B N N 2 ? 
# 
_struct_ref.id                         1 
_struct_ref.db_name                    UNP 
_struct_ref.db_code                    Y328_SYNY3 
_struct_ref.pdbx_db_accession          Q55535 
_struct_ref.pdbx_db_isoform            ? 
_struct_ref.entity_id                  1 
_struct_ref.pdbx_seq_one_letter_code   
;KLLFVCLGNICRSPAAENIMNAQIDQAGLGAKIVCDSAGTSSYHVGDSPDRRMTESLKKRGYRVQGRARQFFPEDFAEFD
LILAMDGDNYRNILAQDPAGQYHHKVKMICDYTEKFGDREVPDPYYGGQAGFEHVIDLLEDACGNLLTSLGKELVN
;
_struct_ref.pdbx_align_begin           2 
# 
_struct_ref_seq.align_id                      1 
_struct_ref_seq.ref_id                        1 
_struct_ref_seq.pdbx_PDB_id_code              5O7B 
_struct_ref_seq.pdbx_strand_id                A 
_struct_ref_seq.seq_align_beg                 15 
_struct_ref_seq.pdbx_seq_align_beg_ins_code   ? 
_struct_ref_seq.seq_align_end                 170 
_struct_ref_seq.pdbx_seq_align_end_ins_code   ? 
_struct_ref_seq.pdbx_db_accession             Q55535 
_struct_ref_seq.db_align_beg                  2 
_struct_ref_seq.pdbx_db_align_beg_ins_code    ? 
_struct_ref_seq.db_align_end                  157 
_struct_ref_seq.pdbx_db_align_end_ins_code    ? 
_struct_ref_seq.pdbx_auth_seq_align_beg       2 
_struct_ref_seq.pdbx_auth_seq_align_end       157 
# 
loop_
_struct_ref_seq_dif.align_id 
_struct_ref_seq_dif.pdbx_pdb_id_code 
_struct_ref_seq_dif.mon_id 
_struct_ref_seq_dif.pdbx_pdb_strand_id 
_struct_ref_seq_dif.seq_num 
_struct_ref_seq_dif.pdbx_pdb_ins_code 
_struct_ref_seq_dif.pdbx_seq_db_name 
_struct_ref_seq_dif.pdbx_seq_db_accession_code 
_struct_ref_seq_dif.db_mon_id 
_struct_ref_seq_dif.pdbx_seq_db_seq_num 
_struct_ref_seq_dif.details 
_struct_ref_seq_dif.pdbx_auth_seq_num 
_struct_ref_seq_dif.pdbx_ordinal 
1 5O7B MET A 1  ? UNP Q55535 ? ? 'initiating methionine' -12 1  
1 5O7B ARG A 2  ? UNP Q55535 ? ? 'expression tag'        -11 2  
1 5O7B GLY A 3  ? UNP Q55535 ? ? 'expression tag'        -10 3  
1 5O7B SER A 4  ? UNP Q55535 ? ? 'expression tag'        -9  4  
1 5O7B HIS A 5  ? UNP Q55535 ? ? 'expression tag'        -8  5  
1 5O7B HIS A 6  ? UNP Q55535 ? ? 'expression tag'        -7  6  
1 5O7B HIS A 7  ? UNP Q55535 ? ? 'expression tag'        -6  7  
1 5O7B HIS A 8  ? UNP Q55535 ? ? 'expression tag'        -5  8  
1 5O7B HIS A 9  ? UNP Q55535 ? ? 'expression tag'        -4  9  
1 5O7B HIS A 10 ? UNP Q55535 ? ? 'expression tag'        -3  10 
1 5O7B GLY A 11 ? UNP Q55535 ? ? 'expression tag'        -2  11 
1 5O7B SER A 12 ? UNP Q55535 ? ? 'expression tag'        -1  12 
1 5O7B ALA A 13 ? UNP Q55535 ? ? 'expression tag'        0   13 
1 5O7B CYS A 14 ? UNP Q55535 ? ? 'expression tag'        1   14 
# 
_pdbx_struct_assembly.id                   1 
_pdbx_struct_assembly.details              software_defined_assembly 
_pdbx_struct_assembly.method_details       PISA 
_pdbx_struct_assembly.oligomeric_details   monomeric 
_pdbx_struct_assembly.oligomeric_count     1 
# 
loop_
_pdbx_struct_assembly_prop.biol_id 
_pdbx_struct_assembly_prop.type 
_pdbx_struct_assembly_prop.value 
_pdbx_struct_assembly_prop.details 
1 'ABSA (A^2)' 0    ? 
1 MORE         0    ? 
1 'SSA (A^2)'  7110 ? 
# 
_pdbx_struct_assembly_gen.assembly_id       1 
_pdbx_struct_assembly_gen.oper_expression   1 
_pdbx_struct_assembly_gen.asym_id_list      A,B 
# 
_pdbx_struct_assembly_auth_evidence.id                     1 
_pdbx_struct_assembly_auth_evidence.assembly_id            1 
_pdbx_struct_assembly_auth_evidence.experimental_support   none 
_pdbx_struct_assembly_auth_evidence.details                ? 
# 
_pdbx_struct_oper_list.id                   1 
_pdbx_struct_oper_list.type                 'identity operation' 
_pdbx_struct_oper_list.name                 1_555 
_pdbx_struct_oper_list.symmetry_operation   x,y,z 
_pdbx_struct_oper_list.matrix[1][1]         1.0000000000 
_pdbx_struct_oper_list.matrix[1][2]         0.0000000000 
_pdbx_struct_oper_list.matrix[1][3]         0.0000000000 
_pdbx_struct_oper_list.vector[1]            0.0000000000 
_pdbx_struct_oper_list.matrix[2][1]         0.0000000000 
_pdbx_struct_oper_list.matrix[2][2]         1.0000000000 
_pdbx_struct_oper_list.matrix[2][3]         0.0000000000 
_pdbx_struct_oper_list.vector[2]            0.0000000000 
_pdbx_struct_oper_list.matrix[3][1]         0.0000000000 
_pdbx_struct_oper_list.matrix[3][2]         0.0000000000 
_pdbx_struct_oper_list.matrix[3][3]         1.0000000000 
_pdbx_struct_oper_list.vector[3]            0.0000000000 
# 
loop_
_struct_conf.conf_type_id 
_struct_conf.id 
_struct_conf.pdbx_PDB_helix_id 
_struct_conf.beg_label_comp_id 
_struct_conf.beg_label_asym_id 
_struct_conf.beg_label_seq_id 
_struct_conf.pdbx_beg_PDB_ins_code 
_struct_conf.end_label_comp_id 
_struct_conf.end_label_asym_id 
_struct_conf.end_label_seq_id 
_struct_conf.pdbx_end_PDB_ins_code 
_struct_conf.beg_auth_comp_id 
_struct_conf.beg_auth_asym_id 
_struct_conf.beg_auth_seq_id 
_struct_conf.end_auth_comp_id 
_struct_conf.end_auth_asym_id 
_struct_conf.end_auth_seq_id 
_struct_conf.pdbx_PDB_helix_class 
_struct_conf.details 
_struct_conf.pdbx_PDB_helix_length 
HELX_P HELX_P1 AA1 CYS A 25  ? ILE A 38  ? CYS A 12  ILE A 25  1 ? 14 
HELX_P HELX_P2 AA2 ASP A 64  ? GLU A 69  ? ASP A 51  GLU A 56  1 ? 6  
HELX_P HELX_P3 AA3 ASP A 100 ? ARG A 105 ? ASP A 87  ARG A 92  1 ? 6  
HELX_P HELX_P4 AA4 GLY A 142 ? CYS A 157 ? GLY A 129 CYS A 144 1 ? 16 
# 
_struct_conf_type.id          HELX_P 
_struct_conf_type.criteria    ? 
_struct_conf_type.reference   ? 
# 
_struct_mon_prot_cis.pdbx_id                1 
_struct_mon_prot_cis.label_comp_id          LEU 
_struct_mon_prot_cis.label_seq_id           71 
_struct_mon_prot_cis.label_asym_id          A 
_struct_mon_prot_cis.label_alt_id           . 
_struct_mon_prot_cis.pdbx_PDB_ins_code      ? 
_struct_mon_prot_cis.auth_comp_id           LEU 
_struct_mon_prot_cis.auth_seq_id            58 
_struct_mon_prot_cis.auth_asym_id           A 
_struct_mon_prot_cis.pdbx_label_comp_id_2   LYS 
_struct_mon_prot_cis.pdbx_label_seq_id_2    72 
_struct_mon_prot_cis.pdbx_label_asym_id_2   A 
_struct_mon_prot_cis.pdbx_PDB_ins_code_2    ? 
_struct_mon_prot_cis.pdbx_auth_comp_id_2    LYS 
_struct_mon_prot_cis.pdbx_auth_seq_id_2     59 
_struct_mon_prot_cis.pdbx_auth_asym_id_2    A 
_struct_mon_prot_cis.pdbx_PDB_model_num     1 
_struct_mon_prot_cis.pdbx_omega_angle       -27.42 
# 
_struct_sheet.id               AA1 
_struct_sheet.type             ? 
_struct_sheet.number_strands   2 
_struct_sheet.details          ? 
# 
_struct_sheet_order.sheet_id     AA1 
_struct_sheet_order.range_id_1   1 
_struct_sheet_order.range_id_2   2 
_struct_sheet_order.offset       ? 
_struct_sheet_order.sense        parallel 
# 
loop_
_struct_sheet_range.sheet_id 
_struct_sheet_range.id 
_struct_sheet_range.beg_label_comp_id 
_struct_sheet_range.beg_label_asym_id 
_struct_sheet_range.beg_label_seq_id 
_struct_sheet_range.pdbx_beg_PDB_ins_code 
_struct_sheet_range.end_label_comp_id 
_struct_sheet_range.end_label_asym_id 
_struct_sheet_range.end_label_seq_id 
_struct_sheet_range.pdbx_end_PDB_ins_code 
_struct_sheet_range.beg_auth_comp_id 
_struct_sheet_range.beg_auth_asym_id 
_struct_sheet_range.beg_auth_seq_id 
_struct_sheet_range.end_auth_comp_id 
_struct_sheet_range.end_auth_asym_id 
_struct_sheet_range.end_auth_seq_id 
AA1 1 LEU A 17 ? CYS A 20 ? LEU A 4  CYS A 7  
AA1 2 ASP A 50 ? GLY A 53 ? ASP A 37 GLY A 40 
# 
_pdbx_struct_sheet_hbond.sheet_id                AA1 
_pdbx_struct_sheet_hbond.range_id_1              1 
_pdbx_struct_sheet_hbond.range_id_2              2 
_pdbx_struct_sheet_hbond.range_1_label_atom_id   N 
_pdbx_struct_sheet_hbond.range_1_label_comp_id   PHE 
_pdbx_struct_sheet_hbond.range_1_label_asym_id   A 
_pdbx_struct_sheet_hbond.range_1_label_seq_id    18 
_pdbx_struct_sheet_hbond.range_1_PDB_ins_code    ? 
_pdbx_struct_sheet_hbond.range_1_auth_atom_id    N 
_pdbx_struct_sheet_hbond.range_1_auth_comp_id    PHE 
_pdbx_struct_sheet_hbond.range_1_auth_asym_id    A 
_pdbx_struct_sheet_hbond.range_1_auth_seq_id     5 
_pdbx_struct_sheet_hbond.range_2_label_atom_id   O 
_pdbx_struct_sheet_hbond.range_2_label_comp_id   ASP 
_pdbx_struct_sheet_hbond.range_2_label_asym_id   A 
_pdbx_struct_sheet_hbond.range_2_label_seq_id    50 
_pdbx_struct_sheet_hbond.range_2_PDB_ins_code    ? 
_pdbx_struct_sheet_hbond.range_2_auth_atom_id    O 
_pdbx_struct_sheet_hbond.range_2_auth_comp_id    ASP 
_pdbx_struct_sheet_hbond.range_2_auth_asym_id    A 
_pdbx_struct_sheet_hbond.range_2_auth_seq_id     37 
# 
_pdbx_validate_symm_contact.id                1 
_pdbx_validate_symm_contact.PDB_model_num     1 
_pdbx_validate_symm_contact.auth_atom_id_1    N 
_pdbx_validate_symm_contact.auth_asym_id_1    A 
_pdbx_validate_symm_contact.auth_comp_id_1    LYS 
_pdbx_validate_symm_contact.auth_seq_id_1     106 
_pdbx_validate_symm_contact.PDB_ins_code_1    ? 
_pdbx_validate_symm_contact.label_alt_id_1    ? 
_pdbx_validate_symm_contact.site_symmetry_1   1_555 
_pdbx_validate_symm_contact.auth_atom_id_2    OD2 
_pdbx_validate_symm_contact.auth_asym_id_2    A 
_pdbx_validate_symm_contact.auth_comp_id_2    ASP 
_pdbx_validate_symm_contact.auth_seq_id_2     112 
_pdbx_validate_symm_contact.PDB_ins_code_2    ? 
_pdbx_validate_symm_contact.label_alt_id_2    ? 
_pdbx_validate_symm_contact.site_symmetry_2   6_555 
_pdbx_validate_symm_contact.dist              1.69 
# 
loop_
_pdbx_validate_torsion.id 
_pdbx_validate_torsion.PDB_model_num 
_pdbx_validate_torsion.auth_comp_id 
_pdbx_validate_torsion.auth_asym_id 
_pdbx_validate_torsion.auth_seq_id 
_pdbx_validate_torsion.PDB_ins_code 
_pdbx_validate_torsion.label_alt_id 
_pdbx_validate_torsion.phi 
_pdbx_validate_torsion.psi 
1 1 CYS A 7  ? ? -125.23 -160.70 
2 1 CYS A 12 ? ? -113.31 -72.86  
3 1 SER A 57 ? ? 174.55  -176.71 
# 
loop_
_pdbx_unobs_or_zero_occ_residues.id 
_pdbx_unobs_or_zero_occ_residues.PDB_model_num 
_pdbx_unobs_or_zero_occ_residues.polymer_flag 
_pdbx_unobs_or_zero_occ_residues.occupancy_flag 
_pdbx_unobs_or_zero_occ_residues.auth_asym_id 
_pdbx_unobs_or_zero_occ_residues.auth_comp_id 
_pdbx_unobs_or_zero_occ_residues.auth_seq_id 
_pdbx_unobs_or_zero_occ_residues.PDB_ins_code 
_pdbx_unobs_or_zero_occ_residues.label_asym_id 
_pdbx_unobs_or_zero_occ_residues.label_comp_id 
_pdbx_unobs_or_zero_occ_residues.label_seq_id 
1  1 Y 1 A MET -12 ? A MET 1   
2  1 Y 1 A ARG -11 ? A ARG 2   
3  1 Y 1 A GLY -10 ? A GLY 3   
4  1 Y 1 A SER -9  ? A SER 4   
5  1 Y 1 A HIS -8  ? A HIS 5   
6  1 Y 1 A HIS -7  ? A HIS 6   
7  1 Y 1 A HIS -6  ? A HIS 7   
8  1 Y 1 A HIS -5  ? A HIS 8   
9  1 Y 1 A HIS -4  ? A HIS 9   
10 1 Y 1 A HIS -3  ? A HIS 10  
11 1 Y 1 A GLY -2  ? A GLY 11  
12 1 Y 1 A SER -1  ? A SER 12  
13 1 Y 1 A ALA 0   ? A ALA 13  
14 1 Y 1 A CYS 1   ? A CYS 14  
15 1 Y 1 A ASP 26  ? A ASP 39  
16 1 Y 1 A GLN 27  ? A GLN 40  
17 1 Y 1 A ALA 28  ? A ALA 41  
18 1 Y 1 A GLY 29  ? A GLY 42  
19 1 Y 1 A ALA 32  ? A ALA 45  
20 1 Y 1 A LYS 33  ? A LYS 46  
21 1 Y 1 A ILE 34  ? A ILE 47  
22 1 Y 1 A VAL 35  ? A VAL 48  
23 1 Y 0 A TYR 44  ? A TYR 57  
24 1 Y 0 A HIS 45  ? A HIS 58  
25 1 Y 1 A LYS 60  ? A LYS 73  
26 1 Y 1 A ARG 61  ? A ARG 74  
27 1 Y 1 A GLY 62  ? A GLY 75  
28 1 Y 1 A TYR 63  ? A TYR 76  
29 1 Y 1 A GLN 66  ? A GLN 79  
30 1 Y 1 A GLY 67  ? A GLY 80  
31 1 Y 1 A PHE 72  ? A PHE 85  
32 1 Y 1 A PHE 73  ? A PHE 86  
33 1 Y 1 A PRO 74  ? A PRO 87  
34 1 Y 1 A GLU 75  ? A GLU 88  
35 1 Y 1 A ALA 78  ? A ALA 91  
36 1 Y 1 A GLU 79  ? A GLU 92  
37 1 Y 1 A LEU 82  ? A LEU 95  
38 1 Y 1 A ILE 83  ? A ILE 96  
39 1 Y 1 A ILE 94  ? A ILE 107 
40 1 Y 1 A LEU 95  ? A LEU 108 
41 1 Y 1 A ALA 96  ? A ALA 109 
42 1 Y 1 A GLN 97  ? A GLN 110 
43 1 Y 1 A ASP 98  ? A ASP 111 
44 1 Y 1 A PRO 99  ? A PRO 112 
45 1 Y 1 A ALA 100 ? A ALA 113 
46 1 Y 1 A GLY 101 ? A GLY 114 
47 1 Y 1 A GLN 102 ? A GLN 115 
48 1 Y 1 A TYR 103 ? A TYR 116 
49 1 Y 1 A HIS 104 ? A HIS 117 
50 1 Y 1 A HIS 105 ? A HIS 118 
51 1 Y 1 A MET 109 ? A MET 122 
52 1 Y 1 A ILE 110 ? A ILE 123 
53 1 Y 1 A ASP 119 ? A ASP 132 
54 1 Y 1 A ARG 120 ? A ARG 133 
55 1 Y 1 A PRO 125 ? A PRO 138 
56 1 Y 1 A TYR 126 ? A TYR 139 
57 1 Y 1 A GLY 145 ? A GLY 158 
58 1 Y 1 A ASN 146 ? A ASN 159 
59 1 Y 1 A LEU 147 ? A LEU 160 
60 1 Y 1 A SER 150 ? A SER 163 
61 1 Y 1 A LEU 151 ? A LEU 164 
62 1 Y 1 A GLY 152 ? A GLY 165 
63 1 Y 1 A LYS 153 ? A LYS 166 
64 1 Y 1 A GLU 154 ? A GLU 167 
65 1 Y 1 A LEU 155 ? A LEU 168 
66 1 Y 1 A VAL 156 ? A VAL 169 
67 1 Y 1 A ASN 157 ? A ASN 170 
# 
loop_
_chem_comp_atom.comp_id 
_chem_comp_atom.atom_id 
_chem_comp_atom.type_symbol 
_chem_comp_atom.pdbx_aromatic_flag 
_chem_comp_atom.pdbx_stereo_config 
_chem_comp_atom.pdbx_ordinal 
ALA N    N N N 1   
ALA CA   C N S 2   
ALA C    C N N 3   
ALA O    O N N 4   
ALA CB   C N N 5   
ALA OXT  O N N 6   
ALA H    H N N 7   
ALA H2   H N N 8   
ALA HA   H N N 9   
ALA HB1  H N N 10  
ALA HB2  H N N 11  
ALA HB3  H N N 12  
ALA HXT  H N N 13  
ARG N    N N N 14  
ARG CA   C N S 15  
ARG C    C N N 16  
ARG O    O N N 17  
ARG CB   C N N 18  
ARG CG   C N N 19  
ARG CD   C N N 20  
ARG NE   N N N 21  
ARG CZ   C N N 22  
ARG NH1  N N N 23  
ARG NH2  N N N 24  
ARG OXT  O N N 25  
ARG H    H N N 26  
ARG H2   H N N 27  
ARG HA   H N N 28  
ARG HB2  H N N 29  
ARG HB3  H N N 30  
ARG HG2  H N N 31  
ARG HG3  H N N 32  
ARG HD2  H N N 33  
ARG HD3  H N N 34  
ARG HE   H N N 35  
ARG HH11 H N N 36  
ARG HH12 H N N 37  
ARG HH21 H N N 38  
ARG HH22 H N N 39  
ARG HXT  H N N 40  
ASN N    N N N 41  
ASN CA   C N S 42  
ASN C    C N N 43  
ASN O    O N N 44  
ASN CB   C N N 45  
ASN CG   C N N 46  
ASN OD1  O N N 47  
ASN ND2  N N N 48  
ASN OXT  O N N 49  
ASN H    H N N 50  
ASN H2   H N N 51  
ASN HA   H N N 52  
ASN HB2  H N N 53  
ASN HB3  H N N 54  
ASN HD21 H N N 55  
ASN HD22 H N N 56  
ASN HXT  H N N 57  
ASP N    N N N 58  
ASP CA   C N S 59  
ASP C    C N N 60  
ASP O    O N N 61  
ASP CB   C N N 62  
ASP CG   C N N 63  
ASP OD1  O N N 64  
ASP OD2  O N N 65  
ASP OXT  O N N 66  
ASP H    H N N 67  
ASP H2   H N N 68  
ASP HA   H N N 69  
ASP HB2  H N N 70  
ASP HB3  H N N 71  
ASP HD2  H N N 72  
ASP HXT  H N N 73  
CYS N    N N N 74  
CYS CA   C N R 75  
CYS C    C N N 76  
CYS O    O N N 77  
CYS CB   C N N 78  
CYS SG   S N N 79  
CYS OXT  O N N 80  
CYS H    H N N 81  
CYS H2   H N N 82  
CYS HA   H N N 83  
CYS HB2  H N N 84  
CYS HB3  H N N 85  
CYS HG   H N N 86  
CYS HXT  H N N 87  
GLN N    N N N 88  
GLN CA   C N S 89  
GLN C    C N N 90  
GLN O    O N N 91  
GLN CB   C N N 92  
GLN CG   C N N 93  
GLN CD   C N N 94  
GLN OE1  O N N 95  
GLN NE2  N N N 96  
GLN OXT  O N N 97  
GLN H    H N N 98  
GLN H2   H N N 99  
GLN HA   H N N 100 
GLN HB2  H N N 101 
GLN HB3  H N N 102 
GLN HG2  H N N 103 
GLN HG3  H N N 104 
GLN HE21 H N N 105 
GLN HE22 H N N 106 
GLN HXT  H N N 107 
GLU N    N N N 108 
GLU CA   C N S 109 
GLU C    C N N 110 
GLU O    O N N 111 
GLU CB   C N N 112 
GLU CG   C N N 113 
GLU CD   C N N 114 
GLU OE1  O N N 115 
GLU OE2  O N N 116 
GLU OXT  O N N 117 
GLU H    H N N 118 
GLU H2   H N N 119 
GLU HA   H N N 120 
GLU HB2  H N N 121 
GLU HB3  H N N 122 
GLU HG2  H N N 123 
GLU HG3  H N N 124 
GLU HE2  H N N 125 
GLU HXT  H N N 126 
GLY N    N N N 127 
GLY CA   C N N 128 
GLY C    C N N 129 
GLY O    O N N 130 
GLY OXT  O N N 131 
GLY H    H N N 132 
GLY H2   H N N 133 
GLY HA2  H N N 134 
GLY HA3  H N N 135 
GLY HXT  H N N 136 
HIS N    N N N 137 
HIS CA   C N S 138 
HIS C    C N N 139 
HIS O    O N N 140 
HIS CB   C N N 141 
HIS CG   C Y N 142 
HIS ND1  N Y N 143 
HIS CD2  C Y N 144 
HIS CE1  C Y N 145 
HIS NE2  N Y N 146 
HIS OXT  O N N 147 
HIS H    H N N 148 
HIS H2   H N N 149 
HIS HA   H N N 150 
HIS HB2  H N N 151 
HIS HB3  H N N 152 
HIS HD1  H N N 153 
HIS HD2  H N N 154 
HIS HE1  H N N 155 
HIS HE2  H N N 156 
HIS HXT  H N N 157 
HOH O    O N N 158 
HOH H1   H N N 159 
HOH H2   H N N 160 
ILE N    N N N 161 
ILE CA   C N S 162 
ILE C    C N N 163 
ILE O    O N N 164 
ILE CB   C N S 165 
ILE CG1  C N N 166 
ILE CG2  C N N 167 
ILE CD1  C N N 168 
ILE OXT  O N N 169 
ILE H    H N N 170 
ILE H2   H N N 171 
ILE HA   H N N 172 
ILE HB   H N N 173 
ILE HG12 H N N 174 
ILE HG13 H N N 175 
ILE HG21 H N N 176 
ILE HG22 H N N 177 
ILE HG23 H N N 178 
ILE HD11 H N N 179 
ILE HD12 H N N 180 
ILE HD13 H N N 181 
ILE HXT  H N N 182 
LEU N    N N N 183 
LEU CA   C N S 184 
LEU C    C N N 185 
LEU O    O N N 186 
LEU CB   C N N 187 
LEU CG   C N N 188 
LEU CD1  C N N 189 
LEU CD2  C N N 190 
LEU OXT  O N N 191 
LEU H    H N N 192 
LEU H2   H N N 193 
LEU HA   H N N 194 
LEU HB2  H N N 195 
LEU HB3  H N N 196 
LEU HG   H N N 197 
LEU HD11 H N N 198 
LEU HD12 H N N 199 
LEU HD13 H N N 200 
LEU HD21 H N N 201 
LEU HD22 H N N 202 
LEU HD23 H N N 203 
LEU HXT  H N N 204 
LYS N    N N N 205 
LYS CA   C N S 206 
LYS C    C N N 207 
LYS O    O N N 208 
LYS CB   C N N 209 
LYS CG   C N N 210 
LYS CD   C N N 211 
LYS CE   C N N 212 
LYS NZ   N N N 213 
LYS OXT  O N N 214 
LYS H    H N N 215 
LYS H2   H N N 216 
LYS HA   H N N 217 
LYS HB2  H N N 218 
LYS HB3  H N N 219 
LYS HG2  H N N 220 
LYS HG3  H N N 221 
LYS HD2  H N N 222 
LYS HD3  H N N 223 
LYS HE2  H N N 224 
LYS HE3  H N N 225 
LYS HZ1  H N N 226 
LYS HZ2  H N N 227 
LYS HZ3  H N N 228 
LYS HXT  H N N 229 
MET N    N N N 230 
MET CA   C N S 231 
MET C    C N N 232 
MET O    O N N 233 
MET CB   C N N 234 
MET CG   C N N 235 
MET SD   S N N 236 
MET CE   C N N 237 
MET OXT  O N N 238 
MET H    H N N 239 
MET H2   H N N 240 
MET HA   H N N 241 
MET HB2  H N N 242 
MET HB3  H N N 243 
MET HG2  H N N 244 
MET HG3  H N N 245 
MET HE1  H N N 246 
MET HE2  H N N 247 
MET HE3  H N N 248 
MET HXT  H N N 249 
PHE N    N N N 250 
PHE CA   C N S 251 
PHE C    C N N 252 
PHE O    O N N 253 
PHE CB   C N N 254 
PHE CG   C Y N 255 
PHE CD1  C Y N 256 
PHE CD2  C Y N 257 
PHE CE1  C Y N 258 
PHE CE2  C Y N 259 
PHE CZ   C Y N 260 
PHE OXT  O N N 261 
PHE H    H N N 262 
PHE H2   H N N 263 
PHE HA   H N N 264 
PHE HB2  H N N 265 
PHE HB3  H N N 266 
PHE HD1  H N N 267 
PHE HD2  H N N 268 
PHE HE1  H N N 269 
PHE HE2  H N N 270 
PHE HZ   H N N 271 
PHE HXT  H N N 272 
PRO N    N N N 273 
PRO CA   C N S 274 
PRO C    C N N 275 
PRO O    O N N 276 
PRO CB   C N N 277 
PRO CG   C N N 278 
PRO CD   C N N 279 
PRO OXT  O N N 280 
PRO H    H N N 281 
PRO HA   H N N 282 
PRO HB2  H N N 283 
PRO HB3  H N N 284 
PRO HG2  H N N 285 
PRO HG3  H N N 286 
PRO HD2  H N N 287 
PRO HD3  H N N 288 
PRO HXT  H N N 289 
SER N    N N N 290 
SER CA   C N S 291 
SER C    C N N 292 
SER O    O N N 293 
SER CB   C N N 294 
SER OG   O N N 295 
SER OXT  O N N 296 
SER H    H N N 297 
SER H2   H N N 298 
SER HA   H N N 299 
SER HB2  H N N 300 
SER HB3  H N N 301 
SER HG   H N N 302 
SER HXT  H N N 303 
THR N    N N N 304 
THR CA   C N S 305 
THR C    C N N 306 
THR O    O N N 307 
THR CB   C N R 308 
THR OG1  O N N 309 
THR CG2  C N N 310 
THR OXT  O N N 311 
THR H    H N N 312 
THR H2   H N N 313 
THR HA   H N N 314 
THR HB   H N N 315 
THR HG1  H N N 316 
THR HG21 H N N 317 
THR HG22 H N N 318 
THR HG23 H N N 319 
THR HXT  H N N 320 
TYR N    N N N 321 
TYR CA   C N S 322 
TYR C    C N N 323 
TYR O    O N N 324 
TYR CB   C N N 325 
TYR CG   C Y N 326 
TYR CD1  C Y N 327 
TYR CD2  C Y N 328 
TYR CE1  C Y N 329 
TYR CE2  C Y N 330 
TYR CZ   C Y N 331 
TYR OH   O N N 332 
TYR OXT  O N N 333 
TYR H    H N N 334 
TYR H2   H N N 335 
TYR HA   H N N 336 
TYR HB2  H N N 337 
TYR HB3  H N N 338 
TYR HD1  H N N 339 
TYR HD2  H N N 340 
TYR HE1  H N N 341 
TYR HE2  H N N 342 
TYR HH   H N N 343 
TYR HXT  H N N 344 
VAL N    N N N 345 
VAL CA   C N S 346 
VAL C    C N N 347 
VAL O    O N N 348 
VAL CB   C N N 349 
VAL CG1  C N N 350 
VAL CG2  C N N 351 
VAL OXT  O N N 352 
VAL H    H N N 353 
VAL H2   H N N 354 
VAL HA   H N N 355 
VAL HB   H N N 356 
VAL HG11 H N N 357 
VAL HG12 H N N 358 
VAL HG13 H N N 359 
VAL HG21 H N N 360 
VAL HG22 H N N 361 
VAL HG23 H N N 362 
VAL HXT  H N N 363 
# 
loop_
_chem_comp_bond.comp_id 
_chem_comp_bond.atom_id_1 
_chem_comp_bond.atom_id_2 
_chem_comp_bond.value_order 
_chem_comp_bond.pdbx_aromatic_flag 
_chem_comp_bond.pdbx_stereo_config 
_chem_comp_bond.pdbx_ordinal 
ALA N   CA   sing N N 1   
ALA N   H    sing N N 2   
ALA N   H2   sing N N 3   
ALA CA  C    sing N N 4   
ALA CA  CB   sing N N 5   
ALA CA  HA   sing N N 6   
ALA C   O    doub N N 7   
ALA C   OXT  sing N N 8   
ALA CB  HB1  sing N N 9   
ALA CB  HB2  sing N N 10  
ALA CB  HB3  sing N N 11  
ALA OXT HXT  sing N N 12  
ARG N   CA   sing N N 13  
ARG N   H    sing N N 14  
ARG N   H2   sing N N 15  
ARG CA  C    sing N N 16  
ARG CA  CB   sing N N 17  
ARG CA  HA   sing N N 18  
ARG C   O    doub N N 19  
ARG C   OXT  sing N N 20  
ARG CB  CG   sing N N 21  
ARG CB  HB2  sing N N 22  
ARG CB  HB3  sing N N 23  
ARG CG  CD   sing N N 24  
ARG CG  HG2  sing N N 25  
ARG CG  HG3  sing N N 26  
ARG CD  NE   sing N N 27  
ARG CD  HD2  sing N N 28  
ARG CD  HD3  sing N N 29  
ARG NE  CZ   sing N N 30  
ARG NE  HE   sing N N 31  
ARG CZ  NH1  sing N N 32  
ARG CZ  NH2  doub N N 33  
ARG NH1 HH11 sing N N 34  
ARG NH1 HH12 sing N N 35  
ARG NH2 HH21 sing N N 36  
ARG NH2 HH22 sing N N 37  
ARG OXT HXT  sing N N 38  
ASN N   CA   sing N N 39  
ASN N   H    sing N N 40  
ASN N   H2   sing N N 41  
ASN CA  C    sing N N 42  
ASN CA  CB   sing N N 43  
ASN CA  HA   sing N N 44  
ASN C   O    doub N N 45  
ASN C   OXT  sing N N 46  
ASN CB  CG   sing N N 47  
ASN CB  HB2  sing N N 48  
ASN CB  HB3  sing N N 49  
ASN CG  OD1  doub N N 50  
ASN CG  ND2  sing N N 51  
ASN ND2 HD21 sing N N 52  
ASN ND2 HD22 sing N N 53  
ASN OXT HXT  sing N N 54  
ASP N   CA   sing N N 55  
ASP N   H    sing N N 56  
ASP N   H2   sing N N 57  
ASP CA  C    sing N N 58  
ASP CA  CB   sing N N 59  
ASP CA  HA   sing N N 60  
ASP C   O    doub N N 61  
ASP C   OXT  sing N N 62  
ASP CB  CG   sing N N 63  
ASP CB  HB2  sing N N 64  
ASP CB  HB3  sing N N 65  
ASP CG  OD1  doub N N 66  
ASP CG  OD2  sing N N 67  
ASP OD2 HD2  sing N N 68  
ASP OXT HXT  sing N N 69  
CYS N   CA   sing N N 70  
CYS N   H    sing N N 71  
CYS N   H2   sing N N 72  
CYS CA  C    sing N N 73  
CYS CA  CB   sing N N 74  
CYS CA  HA   sing N N 75  
CYS C   O    doub N N 76  
CYS C   OXT  sing N N 77  
CYS CB  SG   sing N N 78  
CYS CB  HB2  sing N N 79  
CYS CB  HB3  sing N N 80  
CYS SG  HG   sing N N 81  
CYS OXT HXT  sing N N 82  
GLN N   CA   sing N N 83  
GLN N   H    sing N N 84  
GLN N   H2   sing N N 85  
GLN CA  C    sing N N 86  
GLN CA  CB   sing N N 87  
GLN CA  HA   sing N N 88  
GLN C   O    doub N N 89  
GLN C   OXT  sing N N 90  
GLN CB  CG   sing N N 91  
GLN CB  HB2  sing N N 92  
GLN CB  HB3  sing N N 93  
GLN CG  CD   sing N N 94  
GLN CG  HG2  sing N N 95  
GLN CG  HG3  sing N N 96  
GLN CD  OE1  doub N N 97  
GLN CD  NE2  sing N N 98  
GLN NE2 HE21 sing N N 99  
GLN NE2 HE22 sing N N 100 
GLN OXT HXT  sing N N 101 
GLU N   CA   sing N N 102 
GLU N   H    sing N N 103 
GLU N   H2   sing N N 104 
GLU CA  C    sing N N 105 
GLU CA  CB   sing N N 106 
GLU CA  HA   sing N N 107 
GLU C   O    doub N N 108 
GLU C   OXT  sing N N 109 
GLU CB  CG   sing N N 110 
GLU CB  HB2  sing N N 111 
GLU CB  HB3  sing N N 112 
GLU CG  CD   sing N N 113 
GLU CG  HG2  sing N N 114 
GLU CG  HG3  sing N N 115 
GLU CD  OE1  doub N N 116 
GLU CD  OE2  sing N N 117 
GLU OE2 HE2  sing N N 118 
GLU OXT HXT  sing N N 119 
GLY N   CA   sing N N 120 
GLY N   H    sing N N 121 
GLY N   H2   sing N N 122 
GLY CA  C    sing N N 123 
GLY CA  HA2  sing N N 124 
GLY CA  HA3  sing N N 125 
GLY C   O    doub N N 126 
GLY C   OXT  sing N N 127 
GLY OXT HXT  sing N N 128 
HIS N   CA   sing N N 129 
HIS N   H    sing N N 130 
HIS N   H2   sing N N 131 
HIS CA  C    sing N N 132 
HIS CA  CB   sing N N 133 
HIS CA  HA   sing N N 134 
HIS C   O    doub N N 135 
HIS C   OXT  sing N N 136 
HIS CB  CG   sing N N 137 
HIS CB  HB2  sing N N 138 
HIS CB  HB3  sing N N 139 
HIS CG  ND1  sing Y N 140 
HIS CG  CD2  doub Y N 141 
HIS ND1 CE1  doub Y N 142 
HIS ND1 HD1  sing N N 143 
HIS CD2 NE2  sing Y N 144 
HIS CD2 HD2  sing N N 145 
HIS CE1 NE2  sing Y N 146 
HIS CE1 HE1  sing N N 147 
HIS NE2 HE2  sing N N 148 
HIS OXT HXT  sing N N 149 
HOH O   H1   sing N N 150 
HOH O   H2   sing N N 151 
ILE N   CA   sing N N 152 
ILE N   H    sing N N 153 
ILE N   H2   sing N N 154 
ILE CA  C    sing N N 155 
ILE CA  CB   sing N N 156 
ILE CA  HA   sing N N 157 
ILE C   O    doub N N 158 
ILE C   OXT  sing N N 159 
ILE CB  CG1  sing N N 160 
ILE CB  CG2  sing N N 161 
ILE CB  HB   sing N N 162 
ILE CG1 CD1  sing N N 163 
ILE CG1 HG12 sing N N 164 
ILE CG1 HG13 sing N N 165 
ILE CG2 HG21 sing N N 166 
ILE CG2 HG22 sing N N 167 
ILE CG2 HG23 sing N N 168 
ILE CD1 HD11 sing N N 169 
ILE CD1 HD12 sing N N 170 
ILE CD1 HD13 sing N N 171 
ILE OXT HXT  sing N N 172 
LEU N   CA   sing N N 173 
LEU N   H    sing N N 174 
LEU N   H2   sing N N 175 
LEU CA  C    sing N N 176 
LEU CA  CB   sing N N 177 
LEU CA  HA   sing N N 178 
LEU C   O    doub N N 179 
LEU C   OXT  sing N N 180 
LEU CB  CG   sing N N 181 
LEU CB  HB2  sing N N 182 
LEU CB  HB3  sing N N 183 
LEU CG  CD1  sing N N 184 
LEU CG  CD2  sing N N 185 
LEU CG  HG   sing N N 186 
LEU CD1 HD11 sing N N 187 
LEU CD1 HD12 sing N N 188 
LEU CD1 HD13 sing N N 189 
LEU CD2 HD21 sing N N 190 
LEU CD2 HD22 sing N N 191 
LEU CD2 HD23 sing N N 192 
LEU OXT HXT  sing N N 193 
LYS N   CA   sing N N 194 
LYS N   H    sing N N 195 
LYS N   H2   sing N N 196 
LYS CA  C    sing N N 197 
LYS CA  CB   sing N N 198 
LYS CA  HA   sing N N 199 
LYS C   O    doub N N 200 
LYS C   OXT  sing N N 201 
LYS CB  CG   sing N N 202 
LYS CB  HB2  sing N N 203 
LYS CB  HB3  sing N N 204 
LYS CG  CD   sing N N 205 
LYS CG  HG2  sing N N 206 
LYS CG  HG3  sing N N 207 
LYS CD  CE   sing N N 208 
LYS CD  HD2  sing N N 209 
LYS CD  HD3  sing N N 210 
LYS CE  NZ   sing N N 211 
LYS CE  HE2  sing N N 212 
LYS CE  HE3  sing N N 213 
LYS NZ  HZ1  sing N N 214 
LYS NZ  HZ2  sing N N 215 
LYS NZ  HZ3  sing N N 216 
LYS OXT HXT  sing N N 217 
MET N   CA   sing N N 218 
MET N   H    sing N N 219 
MET N   H2   sing N N 220 
MET CA  C    sing N N 221 
MET CA  CB   sing N N 222 
MET CA  HA   sing N N 223 
MET C   O    doub N N 224 
MET C   OXT  sing N N 225 
MET CB  CG   sing N N 226 
MET CB  HB2  sing N N 227 
MET CB  HB3  sing N N 228 
MET CG  SD   sing N N 229 
MET CG  HG2  sing N N 230 
MET CG  HG3  sing N N 231 
MET SD  CE   sing N N 232 
MET CE  HE1  sing N N 233 
MET CE  HE2  sing N N 234 
MET CE  HE3  sing N N 235 
MET OXT HXT  sing N N 236 
PHE N   CA   sing N N 237 
PHE N   H    sing N N 238 
PHE N   H2   sing N N 239 
PHE CA  C    sing N N 240 
PHE CA  CB   sing N N 241 
PHE CA  HA   sing N N 242 
PHE C   O    doub N N 243 
PHE C   OXT  sing N N 244 
PHE CB  CG   sing N N 245 
PHE CB  HB2  sing N N 246 
PHE CB  HB3  sing N N 247 
PHE CG  CD1  doub Y N 248 
PHE CG  CD2  sing Y N 249 
PHE CD1 CE1  sing Y N 250 
PHE CD1 HD1  sing N N 251 
PHE CD2 CE2  doub Y N 252 
PHE CD2 HD2  sing N N 253 
PHE CE1 CZ   doub Y N 254 
PHE CE1 HE1  sing N N 255 
PHE CE2 CZ   sing Y N 256 
PHE CE2 HE2  sing N N 257 
PHE CZ  HZ   sing N N 258 
PHE OXT HXT  sing N N 259 
PRO N   CA   sing N N 260 
PRO N   CD   sing N N 261 
PRO N   H    sing N N 262 
PRO CA  C    sing N N 263 
PRO CA  CB   sing N N 264 
PRO CA  HA   sing N N 265 
PRO C   O    doub N N 266 
PRO C   OXT  sing N N 267 
PRO CB  CG   sing N N 268 
PRO CB  HB2  sing N N 269 
PRO CB  HB3  sing N N 270 
PRO CG  CD   sing N N 271 
PRO CG  HG2  sing N N 272 
PRO CG  HG3  sing N N 273 
PRO CD  HD2  sing N N 274 
PRO CD  HD3  sing N N 275 
PRO OXT HXT  sing N N 276 
SER N   CA   sing N N 277 
SER N   H    sing N N 278 
SER N   H2   sing N N 279 
SER CA  C    sing N N 280 
SER CA  CB   sing N N 281 
SER CA  HA   sing N N 282 
SER C   O    doub N N 283 
SER C   OXT  sing N N 284 
SER CB  OG   sing N N 285 
SER CB  HB2  sing N N 286 
SER CB  HB3  sing N N 287 
SER OG  HG   sing N N 288 
SER OXT HXT  sing N N 289 
THR N   CA   sing N N 290 
THR N   H    sing N N 291 
THR N   H2   sing N N 292 
THR CA  C    sing N N 293 
THR CA  CB   sing N N 294 
THR CA  HA   sing N N 295 
THR C   O    doub N N 296 
THR C   OXT  sing N N 297 
THR CB  OG1  sing N N 298 
THR CB  CG2  sing N N 299 
THR CB  HB   sing N N 300 
THR OG1 HG1  sing N N 301 
THR CG2 HG21 sing N N 302 
THR CG2 HG22 sing N N 303 
THR CG2 HG23 sing N N 304 
THR OXT HXT  sing N N 305 
TYR N   CA   sing N N 306 
TYR N   H    sing N N 307 
TYR N   H2   sing N N 308 
TYR CA  C    sing N N 309 
TYR CA  CB   sing N N 310 
TYR CA  HA   sing N N 311 
TYR C   O    doub N N 312 
TYR C   OXT  sing N N 313 
TYR CB  CG   sing N N 314 
TYR CB  HB2  sing N N 315 
TYR CB  HB3  sing N N 316 
TYR CG  CD1  doub Y N 317 
TYR CG  CD2  sing Y N 318 
TYR CD1 CE1  sing Y N 319 
TYR CD1 HD1  sing N N 320 
TYR CD2 CE2  doub Y N 321 
TYR CD2 HD2  sing N N 322 
TYR CE1 CZ   doub Y N 323 
TYR CE1 HE1  sing N N 324 
TYR CE2 CZ   sing Y N 325 
TYR CE2 HE2  sing N N 326 
TYR CZ  OH   sing N N 327 
TYR OH  HH   sing N N 328 
TYR OXT HXT  sing N N 329 
VAL N   CA   sing N N 330 
VAL N   H    sing N N 331 
VAL N   H2   sing N N 332 
VAL CA  C    sing N N 333 
VAL CA  CB   sing N N 334 
VAL CA  HA   sing N N 335 
VAL C   O    doub N N 336 
VAL C   OXT  sing N N 337 
VAL CB  CG1  sing N N 338 
VAL CB  CG2  sing N N 339 
VAL CB  HB   sing N N 340 
VAL CG1 HG11 sing N N 341 
VAL CG1 HG12 sing N N 342 
VAL CG1 HG13 sing N N 343 
VAL CG2 HG21 sing N N 344 
VAL CG2 HG22 sing N N 345 
VAL CG2 HG23 sing N N 346 
VAL OXT HXT  sing N N 347 
# 
_pdbx_initial_refinement_model.id               1 
_pdbx_initial_refinement_model.entity_id_list   ? 
_pdbx_initial_refinement_model.type             'experimental model' 
_pdbx_initial_refinement_model.source_name      PDB 
_pdbx_initial_refinement_model.accession_code   3IDO 
_pdbx_initial_refinement_model.details          ? 
# 
_atom_sites.entry_id                    5O7B 
_atom_sites.fract_transf_matrix[1][1]   -0.00565916 
_atom_sites.fract_transf_matrix[1][2]   -0.01159469 
_atom_sites.fract_transf_matrix[1][3]   0.00899897 
_atom_sites.fract_transf_matrix[2][1]   -0.00615084 
_atom_sites.fract_transf_matrix[2][2]   0.00327687 
_atom_sites.fract_transf_matrix[2][3]   0.01410185 
_atom_sites.fract_transf_matrix[3][1]   -0.01323110 
_atom_sites.fract_transf_matrix[3][2]   0.00167644 
_atom_sites.fract_transf_matrix[3][3]   -0.00616060 
_atom_sites.fract_transf_vector[1]      -0.238346 
_atom_sites.fract_transf_vector[2]      0.029436 
_atom_sites.fract_transf_vector[3]      0.130336 
# 
loop_
_atom_type.symbol 
C 
N 
O 
S 
# 
loop_
_atom_site.group_PDB 
_atom_site.id 
_atom_site.type_symbol 
_atom_site.label_atom_id 
_atom_site.label_alt_id 
_atom_site.label_comp_id 
_atom_site.label_asym_id 
_atom_site.label_entity_id 
_atom_site.label_seq_id 
_atom_site.pdbx_PDB_ins_code 
_atom_site.Cartn_x 
_atom_site.Cartn_y 
_atom_site.Cartn_z 
_atom_site.occupancy 
_atom_site.B_iso_or_equiv 
_atom_site.pdbx_formal_charge 
_atom_site.auth_seq_id 
_atom_site.auth_comp_id 
_atom_site.auth_asym_id 
_atom_site.auth_atom_id 
_atom_site.pdbx_PDB_model_num 
ATOM   1   N N   . LYS A 1 15  ? 3.965   -2.901  15.485  1.00 33.73 ?  2   LYS A N   1 
ATOM   2   C CA  . LYS A 1 15  ? 4.492   -2.851  14.129  1.00 36.66 ?  2   LYS A CA  1 
ATOM   3   C C   . LYS A 1 15  ? 3.394   -3.191  13.108  1.00 36.26 ?  2   LYS A C   1 
ATOM   4   O O   . LYS A 1 15  ? 2.698   -4.205  13.235  1.00 32.25 ?  2   LYS A O   1 
ATOM   5   C CB  . LYS A 1 15  ? 5.684   -3.809  13.990  1.00 39.29 ?  2   LYS A CB  1 
ATOM   6   C CG  . LYS A 1 15  ? 6.795   -3.569  15.013  1.00 38.92 ?  2   LYS A CG  1 
ATOM   7   C CD  . LYS A 1 15  ? 7.754   -4.759  15.128  1.00 32.84 ?  2   LYS A CD  1 
ATOM   8   C CE  . LYS A 1 15  ? 7.161   -5.889  15.955  1.00 41.22 ?  2   LYS A CE  1 
ATOM   9   N NZ  . LYS A 1 15  ? 7.107   -5.604  17.415  1.00 37.59 1  2   LYS A NZ  1 
ATOM   10  N N   . LEU A 1 16  ? 3.248   -2.334  12.099  1.00 33.78 ?  3   LEU A N   1 
ATOM   11  C CA  . LEU A 1 16  ? 2.230   -2.477  11.067  1.00 34.24 ?  3   LEU A CA  1 
ATOM   12  C C   . LEU A 1 16  ? 2.883   -2.782  9.723   1.00 29.25 ?  3   LEU A C   1 
ATOM   13  O O   . LEU A 1 16  ? 3.856   -2.126  9.338   1.00 26.63 ?  3   LEU A O   1 
ATOM   14  C CB  . LEU A 1 16  ? 1.379   -1.207  10.965  1.00 31.25 ?  3   LEU A CB  1 
ATOM   15  C CG  . LEU A 1 16  ? 1.019   -0.453  12.255  1.00 29.90 ?  3   LEU A CG  1 
ATOM   16  C CD1 . LEU A 1 16  ? 0.294   0.830   11.916  1.00 26.21 ?  3   LEU A CD1 1 
ATOM   17  C CD2 . LEU A 1 16  ? 0.175   -1.300  13.200  1.00 26.59 ?  3   LEU A CD2 1 
ATOM   18  N N   . LEU A 1 17  ? 2.343   -3.765  9.004   1.00 30.32 ?  4   LEU A N   1 
ATOM   19  C CA  . LEU A 1 17  ? 2.902   -4.199  7.727   1.00 24.17 ?  4   LEU A CA  1 
ATOM   20  C C   . LEU A 1 17  ? 1.819   -4.118  6.667   1.00 27.27 ?  4   LEU A C   1 
ATOM   21  O O   . LEU A 1 17  ? 0.764   -4.745  6.809   1.00 26.10 ?  4   LEU A O   1 
ATOM   22  C CB  . LEU A 1 17  ? 3.457   -5.623  7.820   1.00 27.07 ?  4   LEU A CB  1 
ATOM   23  C CG  . LEU A 1 17  ? 4.164   -6.209  6.588   1.00 27.92 ?  4   LEU A CG  1 
ATOM   24  C CD1 . LEU A 1 17  ? 5.569   -5.669  6.468   1.00 27.71 ?  4   LEU A CD1 1 
ATOM   25  C CD2 . LEU A 1 17  ? 4.195   -7.726  6.674   1.00 28.56 ?  4   LEU A CD2 1 
ATOM   26  N N   . PHE A 1 18  ? 2.080   -3.351  5.610   1.00 24.17 ?  5   PHE A N   1 
ATOM   27  C CA  . PHE A 1 18  ? 1.150   -3.211  4.497   1.00 23.18 ?  5   PHE A CA  1 
ATOM   28  C C   . PHE A 1 18  ? 1.642   -4.045  3.321   1.00 25.22 ?  5   PHE A C   1 
ATOM   29  O O   . PHE A 1 18  ? 2.828   -4.000  2.985   1.00 23.66 ?  5   PHE A O   1 
ATOM   30  C CB  . PHE A 1 18  ? 1.000   -1.741  4.109   1.00 26.00 ?  5   PHE A CB  1 
ATOM   31  C CG  . PHE A 1 18  ? 0.541   -0.861  5.248   1.00 25.50 ?  5   PHE A CG  1 
ATOM   32  C CD1 . PHE A 1 18  ? -0.811  -0.722  5.534   1.00 22.24 ?  5   PHE A CD1 1 
ATOM   33  C CD2 . PHE A 1 18  ? 1.458   -0.186  6.035   1.00 22.33 ?  5   PHE A CD2 1 
ATOM   34  C CE1 . PHE A 1 18  ? -1.235  0.078   6.579   1.00 23.00 ?  5   PHE A CE1 1 
ATOM   35  C CE2 . PHE A 1 18  ? 1.036   0.622   7.087   1.00 23.46 ?  5   PHE A CE2 1 
ATOM   36  C CZ  . PHE A 1 18  ? -0.307  0.754   7.354   1.00 24.90 ?  5   PHE A CZ  1 
ATOM   37  N N   . VAL A 1 19  ? 0.740   -4.822  2.707   1.00 24.74 ?  6   VAL A N   1 
ATOM   38  C CA  . VAL A 1 19  ? 1.137   -5.822  1.717   1.00 24.53 ?  6   VAL A CA  1 
ATOM   39  C C   . VAL A 1 19  ? 0.338   -5.642  0.433   1.00 26.08 ?  6   VAL A C   1 
ATOM   40  O O   . VAL A 1 19  ? -0.898  -5.567  0.469   1.00 24.65 ?  6   VAL A O   1 
ATOM   41  C CB  . VAL A 1 19  ? 0.966   -7.261  2.245   1.00 26.07 ?  6   VAL A CB  1 
ATOM   42  C CG1 . VAL A 1 19  ? 1.418   -8.273  1.198   1.00 25.69 ?  6   VAL A CG1 1 
ATOM   43  C CG2 . VAL A 1 19  ? 1.744   -7.454  3.526   1.00 22.77 ?  6   VAL A CG2 1 
ATOM   44  N N   . CYS A 1 20  ? 1.043   -5.590  -0.693  1.00 27.30 ?  7   CYS A N   1 
ATOM   45  C CA  . CYS A 1 20  ? 0.438   -5.695  -2.018  1.00 29.50 ?  7   CYS A CA  1 
ATOM   46  C C   . CYS A 1 20  ? 1.145   -6.833  -2.754  1.00 28.77 ?  7   CYS A C   1 
ATOM   47  O O   . CYS A 1 20  ? 1.776   -7.708  -2.150  1.00 28.33 ?  7   CYS A O   1 
ATOM   48  C CB  . CYS A 1 20  ? 0.495   -4.353  -2.757  1.00 24.43 ?  7   CYS A CB  1 
ATOM   49  S SG  . CYS A 1 20  ? 2.152   -3.772  -3.165  1.00 26.14 ?  7   CYS A SG  1 
ATOM   50  N N   . LEU A 1 21  ? 1.036   -6.847  -4.084  1.00 25.94 ?  8   LEU A N   1 
ATOM   51  C CA  . LEU A 1 21  ? 1.582   -7.954  -4.870  1.00 25.80 ?  8   LEU A CA  1 
ATOM   52  C C   . LEU A 1 21  ? 3.091   -7.822  -5.055  1.00 27.13 ?  8   LEU A C   1 
ATOM   53  O O   . LEU A 1 21  ? 3.862   -8.648  -4.553  1.00 29.64 ?  8   LEU A O   1 
ATOM   54  C CB  . LEU A 1 21  ? 0.881   -8.043  -6.235  1.00 25.97 ?  8   LEU A CB  1 
ATOM   55  C CG  . LEU A 1 21  ? 1.402   -9.106  -7.217  1.00 29.00 ?  8   LEU A CG  1 
ATOM   56  C CD1 . LEU A 1 21  ? 1.328   -10.503 -6.616  1.00 28.20 ?  8   LEU A CD1 1 
ATOM   57  C CD2 . LEU A 1 21  ? 0.661   -9.069  -8.543  1.00 27.87 ?  8   LEU A CD2 1 
ATOM   58  N N   . GLY A 1 22  ? 3.531   -6.779  -5.768  1.00 26.26 ?  9   GLY A N   1 
ATOM   59  C CA  . GLY A 1 22  ? 4.938   -6.550  -6.039  1.00 30.69 ?  9   GLY A CA  1 
ATOM   60  C C   . GLY A 1 22  ? 5.692   -5.633  -5.085  1.00 29.95 ?  9   GLY A C   1 
ATOM   61  O O   . GLY A 1 22  ? 6.918   -5.541  -5.192  1.00 27.84 ?  9   GLY A O   1 
ATOM   62  N N   . ASN A 1 23  ? 5.003   -4.961  -4.158  1.00 28.48 ?  10  ASN A N   1 
ATOM   63  C CA  . ASN A 1 23  ? 5.630   -4.006  -3.226  1.00 27.90 ?  10  ASN A CA  1 
ATOM   64  C C   . ASN A 1 23  ? 6.392   -2.906  -3.972  1.00 28.51 ?  10  ASN A C   1 
ATOM   65  O O   . ASN A 1 23  ? 7.516   -2.548  -3.610  1.00 26.54 ?  10  ASN A O   1 
ATOM   66  C CB  . ASN A 1 23  ? 6.539   -4.729  -2.217  1.00 25.22 ?  10  ASN A CB  1 
ATOM   67  C CG  . ASN A 1 23  ? 7.028   -3.810  -1.078  1.00 28.55 ?  10  ASN A CG  1 
ATOM   68  O OD1 . ASN A 1 23  ? 8.163   -3.926  -0.614  1.00 25.19 ?  10  ASN A OD1 1 
ATOM   69  N ND2 . ASN A 1 23  ? 6.174   -2.903  -0.637  1.00 23.74 ?  10  ASN A ND2 1 
ATOM   70  N N   . ILE A 1 24  ? 5.782   -2.363  -5.027  1.00 28.38 ?  11  ILE A N   1 
ATOM   71  C CA  . ILE A 1 24  ? 6.342   -1.198  -5.712  1.00 26.69 ?  11  ILE A CA  1 
ATOM   72  C C   . ILE A 1 24  ? 5.326   -0.093  -5.961  1.00 28.36 ?  11  ILE A C   1 
ATOM   73  O O   . ILE A 1 24  ? 5.733   1.060   -6.191  1.00 27.25 ?  11  ILE A O   1 
ATOM   74  C CB  . ILE A 1 24  ? 7.031   -1.585  -7.046  1.00 30.95 ?  11  ILE A CB  1 
ATOM   75  C CG1 . ILE A 1 24  ? 6.062   -2.289  -7.997  1.00 31.57 ?  11  ILE A CG1 1 
ATOM   76  C CG2 . ILE A 1 24  ? 8.293   -2.407  -6.810  1.00 32.76 ?  11  ILE A CG2 1 
ATOM   77  C CD1 . ILE A 1 24  ? 6.475   -2.178  -9.448  1.00 32.60 ?  11  ILE A CD1 1 
ATOM   78  N N   . CYS A 1 25  ? 4.016   -0.348  -5.933  1.00 27.66 ?  12  CYS A N   1 
ATOM   79  C CA  . CYS A 1 25  ? 3.019   0.706   -6.129  1.00 28.82 ?  12  CYS A CA  1 
ATOM   80  C C   . CYS A 1 25  ? 2.218   0.945   -4.855  1.00 25.03 ?  12  CYS A C   1 
ATOM   81  O O   . CYS A 1 25  ? 2.442   1.939   -4.163  1.00 27.23 ?  12  CYS A O   1 
ATOM   82  C CB  . CYS A 1 25  ? 2.080   0.371   -7.297  1.00 28.21 ?  12  CYS A CB  1 
ATOM   83  S SG  . CYS A 1 25  ? 2.842   0.200   -8.938  1.00 29.50 ?  12  CYS A SG  1 
ATOM   84  N N   . ARG A 1 26  ? 1.321   0.025   -4.497  1.00 26.10 ?  13  ARG A N   1 
ATOM   85  C CA  . ARG A 1 26  ? 0.278   0.294   -3.512  1.00 23.27 ?  13  ARG A CA  1 
ATOM   86  C C   . ARG A 1 26  ? 0.794   0.301   -2.077  1.00 25.65 ?  13  ARG A C   1 
ATOM   87  O O   . ARG A 1 26  ? 0.636   1.295   -1.360  1.00 25.17 ?  13  ARG A O   1 
ATOM   88  C CB  . ARG A 1 26  ? -0.845  -0.727  -3.662  1.00 22.77 ?  13  ARG A CB  1 
ATOM   89  C CG  . ARG A 1 26  ? -1.719  -0.489  -4.879  1.00 24.83 ?  13  ARG A CG  1 
ATOM   90  C CD  . ARG A 1 26  ? -2.635  -1.660  -5.097  1.00 26.48 ?  13  ARG A CD  1 
ATOM   91  N NE  . ARG A 1 26  ? -1.887  -2.857  -5.443  1.00 27.96 ?  13  ARG A NE  1 
ATOM   92  C CZ  . ARG A 1 26  ? -2.443  -4.042  -5.659  1.00 23.24 ?  13  ARG A CZ  1 
ATOM   93  N NH1 . ARG A 1 26  ? -1.688  -5.081  -5.979  1.00 22.20 1  13  ARG A NH1 1 
ATOM   94  N NH2 . ARG A 1 26  ? -3.753  -4.176  -5.569  1.00 25.14 ?  13  ARG A NH2 1 
ATOM   95  N N   . SER A 1 27  ? 1.367   -0.816  -1.620  1.00 25.31 ?  14  SER A N   1 
ATOM   96  C CA  . SER A 1 27  ? 1.793   -0.887  -0.221  1.00 23.16 ?  14  SER A CA  1 
ATOM   97  C C   . SER A 1 27  ? 2.936   0.075   0.110   1.00 25.01 ?  14  SER A C   1 
ATOM   98  O O   . SER A 1 27  ? 3.000   0.563   1.250   1.00 24.20 ?  14  SER A O   1 
ATOM   99  C CB  . SER A 1 27  ? 2.172   -2.323  0.162   1.00 24.39 ?  14  SER A CB  1 
ATOM   100 O OG  . SER A 1 27  ? 3.379   -2.743  -0.432  1.00 26.58 ?  14  SER A OG  1 
ATOM   101 N N   . PRO A 1 28  ? 3.855   0.387   -0.822  1.00 24.64 ?  15  PRO A N   1 
ATOM   102 C CA  . PRO A 1 28  ? 4.793   1.488   -0.537  1.00 24.34 ?  15  PRO A CA  1 
ATOM   103 C C   . PRO A 1 28  ? 4.093   2.809   -0.301  1.00 26.36 ?  15  PRO A C   1 
ATOM   104 O O   . PRO A 1 28  ? 4.544   3.603   0.532   1.00 23.26 ?  15  PRO A O   1 
ATOM   105 C CB  . PRO A 1 28  ? 5.677   1.534   -1.790  1.00 25.22 ?  15  PRO A CB  1 
ATOM   106 C CG  . PRO A 1 28  ? 5.612   0.179   -2.340  1.00 24.74 ?  15  PRO A CG  1 
ATOM   107 C CD  . PRO A 1 28  ? 4.228   -0.316  -2.064  1.00 24.93 ?  15  PRO A CD  1 
ATOM   108 N N   . ALA A 1 29  ? 3.007   3.078   -1.031  1.00 24.98 ?  16  ALA A N   1 
ATOM   109 C CA  . ALA A 1 29  ? 2.230   4.280   -0.758  1.00 25.52 ?  16  ALA A CA  1 
ATOM   110 C C   . ALA A 1 29  ? 1.553   4.185   0.602   1.00 24.95 ?  16  ALA A C   1 
ATOM   111 O O   . ALA A 1 29  ? 1.579   5.144   1.384   1.00 23.38 ?  16  ALA A O   1 
ATOM   112 C CB  . ALA A 1 29  ? 1.198   4.506   -1.865  1.00 23.30 ?  16  ALA A CB  1 
ATOM   113 N N   . ALA A 1 30  ? 0.958   3.028   0.908   1.00 25.90 ?  17  ALA A N   1 
ATOM   114 C CA  . ALA A 1 30  ? 0.313   2.843   2.206   1.00 24.49 ?  17  ALA A CA  1 
ATOM   115 C C   . ALA A 1 30  ? 1.288   3.089   3.346   1.00 23.35 ?  17  ALA A C   1 
ATOM   116 O O   . ALA A 1 30  ? 0.930   3.701   4.357   1.00 26.46 ?  17  ALA A O   1 
ATOM   117 C CB  . ALA A 1 30  ? -0.276  1.436   2.307   1.00 25.82 ?  17  ALA A CB  1 
ATOM   118 N N   . GLU A 1 31  ? 2.525   2.617   3.198   1.00 27.60 ?  18  GLU A N   1 
ATOM   119 C CA  . GLU A 1 31  ? 3.514   2.768   4.259   1.00 24.05 ?  18  GLU A CA  1 
ATOM   120 C C   . GLU A 1 31  ? 3.851   4.229   4.508   1.00 27.49 ?  18  GLU A C   1 
ATOM   121 O O   . GLU A 1 31  ? 4.047   4.639   5.659   1.00 28.54 ?  18  GLU A O   1 
ATOM   122 C CB  . GLU A 1 31  ? 4.779   1.987   3.912   1.00 25.20 ?  18  GLU A CB  1 
ATOM   123 C CG  . GLU A 1 31  ? 5.890   2.138   4.940   1.00 28.37 ?  18  GLU A CG  1 
ATOM   124 C CD  . GLU A 1 31  ? 7.195   1.542   4.462   1.00 29.28 ?  18  GLU A CD  1 
ATOM   125 O OE1 . GLU A 1 31  ? 7.237   1.056   3.313   1.00 31.16 ?  18  GLU A OE1 1 
ATOM   126 O OE2 . GLU A 1 31  ? 8.169   1.544   5.235   1.00 31.16 -1 18  GLU A OE2 1 
ATOM   127 N N   . ASN A 1 32  ? 3.944   5.032   3.450   1.00 28.49 ?  19  ASN A N   1 
ATOM   128 C CA  . ASN A 1 32  ? 4.299   6.425   3.678   1.00 30.72 ?  19  ASN A CA  1 
ATOM   129 C C   . ASN A 1 32  ? 3.108   7.243   4.160   1.00 31.57 ?  19  ASN A C   1 
ATOM   130 O O   . ASN A 1 32  ? 3.276   8.148   4.985   1.00 30.75 ?  19  ASN A O   1 
ATOM   131 C CB  . ASN A 1 32  ? 4.890   7.057   2.426   1.00 31.34 ?  19  ASN A CB  1 
ATOM   132 C CG  . ASN A 1 32  ? 5.451   8.439   2.708   0.00 38.18 ?  19  ASN A CG  1 
ATOM   133 O OD1 . ASN A 1 32  ? 6.472   8.577   3.387   0.00 41.20 ?  19  ASN A OD1 1 
ATOM   134 N ND2 . ASN A 1 32  ? 4.775   9.467   2.218   0.00 39.39 ?  19  ASN A ND2 1 
ATOM   135 N N   . ILE A 1 33  ? 1.909   6.959   3.643   1.00 30.45 ?  20  ILE A N   1 
ATOM   136 C CA  . ILE A 1 33  ? 0.714   7.642   4.133   1.00 28.23 ?  20  ILE A CA  1 
ATOM   137 C C   . ILE A 1 33  ? 0.533   7.382   5.622   1.00 29.52 ?  20  ILE A C   1 
ATOM   138 O O   . ILE A 1 33  ? 0.331   8.310   6.413   1.00 29.79 ?  20  ILE A O   1 
ATOM   139 C CB  . ILE A 1 33  ? -0.529  7.212   3.329   1.00 29.45 ?  20  ILE A CB  1 
ATOM   140 C CG1 . ILE A 1 33  ? -0.393  7.649   1.864   1.00 32.34 ?  20  ILE A CG1 1 
ATOM   141 C CG2 . ILE A 1 33  ? -1.790  7.775   3.968   1.00 30.17 ?  20  ILE A CG2 1 
ATOM   142 C CD1 . ILE A 1 33  ? -1.699  7.899   1.151   0.00 29.83 ?  20  ILE A CD1 1 
ATOM   143 N N   . MET A 1 34  ? 0.629   6.112   6.030   1.00 32.03 ?  21  MET A N   1 
ATOM   144 C CA  . MET A 1 34  ? 0.476   5.772   7.442   1.00 31.43 ?  21  MET A CA  1 
ATOM   145 C C   . MET A 1 34  ? 1.564   6.414   8.288   1.00 31.94 ?  21  MET A C   1 
ATOM   146 O O   . MET A 1 34  ? 1.292   6.904   9.389   1.00 31.52 ?  21  MET A O   1 
ATOM   147 C CB  . MET A 1 34  ? 0.496   4.261   7.630   1.00 28.19 ?  21  MET A CB  1 
ATOM   148 C CG  . MET A 1 34  ? -0.085  3.810   8.962   1.00 28.10 ?  21  MET A CG  1 
ATOM   149 S SD  . MET A 1 34  ? -1.833  4.191   9.105   1.00 30.95 ?  21  MET A SD  1 
ATOM   150 C CE  . MET A 1 34  ? -2.001  4.248   10.890  1.00 35.63 ?  21  MET A CE  1 
ATOM   151 N N   . ASN A 1 35  ? 2.804   6.405   7.794   1.00 35.25 ?  22  ASN A N   1 
ATOM   152 C CA  . ASN A 1 35  ? 3.901   7.060   8.495   1.00 32.35 ?  22  ASN A CA  1 
ATOM   153 C C   . ASN A 1 35  ? 3.570   8.518   8.770   1.00 31.73 ?  22  ASN A C   1 
ATOM   154 O O   . ASN A 1 35  ? 3.836   9.030   9.862   1.00 32.56 ?  22  ASN A O   1 
ATOM   155 C CB  . ASN A 1 35  ? 5.189   6.942   7.670   1.00 35.00 ?  22  ASN A CB  1 
ATOM   156 C CG  . ASN A 1 35  ? 5.992   5.706   8.012   1.00 42.01 ?  22  ASN A CG  1 
ATOM   157 O OD1 . ASN A 1 35  ? 5.597   4.926   8.874   1.00 60.25 ?  22  ASN A OD1 1 
ATOM   158 N ND2 . ASN A 1 35  ? 7.123   5.519   7.343   1.00 46.52 ?  22  ASN A ND2 1 
ATOM   159 N N   . ALA A 1 36  ? 2.968   9.195   7.788   1.00 34.04 ?  23  ALA A N   1 
ATOM   160 C CA  . ALA A 1 36  ? 2.623   10.605  7.934   1.00 35.99 ?  23  ALA A CA  1 
ATOM   161 C C   . ALA A 1 36  ? 1.438   10.800  8.872   1.00 32.31 ?  23  ALA A C   1 
ATOM   162 O O   . ALA A 1 36  ? 1.416   11.746  9.669   1.00 30.85 ?  23  ALA A O   1 
ATOM   163 C CB  . ALA A 1 36  ? 2.318   11.212  6.565   1.00 35.78 ?  23  ALA A CB  1 
ATOM   164 N N   . GLN A 1 37  ? 0.429   9.937   8.775   1.00 33.38 ?  24  GLN A N   1 
ATOM   165 C CA  . GLN A 1 37  ? -0.722  10.072  9.658   1.00 37.62 ?  24  GLN A CA  1 
ATOM   166 C C   . GLN A 1 37  ? -0.320  9.821   11.112  1.00 34.67 ?  24  GLN A C   1 
ATOM   167 O O   . GLN A 1 37  ? -0.774  10.532  12.013  1.00 35.36 ?  24  GLN A O   1 
ATOM   168 C CB  . GLN A 1 37  ? -1.837  9.115   9.213   1.00 35.96 ?  24  GLN A CB  1 
ATOM   169 C CG  . GLN A 1 37  ? -2.686  8.516   10.339  1.00 34.37 ?  24  GLN A CG  1 
ATOM   170 C CD  . GLN A 1 37  ? -3.326  9.568   11.238  0.00 35.64 ?  24  GLN A CD  1 
ATOM   171 O OE1 . GLN A 1 37  ? -4.117  10.394  10.783  0.00 35.79 ?  24  GLN A OE1 1 
ATOM   172 N NE2 . GLN A 1 37  ? -2.952  9.563   12.514  0.00 36.32 ?  24  GLN A NE2 1 
ATOM   173 N N   . ILE A 1 38  ? 0.547   8.837   11.358  1.00 33.59 ?  25  ILE A N   1 
ATOM   174 C CA  . ILE A 1 38  ? 0.934   8.463   12.711  1.00 37.33 ?  25  ILE A CA  1 
ATOM   175 C C   . ILE A 1 38  ? 1.529   9.626   13.517  1.00 40.27 ?  25  ILE A C   1 
ATOM   176 O O   . ILE A 1 38  ? 0.855   10.203  14.372  0.00 50.62 ?  25  ILE A O   1 
ATOM   177 C CB  . ILE A 1 38  ? 1.916   7.276   12.682  1.00 36.27 ?  25  ILE A CB  1 
ATOM   178 C CG1 . ILE A 1 38  ? 1.139   5.958   12.643  1.00 40.00 ?  25  ILE A CG1 1 
ATOM   179 C CG2 . ILE A 1 38  ? 2.828   7.302   13.889  1.00 37.54 ?  25  ILE A CG2 1 
ATOM   180 C CD1 . ILE A 1 38  ? 1.828   4.871   11.896  1.00 49.52 ?  25  ILE A CD1 1 
ATOM   181 N N   . LEU A 1 43  ? 2.289   9.977   17.339  1.00 37.17 ?  30  LEU A N   1 
ATOM   182 C CA  . LEU A 1 43  ? 2.289   8.603   17.830  1.00 41.07 ?  30  LEU A CA  1 
ATOM   183 C C   . LEU A 1 43  ? 3.492   7.822   17.305  1.00 41.91 ?  30  LEU A C   1 
ATOM   184 O O   . LEU A 1 43  ? 3.463   6.591   17.215  1.00 35.98 ?  30  LEU A O   1 
ATOM   185 C CB  . LEU A 1 43  ? 0.987   7.897   17.445  1.00 39.90 ?  30  LEU A CB  1 
ATOM   186 C CG  . LEU A 1 43  ? -0.227  8.299   18.286  1.00 38.73 ?  30  LEU A CG  1 
ATOM   187 C CD1 . LEU A 1 43  ? -1.522  7.970   17.563  1.00 43.27 ?  30  LEU A CD1 1 
ATOM   188 C CD2 . LEU A 1 43  ? -0.187  7.637   19.657  1.00 35.40 ?  30  LEU A CD2 1 
ATOM   189 N N   . GLY A 1 44  ? 4.551   8.547   16.968  1.00 43.61 ?  31  GLY A N   1 
ATOM   190 C CA  . GLY A 1 44  ? 5.796   7.935   16.540  1.00 50.27 ?  31  GLY A CA  1 
ATOM   191 C C   . GLY A 1 44  ? 6.814   8.984   16.148  1.00 44.33 ?  31  GLY A C   1 
ATOM   192 O O   . GLY A 1 44  ? 6.551   9.777   15.244  1.00 58.12 ?  31  GLY A O   1 
ATOM   193 N N   . CYS A 1 49  ? 5.942   1.546   10.783  1.00 41.65 ?  36  CYS A N   1 
ATOM   194 C CA  . CYS A 1 49  ? 5.353   0.897   9.619   1.00 31.94 ?  36  CYS A CA  1 
ATOM   195 C C   . CYS A 1 49  ? 6.412   0.258   8.729   1.00 35.09 ?  36  CYS A C   1 
ATOM   196 O O   . CYS A 1 49  ? 7.581   0.648   8.751   1.00 30.55 ?  36  CYS A O   1 
ATOM   197 C CB  . CYS A 1 49  ? 4.537   1.899   8.798   1.00 32.34 ?  36  CYS A CB  1 
ATOM   198 S SG  . CYS A 1 49  ? 3.304   2.826   9.739   1.00 34.06 ?  36  CYS A SG  1 
ATOM   199 N N   . ASP A 1 50  ? 5.982   -0.724  7.940   1.00 30.02 ?  37  ASP A N   1 
ATOM   200 C CA  . ASP A 1 50  ? 6.800   -1.303  6.886   1.00 30.91 ?  37  ASP A CA  1 
ATOM   201 C C   . ASP A 1 50  ? 5.853   -1.832  5.823   1.00 30.58 ?  37  ASP A C   1 
ATOM   202 O O   . ASP A 1 50  ? 4.638   -1.893  6.024   1.00 28.00 ?  37  ASP A O   1 
ATOM   203 C CB  . ASP A 1 50  ? 7.731   -2.404  7.421   1.00 28.62 ?  37  ASP A CB  1 
ATOM   204 C CG  . ASP A 1 50  ? 8.813   -2.808  6.419   1.00 33.16 ?  37  ASP A CG  1 
ATOM   205 O OD1 . ASP A 1 50  ? 9.026   -2.086  5.422   1.00 32.44 ?  37  ASP A OD1 1 
ATOM   206 O OD2 . ASP A 1 50  ? 9.449   -3.863  6.624   1.00 28.93 -1 37  ASP A OD2 1 
ATOM   207 N N   . SER A 1 51  ? 6.415   -2.207  4.677   1.00 30.27 ?  38  SER A N   1 
ATOM   208 C CA  . SER A 1 51  ? 5.630   -2.784  3.600   1.00 25.35 ?  38  SER A CA  1 
ATOM   209 C C   . SER A 1 51  ? 6.429   -3.906  2.959   1.00 31.98 ?  38  SER A C   1 
ATOM   210 O O   . SER A 1 51  ? 7.660   -3.949  3.046   1.00 31.61 ?  38  SER A O   1 
ATOM   211 C CB  . SER A 1 51  ? 5.232   -1.733  2.546   1.00 26.76 ?  38  SER A CB  1 
ATOM   212 O OG  . SER A 1 51  ? 6.357   -1.219  1.842   1.00 26.63 ?  38  SER A OG  1 
ATOM   213 N N   . ALA A 1 52  ? 5.707   -4.816  2.306   1.00 28.81 ?  39  ALA A N   1 
ATOM   214 C CA  . ALA A 1 52  ? 6.303   -5.976  1.656   1.00 30.20 ?  39  ALA A CA  1 
ATOM   215 C C   . ALA A 1 52  ? 5.308   -6.497  0.630   1.00 27.52 ?  39  ALA A C   1 
ATOM   216 O O   . ALA A 1 52  ? 4.190   -5.989  0.510   1.00 31.30 ?  39  ALA A O   1 
ATOM   217 C CB  . ALA A 1 52  ? 6.683   -7.053  2.675   1.00 29.82 ?  39  ALA A CB  1 
ATOM   218 N N   . GLY A 1 53  ? 5.718   -7.517  -0.109  1.00 31.25 ?  40  GLY A N   1 
ATOM   219 C CA  . GLY A 1 53  ? 4.929   -8.010  -1.222  1.00 29.83 ?  40  GLY A CA  1 
ATOM   220 C C   . GLY A 1 53  ? 4.841   -9.519  -1.221  1.00 29.90 ?  40  GLY A C   1 
ATOM   221 O O   . GLY A 1 53  ? 5.739   -10.214 -0.755  1.00 28.41 ?  40  GLY A O   1 
ATOM   222 N N   . THR A 1 54  ? 3.729   -10.023 -1.769  1.00 28.02 ?  41  THR A N   1 
ATOM   223 C CA  . THR A 1 54  ? 3.550   -11.468 -1.874  1.00 32.44 ?  41  THR A CA  1 
ATOM   224 C C   . THR A 1 54  ? 4.466   -12.079 -2.930  1.00 31.56 ?  41  THR A C   1 
ATOM   225 O O   . THR A 1 54  ? 4.887   -13.229 -2.780  1.00 34.36 ?  41  THR A O   1 
ATOM   226 C CB  . THR A 1 54  ? 2.085   -11.806 -2.175  1.00 33.11 ?  41  THR A CB  1 
ATOM   227 O OG1 . THR A 1 54  ? 1.731   -11.328 -3.479  1.00 33.49 ?  41  THR A OG1 1 
ATOM   228 C CG2 . THR A 1 54  ? 1.172   -11.166 -1.148  1.00 29.98 ?  41  THR A CG2 1 
ATOM   229 N N   . SER A 1 55  ? 4.786   -11.335 -3.993  1.00 35.57 ?  42  SER A N   1 
ATOM   230 C CA  . SER A 1 55  ? 5.704   -11.783 -5.040  1.00 31.02 ?  42  SER A CA  1 
ATOM   231 C C   . SER A 1 55  ? 7.070   -11.141 -4.817  1.00 35.31 ?  42  SER A C   1 
ATOM   232 O O   . SER A 1 55  ? 7.163   -9.973  -4.431  1.00 33.04 ?  42  SER A O   1 
ATOM   233 C CB  . SER A 1 55  ? 5.165   -11.423 -6.436  1.00 31.79 ?  42  SER A CB  1 
ATOM   234 O OG  . SER A 1 55  ? 5.904   -12.015 -7.511  1.00 24.70 ?  42  SER A OG  1 
ATOM   235 N N   . SER A 1 56  ? 8.131   -11.910 -5.045  1.00 37.46 ?  43  SER A N   1 
ATOM   236 C CA  . SER A 1 56  ? 9.487   -11.396 -4.911  1.00 36.68 ?  43  SER A CA  1 
ATOM   237 C C   . SER A 1 56  ? 10.089  -10.992 -6.248  1.00 38.87 ?  43  SER A C   1 
ATOM   238 O O   . SER A 1 56  ? 11.304  -10.797 -6.330  1.00 40.60 ?  43  SER A O   1 
ATOM   239 C CB  . SER A 1 56  ? 10.391  -12.428 -4.229  1.00 37.54 ?  43  SER A CB  1 
ATOM   240 O OG  . SER A 1 56  ? 10.467  -13.627 -4.981  1.00 36.76 ?  43  SER A OG  1 
ATOM   241 N N   . TYR A 1 57  ? 9.275   -10.866 -7.298  0.00 36.55 ?  44  TYR A N   1 
ATOM   242 C CA  . TYR A 1 57  ? 9.817   -10.558 -8.617  0.00 36.54 ?  44  TYR A CA  1 
ATOM   243 C C   . TYR A 1 57  ? 10.429  -9.166  -8.687  0.00 37.00 ?  44  TYR A C   1 
ATOM   244 O O   . TYR A 1 57  ? 11.300  -8.928  -9.531  0.00 37.03 ?  44  TYR A O   1 
ATOM   245 C CB  . TYR A 1 57  ? 8.727   -10.701 -9.683  0.00 35.97 ?  44  TYR A CB  1 
ATOM   246 C CG  . TYR A 1 57  ? 9.260   -10.846 -11.092 0.00 36.16 ?  44  TYR A CG  1 
ATOM   247 C CD1 . TYR A 1 57  ? 10.543  -11.330 -11.327 0.00 36.15 ?  44  TYR A CD1 1 
ATOM   248 C CD2 . TYR A 1 57  ? 8.481   -10.499 -12.187 0.00 36.01 ?  44  TYR A CD2 1 
ATOM   249 C CE1 . TYR A 1 57  ? 11.032  -11.461 -12.615 0.00 36.07 ?  44  TYR A CE1 1 
ATOM   250 C CE2 . TYR A 1 57  ? 8.961   -10.629 -13.477 0.00 36.01 ?  44  TYR A CE2 1 
ATOM   251 C CZ  . TYR A 1 57  ? 10.236  -11.110 -13.685 0.00 36.01 ?  44  TYR A CZ  1 
ATOM   252 O OH  . TYR A 1 57  ? 10.714  -11.239 -14.968 0.00 36.00 ?  44  TYR A OH  1 
ATOM   253 N N   . HIS A 1 58  ? 10.010  -8.249  -7.817  0.00 36.91 ?  45  HIS A N   1 
ATOM   254 C CA  . HIS A 1 58  ? 10.501  -6.877  -7.837  0.00 37.37 ?  45  HIS A CA  1 
ATOM   255 C C   . HIS A 1 58  ? 11.436  -6.564  -6.677  0.00 37.50 ?  45  HIS A C   1 
ATOM   256 O O   . HIS A 1 58  ? 11.750  -5.390  -6.457  0.00 37.55 ?  45  HIS A O   1 
ATOM   257 C CB  . HIS A 1 58  ? 9.323   -5.898  -7.838  0.00 35.74 ?  45  HIS A CB  1 
ATOM   258 C CG  . HIS A 1 58  ? 8.510   -5.933  -9.094  0.00 35.47 ?  45  HIS A CG  1 
ATOM   259 N ND1 . HIS A 1 58  ? 8.845   -5.212  -10.219 0.00 35.74 ?  45  HIS A ND1 1 
ATOM   260 C CD2 . HIS A 1 58  ? 7.376   -6.607  -9.402  0.00 34.89 ?  45  HIS A CD2 1 
ATOM   261 C CE1 . HIS A 1 58  ? 7.953   -5.438  -11.165 0.00 35.07 ?  45  HIS A CE1 1 
ATOM   262 N NE2 . HIS A 1 58  ? 7.051   -6.281  -10.696 0.00 34.94 ?  45  HIS A NE2 1 
ATOM   263 N N   . VAL A 1 59  ? 11.894  -7.581  -5.940  1.00 37.48 ?  46  VAL A N   1 
ATOM   264 C CA  . VAL A 1 59  ? 12.753  -7.362  -4.782  1.00 35.00 ?  46  VAL A CA  1 
ATOM   265 C C   . VAL A 1 59  ? 13.936  -6.496  -5.186  1.00 36.43 ?  46  VAL A C   1 
ATOM   266 O O   . VAL A 1 59  ? 14.544  -6.700  -6.244  1.00 35.35 ?  46  VAL A O   1 
ATOM   267 C CB  . VAL A 1 59  ? 13.228  -8.711  -4.211  1.00 39.00 ?  46  VAL A CB  1 
ATOM   268 C CG1 . VAL A 1 59  ? 13.852  -9.571  -5.312  1.00 51.13 ?  46  VAL A CG1 1 
ATOM   269 C CG2 . VAL A 1 59  ? 14.187  -8.510  -3.042  1.00 43.89 ?  46  VAL A CG2 1 
ATOM   270 N N   . GLY A 1 60  ? 14.256  -5.503  -4.356  1.00 36.86 ?  47  GLY A N   1 
ATOM   271 C CA  . GLY A 1 60  ? 15.371  -4.620  -4.610  1.00 35.26 ?  47  GLY A CA  1 
ATOM   272 C C   . GLY A 1 60  ? 15.044  -3.364  -5.392  1.00 35.60 ?  47  GLY A C   1 
ATOM   273 O O   . GLY A 1 60  ? 15.841  -2.417  -5.365  1.00 38.07 ?  47  GLY A O   1 
ATOM   274 N N   . ASP A 1 61  ? 13.902  -3.325  -6.082  1.00 36.17 ?  48  ASP A N   1 
ATOM   275 C CA  . ASP A 1 61  ? 13.524  -2.171  -6.890  1.00 37.90 ?  48  ASP A CA  1 
ATOM   276 C C   . ASP A 1 61  ? 13.063  -1.021  -5.995  1.00 37.18 ?  48  ASP A C   1 
ATOM   277 O O   . ASP A 1 61  ? 12.527  -1.231  -4.905  1.00 40.01 ?  48  ASP A O   1 
ATOM   278 C CB  . ASP A 1 61  ? 12.383  -2.524  -7.860  1.00 40.22 ?  48  ASP A CB  1 
ATOM   279 C CG  . ASP A 1 61  ? 12.812  -3.437  -9.005  1.00 48.36 ?  48  ASP A CG  1 
ATOM   280 O OD1 . ASP A 1 61  ? 14.009  -3.785  -9.073  1.00 58.33 ?  48  ASP A OD1 1 
ATOM   281 O OD2 . ASP A 1 61  ? 11.940  -3.808  -9.843  1.00 42.09 -1 48  ASP A OD2 1 
ATOM   282 N N   . SER A 1 62  ? 13.271  0.206   -6.473  1.00 40.71 ?  49  SER A N   1 
ATOM   283 C CA  . SER A 1 62  ? 12.623  1.367   -5.879  1.00 39.32 ?  49  SER A CA  1 
ATOM   284 C C   . SER A 1 62  ? 11.128  1.340   -6.202  1.00 39.05 ?  49  SER A C   1 
ATOM   285 O O   . SER A 1 62  ? 10.695  0.622   -7.107  1.00 36.10 ?  49  SER A O   1 
ATOM   286 C CB  . SER A 1 62  ? 13.251  2.663   -6.401  1.00 42.84 ?  49  SER A CB  1 
ATOM   287 O OG  . SER A 1 62  ? 14.654  2.723   -6.169  1.00 52.28 ?  49  SER A OG  1 
ATOM   288 N N   . PRO A 1 63  ? 10.314  2.103   -5.469  1.00 35.96 ?  50  PRO A N   1 
ATOM   289 C CA  . PRO A 1 63  ? 8.889   2.181   -5.811  1.00 38.25 ?  50  PRO A CA  1 
ATOM   290 C C   . PRO A 1 63  ? 8.694   2.734   -7.213  1.00 40.91 ?  50  PRO A C   1 
ATOM   291 O O   . PRO A 1 63  ? 9.528   3.482   -7.729  1.00 36.42 ?  50  PRO A O   1 
ATOM   292 C CB  . PRO A 1 63  ? 8.313   3.129   -4.755  1.00 37.56 ?  50  PRO A CB  1 
ATOM   293 C CG  . PRO A 1 63  ? 9.235   3.005   -3.602  1.00 53.69 ?  50  PRO A CG  1 
ATOM   294 C CD  . PRO A 1 63  ? 10.606  2.785   -4.196  1.00 57.15 ?  50  PRO A CD  1 
ATOM   295 N N   . ASP A 1 64  ? 7.580   2.342   -7.825  1.00 35.24 ?  51  ASP A N   1 
ATOM   296 C CA  . ASP A 1 64  ? 7.293   2.737   -9.196  1.00 38.67 ?  51  ASP A CA  1 
ATOM   297 C C   . ASP A 1 64  ? 7.436   4.244   -9.369  1.00 39.88 ?  51  ASP A C   1 
ATOM   298 O O   . ASP A 1 64  ? 6.908   5.028   -8.575  1.00 38.91 ?  51  ASP A O   1 
ATOM   299 C CB  . ASP A 1 64  ? 5.887   2.286   -9.586  1.00 39.52 ?  51  ASP A CB  1 
ATOM   300 C CG  . ASP A 1 64  ? 5.574   2.568   -11.037 1.00 37.20 ?  51  ASP A CG  1 
ATOM   301 O OD1 . ASP A 1 64  ? 5.282   3.731   -11.359 1.00 34.76 ?  51  ASP A OD1 1 
ATOM   302 O OD2 . ASP A 1 64  ? 5.624   1.628   -11.857 1.00 41.02 -1 51  ASP A OD2 1 
ATOM   303 N N   . ARG A 1 65  ? 8.172   4.632   -10.416 1.00 41.32 ?  52  ARG A N   1 
ATOM   304 C CA  . ARG A 1 65  ? 8.490   6.032   -10.677 1.00 41.93 ?  52  ARG A CA  1 
ATOM   305 C C   . ARG A 1 65  ? 7.253   6.910   -10.718 1.00 40.54 ?  52  ARG A C   1 
ATOM   306 O O   . ARG A 1 65  ? 7.305   8.075   -10.308 1.00 37.27 ?  52  ARG A O   1 
ATOM   307 C CB  . ARG A 1 65  ? 9.251   6.146   -11.999 1.00 42.82 ?  52  ARG A CB  1 
ATOM   308 C CG  . ARG A 1 65  ? 10.638  5.501   -11.978 1.00 67.11 ?  52  ARG A CG  1 
ATOM   309 C CD  . ARG A 1 65  ? 11.620  6.238   -11.054 0.00 58.92 ?  52  ARG A CD  1 
ATOM   310 N NE  . ARG A 1 65  ? 11.356  6.001   -9.635  0.00 58.33 ?  52  ARG A NE  1 
ATOM   311 C CZ  . ARG A 1 65  ? 12.140  6.403   -8.639  0.00 63.98 ?  52  ARG A CZ  1 
ATOM   312 N NH1 . ARG A 1 65  ? 13.257  7.069   -8.896  0.00 70.22 1  52  ARG A NH1 1 
ATOM   313 N NH2 . ARG A 1 65  ? 11.805  6.138   -7.384  0.00 61.80 ?  52  ARG A NH2 1 
ATOM   314 N N   . ARG A 1 66  ? 6.137   6.378   -11.219 1.00 33.46 ?  53  ARG A N   1 
ATOM   315 C CA  . ARG A 1 66  ? 4.910   7.160   -11.277 1.00 33.50 ?  53  ARG A CA  1 
ATOM   316 C C   . ARG A 1 66  ? 4.329   7.383   -9.890  1.00 34.83 ?  53  ARG A C   1 
ATOM   317 O O   . ARG A 1 66  ? 3.790   8.457   -9.607  1.00 30.89 ?  53  ARG A O   1 
ATOM   318 C CB  . ARG A 1 66  ? 3.890   6.466   -12.180 1.00 35.27 ?  53  ARG A CB  1 
ATOM   319 C CG  . ARG A 1 66  ? 4.324   6.360   -13.623 1.00 33.32 ?  53  ARG A CG  1 
ATOM   320 C CD  . ARG A 1 66  ? 3.431   5.418   -14.400 1.00 33.41 ?  53  ARG A CD  1 
ATOM   321 N NE  . ARG A 1 66  ? 3.668   4.025   -14.030 1.00 35.87 ?  53  ARG A NE  1 
ATOM   322 C CZ  . ARG A 1 66  ? 2.908   3.006   -14.419 1.00 29.45 ?  53  ARG A CZ  1 
ATOM   323 N NH1 . ARG A 1 66  ? 1.853   3.213   -15.199 1.00 25.49 1  53  ARG A NH1 1 
ATOM   324 N NH2 . ARG A 1 66  ? 3.203   1.777   -14.022 1.00 34.29 ?  53  ARG A NH2 1 
ATOM   325 N N   . MET A 1 67  ? 4.421   6.379   -9.013  1.00 31.43 ?  54  MET A N   1 
ATOM   326 C CA  . MET A 1 67  ? 3.822   6.510   -7.689  1.00 37.33 ?  54  MET A CA  1 
ATOM   327 C C   . MET A 1 67  ? 4.632   7.448   -6.804  1.00 36.82 ?  54  MET A C   1 
ATOM   328 O O   . MET A 1 67  ? 4.064   8.171   -5.980  1.00 36.56 ?  54  MET A O   1 
ATOM   329 C CB  . MET A 1 67  ? 3.677   5.137   -7.032  1.00 31.84 ?  54  MET A CB  1 
ATOM   330 C CG  . MET A 1 67  ? 3.104   5.173   -5.614  1.00 34.56 ?  54  MET A CG  1 
ATOM   331 S SD  . MET A 1 67  ? 1.457   5.924   -5.467  1.00 33.00 ?  54  MET A SD  1 
ATOM   332 C CE  . MET A 1 67  ? 0.428   4.507   -5.816  1.00 31.93 ?  54  MET A CE  1 
ATOM   333 N N   . THR A 1 68  ? 5.961   7.455   -6.951  1.00 35.07 ?  55  THR A N   1 
ATOM   334 C CA  . THR A 1 68  ? 6.757   8.436   -6.220  1.00 37.42 ?  55  THR A CA  1 
ATOM   335 C C   . THR A 1 68  ? 6.432   9.849   -6.687  1.00 36.05 ?  55  THR A C   1 
ATOM   336 O O   . THR A 1 68  ? 6.337   10.771  -5.871  1.00 39.08 ?  55  THR A O   1 
ATOM   337 C CB  . THR A 1 68  ? 8.255   8.155   -6.370  1.00 41.34 ?  55  THR A CB  1 
ATOM   338 O OG1 . THR A 1 68  ? 8.647   8.344   -7.736  1.00 56.01 ?  55  THR A OG1 1 
ATOM   339 C CG2 . THR A 1 68  ? 8.603   6.741   -5.926  1.00 37.67 ?  55  THR A CG2 1 
ATOM   340 N N   . GLU A 1 69  ? 6.231   10.029  -7.993  1.00 40.58 ?  56  GLU A N   1 
ATOM   341 C CA  . GLU A 1 69  ? 5.819   11.315  -8.556  1.00 41.32 ?  56  GLU A CA  1 
ATOM   342 C C   . GLU A 1 69  ? 4.416   11.665  -8.077  1.00 44.22 ?  56  GLU A C   1 
ATOM   343 O O   . GLU A 1 69  ? 3.448   11.012  -8.477  1.00 45.57 ?  56  GLU A O   1 
ATOM   344 C CB  . GLU A 1 69  ? 5.858   11.260  -10.083 1.00 37.50 ?  56  GLU A CB  1 
ATOM   345 C CG  . GLU A 1 69  ? 5.487   12.584  -10.770 1.00 35.41 ?  56  GLU A CG  1 
ATOM   346 C CD  . GLU A 1 69  ? 5.161   12.430  -12.244 1.00 47.86 ?  56  GLU A CD  1 
ATOM   347 O OE1 . GLU A 1 69  ? 4.506   13.330  -12.826 1.00 56.31 ?  56  GLU A OE1 1 
ATOM   348 O OE2 . GLU A 1 69  ? 5.559   11.400  -12.828 1.00 64.47 -1 56  GLU A OE2 1 
ATOM   349 N N   . SER A 1 70  ? 4.303   12.693  -7.228  1.00 36.82 ?  57  SER A N   1 
ATOM   350 C CA  . SER A 1 70  ? 3.006   13.296  -6.891  1.00 71.24 ?  57  SER A CA  1 
ATOM   351 C C   . SER A 1 70  ? 3.164   14.357  -5.801  1.00 62.55 ?  57  SER A C   1 
ATOM   352 O O   . SER A 1 70  ? 4.282   14.661  -5.373  1.00 52.45 ?  57  SER A O   1 
ATOM   353 C CB  . SER A 1 70  ? 1.962   12.244  -6.454  1.00 47.53 ?  57  SER A CB  1 
ATOM   354 O OG  . SER A 1 70  ? 2.043   11.927  -5.086  1.00 45.70 ?  57  SER A OG  1 
ATOM   355 N N   . LEU A 1 71  ? 2.055   14.940  -5.349  1.00 72.16 ?  58  LEU A N   1 
ATOM   356 C CA  . LEU A 1 71  ? 2.154   15.896  -4.254  1.00 63.86 ?  58  LEU A CA  1 
ATOM   357 C C   . LEU A 1 71  ? 2.335   15.168  -2.916  1.00 80.05 ?  58  LEU A C   1 
ATOM   358 O O   . LEU A 1 71  ? 3.288   15.461  -2.184  1.00 88.53 ?  58  LEU A O   1 
ATOM   359 C CB  . LEU A 1 71  ? 0.951   16.851  -4.280  1.00 48.42 ?  58  LEU A CB  1 
ATOM   360 C CG  . LEU A 1 71  ? 1.032   18.269  -3.720  1.00 77.61 ?  58  LEU A CG  1 
ATOM   361 C CD1 . LEU A 1 71  ? -0.222  19.031  -4.125  1.00 81.20 ?  58  LEU A CD1 1 
ATOM   362 C CD2 . LEU A 1 71  ? 1.193   18.275  -2.205  1.00 78.72 ?  58  LEU A CD2 1 
ATOM   363 N N   . LYS A 1 72  ? 1.445   14.237  -2.548  1.00 68.93 ?  59  LYS A N   1 
ATOM   364 C CA  . LYS A 1 72  ? 0.052   14.185  -2.950  1.00 52.41 ?  59  LYS A CA  1 
ATOM   365 C C   . LYS A 1 72  ? -0.662  14.823  -1.771  1.00 70.69 ?  59  LYS A C   1 
ATOM   366 O O   . LYS A 1 72  ? -0.079  14.927  -0.686  1.00 55.54 ?  59  LYS A O   1 
ATOM   367 C CB  . LYS A 1 72  ? -0.449  12.771  -3.218  1.00 49.54 ?  59  LYS A CB  1 
ATOM   368 C CG  . LYS A 1 72  ? -1.887  12.706  -3.748  1.00 47.90 ?  59  LYS A CG  1 
ATOM   369 C CD  . LYS A 1 72  ? -2.925  13.045  -2.661  1.00 53.76 ?  59  LYS A CD  1 
ATOM   370 C CE  . LYS A 1 72  ? -4.367  12.869  -3.149  1.00 32.99 ?  59  LYS A CE  1 
ATOM   371 N NZ  . LYS A 1 72  ? -5.185  12.356  -2.006  1.00 44.48 1  59  LYS A NZ  1 
ATOM   372 N N   . ARG A 1 77  ? 6.735   11.153  0.758   1.00 39.54 ?  64  ARG A N   1 
ATOM   373 C CA  . ARG A 1 77  ? 7.941   10.554  0.197   1.00 39.01 ?  64  ARG A CA  1 
ATOM   374 C C   . ARG A 1 77  ? 7.835   9.027   0.127   1.00 44.46 ?  64  ARG A C   1 
ATOM   375 O O   . ARG A 1 77  ? 7.895   8.330   1.142   1.00 38.43 ?  64  ARG A O   1 
ATOM   376 C CB  . ARG A 1 77  ? 9.166   10.975  1.009   1.00 46.60 ?  64  ARG A CB  1 
ATOM   377 C CG  . ARG A 1 77  ? 9.022   10.773  2.508   1.00 69.03 ?  64  ARG A CG  1 
ATOM   378 C CD  . ARG A 1 77  ? 10.013  11.613  3.294   1.00 79.10 ?  64  ARG A CD  1 
ATOM   379 N NE  . ARG A 1 77  ? 10.320  10.999  4.582   0.00 86.42 ?  64  ARG A NE  1 
ATOM   380 C CZ  . ARG A 1 77  ? 10.330  11.652  5.738   0.00 92.71 ?  64  ARG A CZ  1 
ATOM   381 N NH1 . ARG A 1 77  ? 10.040  12.945  5.776   0.00 95.50 ?  64  ARG A NH1 1 
ATOM   382 N NH2 . ARG A 1 77  ? 10.621  11.008  6.861   0.00 95.39 ?  64  ARG A NH2 1 
ATOM   383 N N   . VAL A 1 78  ? 7.682   8.505   -1.083  1.00 36.25 ?  65  VAL A N   1 
ATOM   384 C CA  . VAL A 1 78  ? 7.501   7.073   -1.254  1.00 35.65 ?  65  VAL A CA  1 
ATOM   385 C C   . VAL A 1 78  ? 8.838   6.393   -1.494  1.00 41.70 ?  65  VAL A C   1 
ATOM   386 O O   . VAL A 1 78  ? 9.412   6.508   -2.571  1.00 44.98 ?  65  VAL A O   1 
ATOM   387 C CB  . VAL A 1 78  ? 6.525   6.776   -2.396  1.00 37.86 ?  65  VAL A CB  1 
ATOM   388 C CG1 . VAL A 1 78  ? 6.222   5.304   -2.451  1.00 33.80 ?  65  VAL A CG1 1 
ATOM   389 C CG2 . VAL A 1 78  ? 5.243   7.594   -2.217  1.00 40.62 ?  65  VAL A CG2 1 
ATOM   390 N N   . ARG A 1 81  ? 12.326  0.116   -0.792  1.00 34.56 ?  68  ARG A N   1 
ATOM   391 C CA  . ARG A 1 81  ? 12.893  -0.974  -1.578  1.00 39.57 ?  68  ARG A CA  1 
ATOM   392 C C   . ARG A 1 81  ? 11.991  -2.194  -1.505  1.00 36.08 ?  68  ARG A C   1 
ATOM   393 O O   . ARG A 1 81  ? 11.725  -2.690  -0.413  1.00 36.08 ?  68  ARG A O   1 
ATOM   394 C CB  . ARG A 1 81  ? 14.300  -1.332  -1.081  1.00 36.78 ?  68  ARG A CB  1 
ATOM   395 C CG  . ARG A 1 81  ? 15.322  -0.231  -1.273  1.00 44.29 ?  68  ARG A CG  1 
ATOM   396 C CD  . ARG A 1 81  ? 14.968  0.629   -2.479  1.00 44.33 ?  68  ARG A CD  1 
ATOM   397 N NE  . ARG A 1 81  ? 15.641  1.916   -2.459  1.00 54.55 ?  68  ARG A NE  1 
ATOM   398 C CZ  . ARG A 1 81  ? 16.960  2.069   -2.482  0.00 56.57 ?  68  ARG A CZ  1 
ATOM   399 N NH1 . ARG A 1 81  ? 17.755  1.008   -2.526  0.00 56.24 1  68  ARG A NH1 1 
ATOM   400 N NH2 . ARG A 1 81  ? 17.486  3.286   -2.465  0.00 58.55 ?  68  ARG A NH2 1 
ATOM   401 N N   . ALA A 1 82  ? 11.528  -2.678  -2.659  1.00 31.75 ?  69  ALA A N   1 
ATOM   402 C CA  . ALA A 1 82  ? 10.611  -3.812  -2.658  1.00 35.16 ?  69  ALA A CA  1 
ATOM   403 C C   . ALA A 1 82  ? 11.237  -5.010  -1.959  1.00 32.45 ?  69  ALA A C   1 
ATOM   404 O O   . ALA A 1 82  ? 12.408  -5.336  -2.171  1.00 31.00 ?  69  ALA A O   1 
ATOM   405 C CB  . ALA A 1 82  ? 10.210  -4.200  -4.086  1.00 28.85 ?  69  ALA A CB  1 
ATOM   406 N N   . ARG A 1 83  ? 10.444  -5.668  -1.124  1.00 30.19 ?  70  ARG A N   1 
ATOM   407 C CA  . ARG A 1 83  ? 10.873  -6.884  -0.460  1.00 32.45 ?  70  ARG A CA  1 
ATOM   408 C C   . ARG A 1 83  ? 9.675   -7.807  -0.323  1.00 33.41 ?  70  ARG A C   1 
ATOM   409 O O   . ARG A 1 83  ? 8.530   -7.358  -0.233  1.00 35.11 ?  70  ARG A O   1 
ATOM   410 C CB  . ARG A 1 83  ? 11.512  -6.609  0.912   1.00 29.55 ?  70  ARG A CB  1 
ATOM   411 C CG  . ARG A 1 83  ? 10.568  -6.199  2.025   1.00 33.51 ?  70  ARG A CG  1 
ATOM   412 C CD  . ARG A 1 83  ? 11.216  -6.462  3.377   1.00 33.22 ?  70  ARG A CD  1 
ATOM   413 N NE  . ARG A 1 83  ? 10.338  -6.143  4.494   1.00 31.93 ?  70  ARG A NE  1 
ATOM   414 C CZ  . ARG A 1 83  ? 9.591   -7.038  5.128   1.00 29.71 ?  70  ARG A CZ  1 
ATOM   415 N NH1 . ARG A 1 83  ? 9.607   -8.304  4.735   1.00 30.51 1  70  ARG A NH1 1 
ATOM   416 N NH2 . ARG A 1 83  ? 8.813   -6.666  6.136   1.00 31.85 ?  70  ARG A NH2 1 
ATOM   417 N N   . GLN A 1 84  ? 9.957   -9.102  -0.332  1.00 32.92 ?  71  GLN A N   1 
ATOM   418 C CA  . GLN A 1 84  ? 8.941   -10.139 -0.314  1.00 35.31 ?  71  GLN A CA  1 
ATOM   419 C C   . GLN A 1 84  ? 8.495   -10.400 1.114   1.00 31.98 ?  71  GLN A C   1 
ATOM   420 O O   . GLN A 1 84  ? 9.306   -10.345 2.037   1.00 31.17 ?  71  GLN A O   1 
ATOM   421 C CB  . GLN A 1 84  ? 9.488   -11.418 -0.952  1.00 33.01 ?  71  GLN A CB  1 
ATOM   422 C CG  . GLN A 1 84  ? 10.806  -11.913 -0.354  1.00 44.33 ?  71  GLN A CG  1 
ATOM   423 C CD  . GLN A 1 84  ? 11.988  -11.042 -0.720  1.00 52.48 ?  71  GLN A CD  1 
ATOM   424 O OE1 . GLN A 1 84  ? 11.829  -9.848  -0.956  1.00 48.30 ?  71  GLN A OE1 1 
ATOM   425 N NE2 . GLN A 1 84  ? 13.184  -11.630 -0.759  1.00 73.05 ?  71  GLN A NE2 1 
ATOM   426 N N   . ASP A 1 89  ? 7.700   -12.473 9.306   1.00 34.33 ?  76  ASP A N   1 
ATOM   427 C CA  . ASP A 1 89  ? 6.783   -11.342 9.226   1.00 34.11 ?  76  ASP A CA  1 
ATOM   428 C C   . ASP A 1 89  ? 5.459   -11.613 9.948   1.00 36.19 ?  76  ASP A C   1 
ATOM   429 O O   . ASP A 1 89  ? 4.917   -10.725 10.606  1.00 35.84 ?  76  ASP A O   1 
ATOM   430 C CB  . ASP A 1 89  ? 6.506   -10.984 7.764   1.00 34.51 ?  76  ASP A CB  1 
ATOM   431 C CG  . ASP A 1 89  ? 7.606   -10.146 7.149   1.00 33.41 ?  76  ASP A CG  1 
ATOM   432 O OD1 . ASP A 1 89  ? 8.369   -9.498  7.896   1.00 32.25 ?  76  ASP A OD1 1 
ATOM   433 O OD2 . ASP A 1 89  ? 7.706   -10.131 5.911   1.00 36.49 -1 76  ASP A OD2 1 
ATOM   434 N N   . PHE A 1 90  ? 4.940   -12.835 9.820   1.00 32.68 ?  77  PHE A N   1 
ATOM   435 C CA  . PHE A 1 90  ? 3.668   -13.193 10.444  1.00 34.59 ?  77  PHE A CA  1 
ATOM   436 C C   . PHE A 1 90  ? 3.799   -13.224 11.961  1.00 35.49 ?  77  PHE A C   1 
ATOM   437 O O   . PHE A 1 90  ? 2.989   -12.632 12.674  1.00 38.72 ?  77  PHE A O   1 
ATOM   438 C CB  . PHE A 1 90  ? 3.162   -14.552 9.934   1.00 37.20 ?  77  PHE A CB  1 
ATOM   439 C CG  . PHE A 1 90  ? 2.812   -14.560 8.468   1.00 33.52 ?  77  PHE A CG  1 
ATOM   440 C CD1 . PHE A 1 90  ? 1.801   -13.749 7.977   1.00 32.24 ?  77  PHE A CD1 1 
ATOM   441 C CD2 . PHE A 1 90  ? 3.495   -15.378 7.581   1.00 35.63 ?  77  PHE A CD2 1 
ATOM   442 C CE1 . PHE A 1 90  ? 1.477   -13.759 6.625   1.00 32.75 ?  77  PHE A CE1 1 
ATOM   443 C CE2 . PHE A 1 90  ? 3.178   -15.389 6.230   1.00 27.03 ?  77  PHE A CE2 1 
ATOM   444 C CZ  . PHE A 1 90  ? 2.171   -14.575 5.756   1.00 27.08 ?  77  PHE A CZ  1 
ATOM   445 N N   . PHE A 1 93  ? 5.423   -8.892  12.967  1.00 35.64 ?  80  PHE A N   1 
ATOM   446 C CA  . PHE A 1 93  ? 4.564   -7.714  12.935  1.00 32.64 ?  80  PHE A CA  1 
ATOM   447 C C   . PHE A 1 93  ? 3.271   -7.984  13.676  1.00 33.15 ?  80  PHE A C   1 
ATOM   448 O O   . PHE A 1 93  ? 2.873   -9.131  13.845  1.00 34.04 ?  80  PHE A O   1 
ATOM   449 C CB  . PHE A 1 93  ? 4.270   -7.286  11.495  1.00 29.91 ?  80  PHE A CB  1 
ATOM   450 C CG  . PHE A 1 93  ? 5.433   -6.639  10.815  1.00 33.91 ?  80  PHE A CG  1 
ATOM   451 C CD1 . PHE A 1 93  ? 6.486   -7.403  10.347  1.00 33.84 ?  80  PHE A CD1 1 
ATOM   452 C CD2 . PHE A 1 93  ? 5.482   -5.259  10.654  1.00 36.46 ?  80  PHE A CD2 1 
ATOM   453 C CE1 . PHE A 1 93  ? 7.573   -6.807  9.727   1.00 34.29 ?  80  PHE A CE1 1 
ATOM   454 C CE2 . PHE A 1 93  ? 6.569   -4.657  10.031  1.00 33.61 ?  80  PHE A CE2 1 
ATOM   455 C CZ  . PHE A 1 93  ? 7.613   -5.435  9.568   1.00 33.04 ?  80  PHE A CZ  1 
ATOM   456 N N   . ASP A 1 94  ? 2.615   -6.918  14.114  1.00 30.33 ?  81  ASP A N   1 
ATOM   457 C CA  . ASP A 1 94  ? 1.429   -7.049  14.935  1.00 30.64 ?  81  ASP A CA  1 
ATOM   458 C C   . ASP A 1 94  ? 0.159   -7.054  14.090  1.00 31.58 ?  81  ASP A C   1 
ATOM   459 O O   . ASP A 1 94  ? -0.795  -7.781  14.386  1.00 27.80 ?  81  ASP A O   1 
ATOM   460 C CB  . ASP A 1 94  ? 1.393   -5.924  15.969  1.00 31.06 ?  81  ASP A CB  1 
ATOM   461 C CG  . ASP A 1 94  ? 2.560   -5.986  16.943  1.00 32.11 ?  81  ASP A CG  1 
ATOM   462 O OD1 . ASP A 1 94  ? 2.642   -6.968  17.702  1.00 31.63 ?  81  ASP A OD1 1 
ATOM   463 O OD2 . ASP A 1 94  ? 3.396   -5.056  16.951  1.00 34.95 -1 81  ASP A OD2 1 
ATOM   464 N N   . LEU A 1 97  ? -1.878  -5.602  6.789   1.00 21.49 ?  84  LEU A N   1 
ATOM   465 C CA  . LEU A 1 97  ? -2.989  -5.006  6.060   1.00 23.50 ?  84  LEU A CA  1 
ATOM   466 C C   . LEU A 1 97  ? -2.788  -5.218  4.550   1.00 27.44 ?  84  LEU A C   1 
ATOM   467 O O   . LEU A 1 97  ? -1.795  -4.771  3.969   1.00 24.59 ?  84  LEU A O   1 
ATOM   468 C CB  . LEU A 1 97  ? -3.126  -3.520  6.449   1.00 24.23 ?  84  LEU A CB  1 
ATOM   469 C CG  . LEU A 1 97  ? -3.262  -3.456  7.990   1.00 30.45 ?  84  LEU A CG  1 
ATOM   470 C CD1 . LEU A 1 97  ? -2.177  -2.653  8.729   1.00 26.92 ?  84  LEU A CD1 1 
ATOM   471 C CD2 . LEU A 1 97  ? -4.652  -3.050  8.485   1.00 23.82 ?  84  LEU A CD2 1 
ATOM   472 N N   . ALA A 1 98  ? -3.724  -5.943  3.928   1.00 27.55 ?  85  ALA A N   1 
ATOM   473 C CA  . ALA A 1 98  ? -3.627  -6.323  2.526   1.00 27.06 ?  85  ALA A CA  1 
ATOM   474 C C   . ALA A 1 98  ? -4.303  -5.295  1.632   1.00 24.38 ?  85  ALA A C   1 
ATOM   475 O O   . ALA A 1 98  ? -5.331  -4.717  1.990   1.00 26.58 ?  85  ALA A O   1 
ATOM   476 C CB  . ALA A 1 98  ? -4.258  -7.695  2.292   1.00 28.11 ?  85  ALA A CB  1 
ATOM   477 N N   . MET A 1 99  ? -3.725  -5.091  0.445   1.00 26.65 ?  86  MET A N   1 
ATOM   478 C CA  . MET A 1 99  ? -4.208  -4.029  -0.437  1.00 24.51 ?  86  MET A CA  1 
ATOM   479 C C   . MET A 1 99  ? -5.436  -4.458  -1.228  1.00 26.36 ?  86  MET A C   1 
ATOM   480 O O   . MET A 1 99  ? -6.332  -3.637  -1.465  1.00 25.72 ?  86  MET A O   1 
ATOM   481 C CB  . MET A 1 99  ? -3.103  -3.572  -1.389  1.00 25.26 ?  86  MET A CB  1 
ATOM   482 C CG  . MET A 1 99  ? -1.973  -2.773  -0.748  1.00 24.12 ?  86  MET A CG  1 
ATOM   483 S SD  . MET A 1 99  ? -2.476  -1.395  0.291   1.00 27.83 ?  86  MET A SD  1 
ATOM   484 C CE  . MET A 1 99  ? -2.039  -2.034  1.906   1.00 29.06 ?  86  MET A CE  1 
ATOM   485 N N   . ASP A 1 100 ? -5.497  -5.728  -1.655  1.00 24.49 ?  87  ASP A N   1 
ATOM   486 C CA  . ASP A 1 100 ? -6.669  -6.256  -2.348  1.00 26.34 ?  87  ASP A CA  1 
ATOM   487 C C   . ASP A 1 100 ? -6.974  -7.671  -1.858  1.00 28.42 ?  87  ASP A C   1 
ATOM   488 O O   . ASP A 1 100 ? -6.271  -8.229  -1.010  1.00 27.72 ?  87  ASP A O   1 
ATOM   489 C CB  . ASP A 1 100 ? -6.497  -6.211  -3.876  1.00 25.45 ?  87  ASP A CB  1 
ATOM   490 C CG  . ASP A 1 100 ? -5.423  -7.162  -4.400  1.00 28.37 ?  87  ASP A CG  1 
ATOM   491 O OD1 . ASP A 1 100 ? -5.105  -8.188  -3.759  1.00 25.84 ?  87  ASP A OD1 1 
ATOM   492 O OD2 . ASP A 1 100 ? -4.887  -6.868  -5.492  1.00 30.28 -1 87  ASP A OD2 1 
ATOM   493 N N   . GLY A 1 101 ? -8.031  -8.253  -2.429  1.00 26.62 ?  88  GLY A N   1 
ATOM   494 C CA  . GLY A 1 101 ? -8.481  -9.571  -1.997  1.00 30.77 ?  88  GLY A CA  1 
ATOM   495 C C   . GLY A 1 101 ? -7.464  -10.665 -2.261  1.00 34.32 ?  88  GLY A C   1 
ATOM   496 O O   . GLY A 1 101 ? -7.284  -11.567 -1.439  1.00 30.54 ?  88  GLY A O   1 
ATOM   497 N N   . ASP A 1 102 ? -6.787  -10.605 -3.414  1.00 32.03 ?  89  ASP A N   1 
ATOM   498 C CA  . ASP A 1 102 ? -5.768  -11.605 -3.715  1.00 31.13 ?  89  ASP A CA  1 
ATOM   499 C C   . ASP A 1 102 ? -4.636  -11.561 -2.695  1.00 33.79 ?  89  ASP A C   1 
ATOM   500 O O   . ASP A 1 102 ? -4.141  -12.612 -2.269  1.00 30.78 ?  89  ASP A O   1 
ATOM   501 C CB  . ASP A 1 102 ? -5.231  -11.404 -5.129  1.00 30.53 ?  89  ASP A CB  1 
ATOM   502 C CG  . ASP A 1 102 ? -6.303  -11.554 -6.179  1.00 33.30 ?  89  ASP A CG  1 
ATOM   503 O OD1 . ASP A 1 102 ? -7.312  -12.247 -5.910  1.00 36.85 ?  89  ASP A OD1 1 
ATOM   504 O OD2 . ASP A 1 102 ? -6.137  -10.972 -7.270  1.00 31.56 -1 89  ASP A OD2 1 
ATOM   505 N N   . ASN A 1 103 ? -4.218  -10.358 -2.281  1.00 31.10 ?  90  ASN A N   1 
ATOM   506 C CA  . ASN A 1 103 ? -3.173  -10.266 -1.263  1.00 29.37 ?  90  ASN A CA  1 
ATOM   507 C C   . ASN A 1 103 ? -3.646  -10.864 0.044   1.00 29.21 ?  90  ASN A C   1 
ATOM   508 O O   . ASN A 1 103 ? -2.858  -11.472 0.772   1.00 28.99 ?  90  ASN A O   1 
ATOM   509 C CB  . ASN A 1 103 ? -2.750  -8.818  -1.011  1.00 28.86 ?  90  ASN A CB  1 
ATOM   510 C CG  . ASN A 1 103 ? -2.469  -8.048  -2.275  1.00 30.35 ?  90  ASN A CG  1 
ATOM   511 O OD1 . ASN A 1 103 ? -2.773  -6.862  -2.351  1.00 30.63 ?  90  ASN A OD1 1 
ATOM   512 N ND2 . ASN A 1 103 ? -1.859  -8.702  -3.261  1.00 30.68 ?  90  ASN A ND2 1 
ATOM   513 N N   . TYR A 1 104 ? -4.934  -10.698 0.353   1.00 33.73 ?  91  TYR A N   1 
ATOM   514 C CA  . TYR A 1 104 ? -5.482  -11.056 1.656   1.00 35.73 ?  91  TYR A CA  1 
ATOM   515 C C   . TYR A 1 104 ? -5.819  -12.538 1.765   1.00 38.42 ?  91  TYR A C   1 
ATOM   516 O O   . TYR A 1 104 ? -5.364  -13.223 2.686   1.00 35.91 ?  91  TYR A O   1 
ATOM   517 C CB  . TYR A 1 104 ? -6.746  -10.232 1.931   1.00 33.81 ?  91  TYR A CB  1 
ATOM   518 N N   . ARG A 1 105 ? -6.657  -13.023 0.853   1.00 34.47 ?  92  ARG A N   1 
ATOM   519 C CA  A ARG A 1 105 ? -7.287  -14.331 0.953   0.58 37.35 ?  92  ARG A CA  1 
ATOM   520 C CA  B ARG A 1 105 ? -7.255  -14.350 0.944   0.42 38.53 ?  92  ARG A CA  1 
ATOM   521 C C   . ARG A 1 105 ? -7.889  -14.704 -0.388  1.00 26.53 ?  92  ARG A C   1 
ATOM   522 O O   . ARG A 1 105 ? -8.587  -13.875 -0.980  1.00 33.36 ?  92  ARG A O   1 
ATOM   523 C CB  A ARG A 1 105 ? -8.383  -14.317 2.028   0.58 34.21 ?  92  ARG A CB  1 
ATOM   524 C CB  B ARG A 1 105 ? -8.323  -14.427 2.045   0.42 34.03 ?  92  ARG A CB  1 
ATOM   525 C CG  A ARG A 1 105 ? -9.186  -15.597 2.141   0.58 31.09 ?  92  ARG A CG  1 
ATOM   526 C CG  B ARG A 1 105 ? -9.609  -15.130 1.603   0.42 26.88 ?  92  ARG A CG  1 
ATOM   527 C CD  A ARG A 1 105 ? -10.394 -15.620 1.232   0.58 26.53 ?  92  ARG A CD  1 
ATOM   528 C CD  B ARG A 1 105 ? -10.658 -15.096 2.687   0.42 31.84 ?  92  ARG A CD  1 
ATOM   529 N NE  A ARG A 1 105 ? -11.269 -14.484 1.409   0.58 25.81 ?  92  ARG A NE  1 
ATOM   530 N NE  B ARG A 1 105 ? -10.985 -16.409 3.242   0.42 28.27 ?  92  ARG A NE  1 
ATOM   531 C CZ  A ARG A 1 105 ? -11.459 -13.534 0.509   0.58 31.83 ?  92  ARG A CZ  1 
ATOM   532 C CZ  B ARG A 1 105 ? -11.520 -16.581 4.449   0.42 29.35 ?  92  ARG A CZ  1 
ATOM   533 N NH1 A ARG A 1 105 ? -10.808 -13.565 -0.644  0.58 35.77 ?  92  ARG A NH1 1 
ATOM   534 N NH1 B ARG A 1 105 ? -11.770 -15.531 5.215   0.42 43.27 ?  92  ARG A NH1 1 
ATOM   535 N NH2 A ARG A 1 105 ? -12.288 -12.537 0.772   0.58 37.96 ?  92  ARG A NH2 1 
ATOM   536 N NH2 B ARG A 1 105 ? -11.807 -17.788 4.900   0.42 27.33 ?  92  ARG A NH2 1 
ATOM   537 N N   . ASN A 1 106 ? -7.641  -15.942 -0.827  1.00 30.77 ?  93  ASN A N   1 
ATOM   538 C CA  . ASN A 1 106 ? -8.144  -16.631 -2.045  1.00 43.64 ?  93  ASN A CA  1 
ATOM   539 C C   . ASN A 1 106 ? -6.923  -17.078 -2.863  1.00 50.12 ?  93  ASN A C   1 
ATOM   540 O O   . ASN A 1 106 ? -6.928  -18.131 -3.514  1.00 45.49 ?  93  ASN A O   1 
ATOM   541 C CB  . ASN A 1 106 ? -9.104  -15.775 -2.917  1.00 25.97 ?  93  ASN A CB  1 
ATOM   542 C CG  . ASN A 1 106 ? -10.599 -16.050 -2.611  1.00 44.84 ?  93  ASN A CG  1 
ATOM   543 O OD1 . ASN A 1 106 ? -10.955 -17.109 -2.090  1.00 53.37 ?  93  ASN A OD1 1 
ATOM   544 N ND2 . ASN A 1 106 ? -11.473 -15.095 -2.954  1.00 50.50 ?  93  ASN A ND2 1 
ATOM   545 N N   . LYS A 1 119 ? -4.072  -11.365 12.470  1.00 37.35 ?  106 LYS A N   1 
ATOM   546 C CA  . LYS A 1 119 ? -3.370  -10.102 12.329  1.00 37.50 ?  106 LYS A CA  1 
ATOM   547 C C   . LYS A 1 119 ? -3.708  -9.524  10.988  1.00 23.77 ?  106 LYS A C   1 
ATOM   548 O O   . LYS A 1 119 ? -3.419  -8.370  10.730  1.00 30.41 ?  106 LYS A O   1 
ATOM   549 C CB  . LYS A 1 119 ? -1.862  -10.298 12.464  1.00 36.32 ?  106 LYS A CB  1 
ATOM   550 C CG  . LYS A 1 119 ? -1.419  -10.823 13.819  1.00 35.60 ?  106 LYS A CG  1 
ATOM   551 C CD  . LYS A 1 119 ? 0.077   -11.078 13.832  1.00 30.59 ?  106 LYS A CD  1 
ATOM   552 C CE  . LYS A 1 119 ? 0.584   -11.368 15.226  1.00 33.81 ?  106 LYS A CE  1 
ATOM   553 N NZ  . LYS A 1 119 ? 2.060   -11.557 15.232  1.00 29.53 1  106 LYS A NZ  1 
ATOM   554 N N   . VAL A 1 120 ? -4.319  -10.344 10.133  1.00 29.02 ?  107 VAL A N   1 
ATOM   555 C CA  . VAL A 1 120 ? -4.508  -10.010 8.723   1.00 33.98 ?  107 VAL A CA  1 
ATOM   556 C C   . VAL A 1 120 ? -5.822  -9.275  8.555   1.00 29.29 ?  107 VAL A C   1 
ATOM   557 O O   . VAL A 1 120 ? -6.864  -9.753  9.008   1.00 33.80 ?  107 VAL A O   1 
ATOM   558 C CB  . VAL A 1 120 ? -4.483  -11.266 7.840   1.00 22.63 ?  107 VAL A CB  1 
ATOM   559 C CG1 . VAL A 1 120 ? -4.475  -10.843 6.395   1.00 32.83 ?  107 VAL A CG1 1 
ATOM   560 C CG2 . VAL A 1 120 ? -3.233  -12.113 8.145   1.00 37.05 ?  107 VAL A CG2 1 
ATOM   561 N N   . LYS A 1 121 ? -5.774  -8.117  7.900   1.00 30.12 ?  108 LYS A N   1 
ATOM   562 C CA  . LYS A 1 121 ? -6.964  -7.315  7.634   1.00 30.72 ?  108 LYS A CA  1 
ATOM   563 C C   . LYS A 1 121 ? -6.974  -6.865  6.186   1.00 32.66 ?  108 LYS A C   1 
ATOM   564 O O   . LYS A 1 121 ? -5.919  -6.731  5.577   1.00 25.79 ?  108 LYS A O   1 
ATOM   565 C CB  . LYS A 1 121 ? -7.019  -6.093  8.548   1.00 30.67 ?  108 LYS A CB  1 
ATOM   566 C CG  . LYS A 1 121 ? -6.436  -6.328  9.916   1.00 36.80 ?  108 LYS A CG  1 
ATOM   567 C CD  . LYS A 1 121 ? -7.513  -6.509  10.934  1.00 46.35 ?  108 LYS A CD  1 
ATOM   568 C CE  . LYS A 1 121 ? -6.911  -6.977  12.253  1.00 37.74 ?  108 LYS A CE  1 
ATOM   569 N NZ  . LYS A 1 121 ? -7.974  -6.872  13.273  1.00 51.31 ?  108 LYS A NZ  1 
ATOM   570 N N   . CYS A 1 124 ? -9.155  -1.934  3.126   1.00 26.30 ?  111 CYS A N   1 
ATOM   571 C CA  . CYS A 1 124 ? -10.339 -1.236  2.647   1.00 25.83 ?  111 CYS A CA  1 
ATOM   572 C C   . CYS A 1 124 ? -11.447 -1.267  3.684   1.00 28.44 ?  111 CYS A C   1 
ATOM   573 O O   . CYS A 1 124 ? -12.399 -0.498  3.613   1.00 27.37 ?  111 CYS A O   1 
ATOM   574 C CB  . CYS A 1 124 ? -10.840 -1.856  1.348   1.00 28.38 ?  111 CYS A CB  1 
ATOM   575 S SG  . CYS A 1 124 ? -10.157 -1.043  -0.072  1.00 59.38 ?  111 CYS A SG  1 
ATOM   576 N N   . ASP A 1 125 ? -11.331 -2.180  4.640   1.00 36.47 ?  112 ASP A N   1 
ATOM   577 C CA  . ASP A 1 125 ? -12.308 -2.237  5.713   1.00 34.33 ?  112 ASP A CA  1 
ATOM   578 C C   . ASP A 1 125 ? -12.104 -1.159  6.756   1.00 28.53 ?  112 ASP A C   1 
ATOM   579 O O   . ASP A 1 125 ? -12.897 -1.068  7.706   1.00 27.95 ?  112 ASP A O   1 
ATOM   580 C CB  . ASP A 1 125 ? -12.282 -3.605  6.349   1.00 28.45 ?  112 ASP A CB  1 
ATOM   581 C CG  . ASP A 1 125 ? -12.754 -4.659  5.400   1.00 37.48 ?  112 ASP A CG  1 
ATOM   582 O OD1 . ASP A 1 125 ? -13.550 -4.332  4.496   1.00 35.03 ?  112 ASP A OD1 1 
ATOM   583 O OD2 . ASP A 1 125 ? -12.313 -5.812  5.546   1.00 39.35 -1 112 ASP A OD2 1 
ATOM   584 N N   . TYR A 1 126 ? -11.073 -0.344  6.597   1.00 27.08 ?  113 TYR A N   1 
ATOM   585 C CA  . TYR A 1 126 ? -10.944 0.889   7.349   1.00 27.86 ?  113 TYR A CA  1 
ATOM   586 C C   . TYR A 1 126 ? -11.329 2.094   6.515   1.00 29.85 ?  113 TYR A C   1 
ATOM   587 O O   . TYR A 1 126 ? -11.300 3.220   7.016   1.00 27.45 ?  113 TYR A O   1 
ATOM   588 C CB  . TYR A 1 126 ? -9.522  1.034   7.866   1.00 25.80 ?  113 TYR A CB  1 
ATOM   589 C CG  . TYR A 1 126 ? -9.193  -0.054  8.847   1.00 27.92 ?  113 TYR A CG  1 
ATOM   590 C CD1 . TYR A 1 126 ? -9.495  0.099   10.190  1.00 29.37 ?  113 TYR A CD1 1 
ATOM   591 C CD2 . TYR A 1 126 ? -8.590  -1.238  8.435   1.00 27.12 ?  113 TYR A CD2 1 
ATOM   592 C CE1 . TYR A 1 126 ? -9.209  -0.875  11.092  1.00 22.75 ?  113 TYR A CE1 1 
ATOM   593 C CE2 . TYR A 1 126 ? -8.286  -2.235  9.349   1.00 26.46 ?  113 TYR A CE2 1 
ATOM   594 C CZ  . TYR A 1 126 ? -8.604  -2.036  10.677  1.00 27.02 ?  113 TYR A CZ  1 
ATOM   595 O OH  . TYR A 1 126 ? -8.326  -3.002  11.609  1.00 54.83 ?  113 TYR A OH  1 
ATOM   596 N N   . THR A 1 127 ? -11.684 1.880   5.255   1.00 30.70 ?  114 THR A N   1 
ATOM   597 C CA  . THR A 1 127 ? -12.203 2.959   4.435   1.00 30.29 ?  114 THR A CA  1 
ATOM   598 C C   . THR A 1 127 ? -13.551 3.416   5.002   1.00 35.35 ?  114 THR A C   1 
ATOM   599 O O   . THR A 1 127 ? -14.431 2.596   5.295   1.00 37.62 ?  114 THR A O   1 
ATOM   600 C CB  . THR A 1 127 ? -12.342 2.499   2.976   1.00 33.93 ?  114 THR A CB  1 
ATOM   601 O OG1 . THR A 1 127 ? -11.075 2.550   2.260   1.00 19.20 ?  114 THR A OG1 1 
ATOM   602 C CG2 . THR A 1 127 ? -13.278 3.384   2.325   1.00 44.48 ?  114 THR A CG2 1 
ATOM   603 N N   . GLU A 1 128 ? -13.697 4.728   5.198   1.00 33.30 ?  115 GLU A N   1 
ATOM   604 C CA  . GLU A 1 128 ? -14.894 5.310   5.791   1.00 37.53 ?  115 GLU A CA  1 
ATOM   605 C C   . GLU A 1 128 ? -15.662 6.203   4.834   1.00 37.29 ?  115 GLU A C   1 
ATOM   606 O O   . GLU A 1 128 ? -16.845 6.486   5.081   1.00 34.66 ?  115 GLU A O   1 
ATOM   607 C CB  . GLU A 1 128 ? -14.512 6.135   7.027   1.00 37.58 ?  115 GLU A CB  1 
ATOM   608 C CG  . GLU A 1 128 ? -14.783 5.482   8.377   1.00 45.19 ?  115 GLU A CG  1 
ATOM   609 C CD  . GLU A 1 128 ? -15.052 6.555   9.412   0.00 64.58 ?  115 GLU A CD  1 
ATOM   610 O OE1 . GLU A 1 128 ? -15.996 6.443   10.237  0.00 78.09 ?  115 GLU A OE1 1 
ATOM   611 O OE2 . GLU A 1 128 ? -14.297 7.541   9.368   0.00 68.77 ?  115 GLU A OE2 1 
ATOM   612 N N   . LYS A 1 129 ? -14.996 6.687   3.784   1.00 33.88 ?  116 LYS A N   1 
ATOM   613 C CA  . LYS A 1 129 ? -15.536 7.631   2.813   1.00 37.64 ?  116 LYS A CA  1 
ATOM   614 C C   . LYS A 1 129 ? -15.728 7.024   1.439   1.00 34.44 ?  116 LYS A C   1 
ATOM   615 O O   . LYS A 1 129 ? -16.783 7.183   0.858   1.00 32.30 ?  116 LYS A O   1 
ATOM   616 C CB  . LYS A 1 129 ? -14.649 8.876   2.637   1.00 30.75 ?  116 LYS A CB  1 
ATOM   617 C CG  . LYS A 1 129 ? -14.467 9.783   3.824   1.00 48.61 ?  116 LYS A CG  1 
ATOM   618 C CD  . LYS A 1 129 ? -15.759 10.062  4.534   1.00 42.59 ?  116 LYS A CD  1 
ATOM   619 C CE  . LYS A 1 129 ? -15.455 10.246  5.999   0.00 48.47 ?  116 LYS A CE  1 
ATOM   620 N NZ  . LYS A 1 129 ? -14.613 9.186   6.563   0.00 50.04 ?  116 LYS A NZ  1 
ATOM   621 N N   . PHE A 1 130 ? -14.713 6.392   0.873   1.00 31.11 ?  117 PHE A N   1 
ATOM   622 C CA  . PHE A 1 130 ? -14.781 5.961   -0.512  1.00 33.25 ?  117 PHE A CA  1 
ATOM   623 C C   . PHE A 1 130 ? -15.339 4.550   -0.595  1.00 30.41 ?  117 PHE A C   1 
ATOM   624 O O   . PHE A 1 130 ? -14.918 3.670   0.150   1.00 29.11 ?  117 PHE A O   1 
ATOM   625 C CB  . PHE A 1 130 ? -13.398 6.048   -1.157  1.00 36.49 ?  117 PHE A CB  1 
ATOM   626 C CG  . PHE A 1 130 ? -12.843 7.441   -1.176  1.00 35.90 ?  117 PHE A CG  1 
ATOM   627 C CD1 . PHE A 1 130 ? -11.504 7.672   -1.365  1.00 35.53 ?  117 PHE A CD1 1 
ATOM   628 C CD2 . PHE A 1 130 ? -13.689 8.528   -1.016  1.00 51.84 ?  117 PHE A CD2 1 
ATOM   629 C CE1 . PHE A 1 130 ? -11.014 8.949   -1.382  1.00 51.50 ?  117 PHE A CE1 1 
ATOM   630 C CE2 . PHE A 1 130 ? -13.201 9.816   -1.031  1.00 56.13 ?  117 PHE A CE2 1 
ATOM   631 C CZ  . PHE A 1 130 ? -11.859 10.028  -1.217  1.00 60.45 ?  117 PHE A CZ  1 
ATOM   632 N N   . GLY A 1 131 ? -16.293 4.338   -1.487  1.00 35.89 ?  118 GLY A N   1 
ATOM   633 C CA  . GLY A 1 131 ? -16.883 3.020   -1.632  1.00 30.26 ?  118 GLY A CA  1 
ATOM   634 C C   . GLY A 1 131 ? -16.047 2.133   -2.531  1.00 31.74 ?  118 GLY A C   1 
ATOM   635 O O   . GLY A 1 131 ? -16.032 2.311   -3.751  1.00 29.94 ?  118 GLY A O   1 
ATOM   636 N N   . GLU A 1 134 ? -11.387 -2.851  -2.785  1.00 30.83 ?  121 GLU A N   1 
ATOM   637 C CA  . GLU A 1 134 ? -9.947  -3.056  -2.870  1.00 28.90 ?  121 GLU A CA  1 
ATOM   638 C C   . GLU A 1 134 ? -9.189  -1.745  -3.081  1.00 26.04 ?  121 GLU A C   1 
ATOM   639 O O   . GLU A 1 134 ? -9.772  -0.718  -3.435  1.00 26.99 ?  121 GLU A O   1 
ATOM   640 C CB  . GLU A 1 134 ? -9.620  -4.023  -4.007  1.00 26.04 ?  121 GLU A CB  1 
ATOM   641 C CG  . GLU A 1 134 ? -9.789  -3.405  -5.382  1.00 35.39 ?  121 GLU A CG  1 
ATOM   642 C CD  . GLU A 1 134 ? -9.310  -4.306  -6.496  1.00 32.39 ?  121 GLU A CD  1 
ATOM   643 O OE1 . GLU A 1 134 ? -9.009  -5.487  -6.213  1.00 27.94 ?  121 GLU A OE1 1 
ATOM   644 O OE2 . GLU A 1 134 ? -9.238  -3.827  -7.652  1.00 32.78 -1 121 GLU A OE2 1 
ATOM   645 N N   . VAL A 1 135 ? -7.883  -1.777  -2.838  1.00 25.77 ?  122 VAL A N   1 
ATOM   646 C CA  . VAL A 1 135 ? -6.974  -0.746  -3.328  1.00 28.48 ?  122 VAL A CA  1 
ATOM   647 C C   . VAL A 1 135 ? -6.500  -1.195  -4.712  1.00 25.43 ?  122 VAL A C   1 
ATOM   648 O O   . VAL A 1 135 ? -5.718  -2.156  -4.801  1.00 25.37 ?  122 VAL A O   1 
ATOM   649 C CB  . VAL A 1 135 ? -5.797  -0.521  -2.369  1.00 28.89 ?  122 VAL A CB  1 
ATOM   650 C CG1 . VAL A 1 135 ? -4.850  0.528   -2.921  1.00 27.04 ?  122 VAL A CG1 1 
ATOM   651 C CG2 . VAL A 1 135 ? -6.312  -0.106  -0.984  1.00 28.76 ?  122 VAL A CG2 1 
ATOM   652 N N   . PRO A 1 136 ? -6.953  -0.555  -5.788  1.00 28.00 ?  123 PRO A N   1 
ATOM   653 C CA  . PRO A 1 136 ? -6.825  -1.158  -7.119  1.00 26.77 ?  123 PRO A CA  1 
ATOM   654 C C   . PRO A 1 136 ? -5.401  -1.085  -7.639  1.00 30.25 ?  123 PRO A C   1 
ATOM   655 O O   . PRO A 1 136 ? -4.671  -0.120  -7.388  1.00 26.97 ?  123 PRO A O   1 
ATOM   656 C CB  . PRO A 1 136 ? -7.761  -0.303  -7.987  1.00 24.97 ?  123 PRO A CB  1 
ATOM   657 C CG  . PRO A 1 136 ? -8.217  0.848   -7.113  1.00 29.22 ?  123 PRO A CG  1 
ATOM   658 C CD  . PRO A 1 136 ? -7.400  0.838   -5.868  1.00 26.35 ?  123 PRO A CD  1 
ATOM   659 N N   . ASP A 1 137 ? -5.022  -2.112  -8.399  1.00 26.53 ?  124 ASP A N   1 
ATOM   660 C CA  . ASP A 1 137 ? -3.691  -2.161  -8.990  1.00 27.56 ?  124 ASP A CA  1 
ATOM   661 C C   . ASP A 1 137 ? -3.539  -1.063  -10.039 1.00 24.51 ?  124 ASP A C   1 
ATOM   662 O O   . ASP A 1 137 ? -4.364  -0.930  -10.937 1.00 33.70 ?  124 ASP A O   1 
ATOM   663 C CB  . ASP A 1 137 ? -3.417  -3.533  -9.607  1.00 28.17 ?  124 ASP A CB  1 
ATOM   664 C CG  . ASP A 1 137 ? -1.966  -3.717  -10.005 1.00 26.01 ?  124 ASP A CG  1 
ATOM   665 O OD1 . ASP A 1 137 ? -1.215  -2.721  -10.010 1.00 28.18 ?  124 ASP A OD1 1 
ATOM   666 O OD2 . ASP A 1 137 ? -1.574  -4.863  -10.327 1.00 29.08 -1 124 ASP A OD2 1 
ATOM   667 N N   . TYR A 1 140 ? -0.966  -1.005  -14.552 1.00 28.09 ?  127 TYR A N   1 
ATOM   668 C CA  . TYR A 1 140 ? -1.056  -0.941  -15.999 1.00 30.98 ?  127 TYR A CA  1 
ATOM   669 C C   . TYR A 1 140 ? -1.896  0.252   -16.431 1.00 37.98 ?  127 TYR A C   1 
ATOM   670 O O   . TYR A 1 140 ? -2.523  0.250   -17.500 1.00 30.04 ?  127 TYR A O   1 
ATOM   671 C CB  . TYR A 1 140 ? -1.641  -2.235  -16.529 1.00 32.34 ?  127 TYR A CB  1 
ATOM   672 C CG  . TYR A 1 140 ? -0.745  -3.411  -16.250 1.00 32.01 ?  127 TYR A CG  1 
ATOM   673 C CD1 . TYR A 1 140 ? 0.265   -3.754  -17.134 1.00 30.74 ?  127 TYR A CD1 1 
ATOM   674 C CD2 . TYR A 1 140 ? -0.891  -4.165  -15.093 1.00 29.63 ?  127 TYR A CD2 1 
ATOM   675 C CE1 . TYR A 1 140 ? 1.093   -4.827  -16.892 1.00 31.48 ?  127 TYR A CE1 1 
ATOM   676 C CE2 . TYR A 1 140 ? -0.060  -5.245  -14.840 1.00 33.21 ?  127 TYR A CE2 1 
ATOM   677 C CZ  . TYR A 1 140 ? 0.926   -5.569  -15.750 1.00 29.26 ?  127 TYR A CZ  1 
ATOM   678 O OH  . TYR A 1 140 ? 1.763   -6.632  -15.523 1.00 33.14 ?  127 TYR A OH  1 
ATOM   679 N N   . GLY A 1 141 ? -1.879  1.292   -15.591 1.00 41.56 ?  128 GLY A N   1 
ATOM   680 C CA  . GLY A 1 141 ? -2.818  2.378   -15.713 1.00 31.08 ?  128 GLY A CA  1 
ATOM   681 C C   . GLY A 1 141 ? -2.156  3.738   -15.843 1.00 32.36 ?  128 GLY A C   1 
ATOM   682 O O   . GLY A 1 141 ? -0.950  3.895   -15.644 1.00 35.15 ?  128 GLY A O   1 
ATOM   683 N N   . GLY A 1 142 ? -2.993  4.727   -16.173 1.00 34.11 ?  129 GLY A N   1 
ATOM   684 C CA  . GLY A 1 142 ? -2.584  6.114   -16.218 1.00 33.87 ?  129 GLY A CA  1 
ATOM   685 C C   . GLY A 1 142 ? -2.463  6.726   -14.836 1.00 36.33 ?  129 GLY A C   1 
ATOM   686 O O   . GLY A 1 142 ? -2.698  6.089   -13.809 1.00 33.45 ?  129 GLY A O   1 
ATOM   687 N N   . GLN A 1 143 ? -2.101  8.010   -14.820 1.00 34.60 ?  130 GLN A N   1 
ATOM   688 C CA  . GLN A 1 143 ? -1.758  8.662   -13.560 1.00 37.57 ?  130 GLN A CA  1 
ATOM   689 C C   . GLN A 1 143 ? -2.966  8.810   -12.642 1.00 36.97 ?  130 GLN A C   1 
ATOM   690 O O   . GLN A 1 143 ? -2.809  8.811   -11.416 1.00 35.11 ?  130 GLN A O   1 
ATOM   691 C CB  . GLN A 1 143 ? -1.123  10.023  -13.834 1.00 44.54 ?  130 GLN A CB  1 
ATOM   692 C CG  . GLN A 1 143 ? 0.098   10.328  -12.990 1.00 49.41 ?  130 GLN A CG  1 
ATOM   693 C CD  . GLN A 1 143 ? 1.072   11.276  -13.673 1.00 47.90 ?  130 GLN A CD  1 
ATOM   694 O OE1 . GLN A 1 143 ? 1.774   10.905  -14.611 1.00 50.76 ?  130 GLN A OE1 1 
ATOM   695 N NE2 . GLN A 1 143 ? 1.102   12.516  -13.208 1.00 51.00 ?  130 GLN A NE2 1 
ATOM   696 N N   . ALA A 1 144 ? -4.174  8.918   -13.206 1.00 35.58 ?  131 ALA A N   1 
ATOM   697 C CA  . ALA A 1 144 ? -5.361  9.104   -12.375 1.00 35.14 ?  131 ALA A CA  1 
ATOM   698 C C   . ALA A 1 144 ? -5.599  7.912   -11.455 1.00 35.84 ?  131 ALA A C   1 
ATOM   699 O O   . ALA A 1 144 ? -6.062  8.089   -10.324 1.00 33.47 ?  131 ALA A O   1 
ATOM   700 C CB  . ALA A 1 144 ? -6.585  9.364   -13.251 1.00 39.91 ?  131 ALA A CB  1 
ATOM   701 N N   . GLY A 1 145 ? -5.286  6.696   -11.912 1.00 33.39 ?  132 GLY A N   1 
ATOM   702 C CA  . GLY A 1 145 ? -5.359  5.542   -11.029 1.00 33.88 ?  132 GLY A CA  1 
ATOM   703 C C   . GLY A 1 145 ? -4.395  5.623   -9.859  1.00 31.61 ?  132 GLY A C   1 
ATOM   704 O O   . GLY A 1 145 ? -4.645  5.051   -8.795  1.00 29.76 ?  132 GLY A O   1 
ATOM   705 N N   . PHE A 1 146 ? -3.282  6.329   -10.033 1.00 29.60 ?  133 PHE A N   1 
ATOM   706 C CA  . PHE A 1 146 ? -2.339  6.473   -8.930  1.00 32.18 ?  133 PHE A CA  1 
ATOM   707 C C   . PHE A 1 146 ? -2.880  7.416   -7.865  1.00 31.98 ?  133 PHE A C   1 
ATOM   708 O O   . PHE A 1 146 ? -2.699  7.177   -6.667  1.00 29.63 ?  133 PHE A O   1 
ATOM   709 C CB  . PHE A 1 146 ? -0.989  6.949   -9.454  1.00 29.82 ?  133 PHE A CB  1 
ATOM   710 C CG  . PHE A 1 146 ? -0.184  5.859   -10.104 1.00 34.08 ?  133 PHE A CG  1 
ATOM   711 C CD1 . PHE A 1 146 ? -0.419  5.494   -11.422 1.00 30.74 ?  133 PHE A CD1 1 
ATOM   712 C CD2 . PHE A 1 146 ? 0.789   5.177   -9.387  1.00 31.81 ?  133 PHE A CD2 1 
ATOM   713 C CE1 . PHE A 1 146 ? 0.312   4.479   -12.019 1.00 30.37 ?  133 PHE A CE1 1 
ATOM   714 C CE2 . PHE A 1 146 ? 1.519   4.162   -9.974  1.00 28.83 ?  133 PHE A CE2 1 
ATOM   715 C CZ  . PHE A 1 146 ? 1.281   3.812   -11.292 1.00 28.00 ?  133 PHE A CZ  1 
ATOM   716 N N   . GLU A 1 147 ? -3.552  8.493   -8.284  1.00 32.32 ?  134 GLU A N   1 
ATOM   717 C CA  . GLU A 1 147 ? -4.148  9.399   -7.312  1.00 31.12 ?  134 GLU A CA  1 
ATOM   718 C C   . GLU A 1 147 ? -5.288  8.720   -6.566  1.00 29.84 ?  134 GLU A C   1 
ATOM   719 O O   . GLU A 1 147 ? -5.473  8.961   -5.368  1.00 26.94 ?  134 GLU A O   1 
ATOM   720 C CB  . GLU A 1 147 ? -4.634  10.684  -7.994  1.00 31.88 ?  134 GLU A CB  1 
ATOM   721 C CG  . GLU A 1 147 ? -3.648  11.313  -8.956  1.00 34.36 ?  134 GLU A CG  1 
ATOM   722 C CD  . GLU A 1 147 ? -2.965  12.523  -8.389  1.00 34.31 ?  134 GLU A CD  1 
ATOM   723 O OE1 . GLU A 1 147 ? -3.096  12.770  -7.183  1.00 34.73 ?  134 GLU A OE1 1 
ATOM   724 O OE2 . GLU A 1 147 ? -2.286  13.236  -9.147  1.00 41.50 -1 134 GLU A OE2 1 
ATOM   725 N N   . HIS A 1 148 ? -6.052  7.854   -7.249  1.00 31.01 ?  135 HIS A N   1 
ATOM   726 C CA  . HIS A 1 148 ? -7.124  7.130   -6.567  1.00 27.75 ?  135 HIS A CA  1 
ATOM   727 C C   . HIS A 1 148 ? -6.572  6.236   -5.472  1.00 28.41 ?  135 HIS A C   1 
ATOM   728 O O   . HIS A 1 148 ? -7.159  6.147   -4.389  1.00 31.47 ?  135 HIS A O   1 
ATOM   729 C CB  . HIS A 1 148 ? -7.956  6.295   -7.546  1.00 35.54 ?  135 HIS A CB  1 
ATOM   730 C CG  . HIS A 1 148 ? -9.338  5.979   -7.039  1.00 44.89 ?  135 HIS A CG  1 
ATOM   731 N ND1 . HIS A 1 148 ? -9.774  4.694   -6.805  1.00 52.04 ?  135 HIS A ND1 1 
ATOM   732 C CD2 . HIS A 1 148 ? -10.375 6.789   -6.708  1.00 54.26 ?  135 HIS A CD2 1 
ATOM   733 C CE1 . HIS A 1 148 ? -11.022 4.722   -6.360  1.00 44.96 ?  135 HIS A CE1 1 
ATOM   734 N NE2 . HIS A 1 148 ? -11.411 5.981   -6.293  1.00 50.82 ?  135 HIS A NE2 1 
ATOM   735 N N   . VAL A 1 149 ? -5.456  5.552   -5.738  1.00 29.93 ?  136 VAL A N   1 
ATOM   736 C CA  . VAL A 1 149 ? -4.798  4.770   -4.692  1.00 30.90 ?  136 VAL A CA  1 
ATOM   737 C C   . VAL A 1 149 ? -4.533  5.647   -3.474  1.00 27.26 ?  136 VAL A C   1 
ATOM   738 O O   . VAL A 1 149 ? -4.849  5.277   -2.338  1.00 30.06 ?  136 VAL A O   1 
ATOM   739 C CB  . VAL A 1 149 ? -3.501  4.135   -5.227  1.00 29.50 ?  136 VAL A CB  1 
ATOM   740 C CG1 . VAL A 1 149 ? -2.654  3.609   -4.085  1.00 24.80 ?  136 VAL A CG1 1 
ATOM   741 C CG2 . VAL A 1 149 ? -3.816  3.020   -6.221  1.00 28.87 ?  136 VAL A CG2 1 
ATOM   742 N N   . ILE A 1 150 ? -3.988  6.842   -3.701  1.00 28.38 ?  137 ILE A N   1 
ATOM   743 C CA  . ILE A 1 150 ? -3.695  7.743   -2.589  1.00 29.95 ?  137 ILE A CA  1 
ATOM   744 C C   . ILE A 1 150 ? -4.979  8.179   -1.893  1.00 30.14 ?  137 ILE A C   1 
ATOM   745 O O   . ILE A 1 150 ? -5.044  8.228   -0.658  1.00 27.21 ?  137 ILE A O   1 
ATOM   746 C CB  . ILE A 1 150 ? -2.872  8.948   -3.081  1.00 32.63 ?  137 ILE A CB  1 
ATOM   747 C CG1 . ILE A 1 150 ? -1.606  8.464   -3.799  1.00 30.16 ?  137 ILE A CG1 1 
ATOM   748 C CG2 . ILE A 1 150 ? -2.551  9.897   -1.929  1.00 30.75 ?  137 ILE A CG2 1 
ATOM   749 C CD1 . ILE A 1 150 ? -0.455  8.123   -2.860  1.00 30.18 ?  137 ILE A CD1 1 
ATOM   750 N N   . ASP A 1 151 ? -6.017  8.498   -2.672  1.00 32.97 ?  138 ASP A N   1 
ATOM   751 C CA  . ASP A 1 151 ? -7.313  8.867   -2.106  1.00 30.78 ?  138 ASP A CA  1 
ATOM   752 C C   . ASP A 1 151 ? -7.842  7.797   -1.161  1.00 31.92 ?  138 ASP A C   1 
ATOM   753 O O   . ASP A 1 151 ? -8.385  8.108   -0.092  1.00 29.76 ?  138 ASP A O   1 
ATOM   754 C CB  . ASP A 1 151 ? -8.325  9.101   -3.227  1.00 33.13 ?  138 ASP A CB  1 
ATOM   755 C CG  . ASP A 1 151 ? -7.937  10.235  -4.142  1.00 30.58 ?  138 ASP A CG  1 
ATOM   756 O OD1 . ASP A 1 151 ? -7.105  11.067  -3.735  1.00 34.77 -1 138 ASP A OD1 1 
ATOM   757 O OD2 . ASP A 1 151 ? -8.471  10.287  -5.271  1.00 34.15 ?  138 ASP A OD2 1 
ATOM   758 N N   . LEU A 1 152 ? -7.713  6.526   -1.555  1.00 32.34 ?  139 LEU A N   1 
ATOM   759 C CA  . LEU A 1 152 ? -8.231  5.439   -0.734  1.00 37.96 ?  139 LEU A CA  1 
ATOM   760 C C   . LEU A 1 152 ? -7.402  5.254   0.526   1.00 32.56 ?  139 LEU A C   1 
ATOM   761 O O   . LEU A 1 152 ? -7.955  4.931   1.586   1.00 30.83 ?  139 LEU A O   1 
ATOM   762 C CB  . LEU A 1 152 ? -8.288  4.136   -1.549  1.00 32.48 ?  139 LEU A CB  1 
ATOM   763 C CG  . LEU A 1 152 ? -9.083  4.249   -2.860  1.00 36.42 ?  139 LEU A CG  1 
ATOM   764 C CD1 . LEU A 1 152 ? -9.064  2.993   -3.717  1.00 38.34 ?  139 LEU A CD1 1 
ATOM   765 C CD2 . LEU A 1 152 ? -10.507 4.628   -2.560  1.00 50.26 ?  139 LEU A CD2 1 
ATOM   766 N N   . LEU A 1 153 ? -6.084  5.473   0.436   1.00 25.11 ?  140 LEU A N   1 
ATOM   767 C CA  . LEU A 1 153 ? -5.213  5.287   1.587   1.00 29.07 ?  140 LEU A CA  1 
ATOM   768 C C   . LEU A 1 153 ? -5.316  6.437   2.577   1.00 27.24 ?  140 LEU A C   1 
ATOM   769 O O   . LEU A 1 153 ? -5.171  6.219   3.781   1.00 28.22 ?  140 LEU A O   1 
ATOM   770 C CB  . LEU A 1 153 ? -3.764  5.104   1.132   1.00 24.23 ?  140 LEU A CB  1 
ATOM   771 C CG  . LEU A 1 153 ? -3.497  3.787   0.399   1.00 28.70 ?  140 LEU A CG  1 
ATOM   772 C CD1 . LEU A 1 153 ? -2.118  3.778   -0.229  1.00 32.58 ?  140 LEU A CD1 1 
ATOM   773 C CD2 . LEU A 1 153 ? -3.668  2.591   1.327   1.00 27.88 ?  140 LEU A CD2 1 
ATOM   774 N N   . GLU A 1 154 ? -5.565  7.656   2.104   1.00 28.26 ?  141 GLU A N   1 
ATOM   775 C CA  . GLU A 1 154 ? -5.810  8.749   3.035   1.00 28.49 ?  141 GLU A CA  1 
ATOM   776 C C   . GLU A 1 154 ? -7.115  8.538   3.804   1.00 28.09 ?  141 GLU A C   1 
ATOM   777 O O   . GLU A 1 154 ? -7.201  8.896   4.982   1.00 29.83 ?  141 GLU A O   1 
ATOM   778 C CB  . GLU A 1 154 ? -5.796  10.089  2.290   1.00 29.10 ?  141 GLU A CB  1 
ATOM   779 C CG  . GLU A 1 154 ? -4.383  10.526  1.876   1.00 29.59 ?  141 GLU A CG  1 
ATOM   780 C CD  . GLU A 1 154 ? -4.323  11.869  1.152   1.00 33.03 ?  141 GLU A CD  1 
ATOM   781 O OE1 . GLU A 1 154 ? -5.255  12.203  0.390   1.00 25.62 ?  141 GLU A OE1 1 
ATOM   782 O OE2 . GLU A 1 154 ? -3.318  12.590  1.340   1.00 32.06 -1 141 GLU A OE2 1 
ATOM   783 N N   . ASP A 1 155 ? -8.122  7.931   3.171   1.00 28.31 ?  142 ASP A N   1 
ATOM   784 C CA  . ASP A 1 155 ? -9.338  7.539   3.884   1.00 28.65 ?  142 ASP A CA  1 
ATOM   785 C C   . ASP A 1 155 ? -9.051  6.414   4.879   1.00 31.60 ?  142 ASP A C   1 
ATOM   786 O O   . ASP A 1 155 ? -9.322  6.545   6.081   1.00 28.51 ?  142 ASP A O   1 
ATOM   787 C CB  . ASP A 1 155 ? -10.413 7.122   2.865   1.00 30.22 ?  142 ASP A CB  1 
ATOM   788 C CG  . ASP A 1 155 ? -11.720 6.649   3.511   1.00 33.34 ?  142 ASP A CG  1 
ATOM   789 O OD1 . ASP A 1 155 ? -11.919 6.838   4.729   1.00 30.58 ?  142 ASP A OD1 1 
ATOM   790 O OD2 . ASP A 1 155 ? -12.559 6.073   2.783   1.00 29.30 -1 142 ASP A OD2 1 
ATOM   791 N N   . ALA A 1 156 ? -8.482  5.301   4.398   1.00 30.27 ?  143 ALA A N   1 
ATOM   792 C CA  . ALA A 1 156 ? -8.330  4.106   5.229   1.00 29.84 ?  143 ALA A CA  1 
ATOM   793 C C   . ALA A 1 156 ? -7.338  4.319   6.368   1.00 30.04 ?  143 ALA A C   1 
ATOM   794 O O   . ALA A 1 156 ? -7.588  3.898   7.504   1.00 27.57 ?  143 ALA A O   1 
ATOM   795 C CB  . ALA A 1 156 ? -7.895  2.920   4.367   1.00 26.61 ?  143 ALA A CB  1 
ATOM   796 N N   . CYS A 1 157 ? -6.207  4.954   6.088   1.00 29.88 ?  144 CYS A N   1 
ATOM   797 C CA  . CYS A 1 157 ? -5.174  5.136   7.098   1.00 34.81 ?  144 CYS A CA  1 
ATOM   798 C C   . CYS A 1 157 ? -5.659  6.047   8.221   1.00 34.88 ?  144 CYS A C   1 
ATOM   799 O O   . CYS A 1 157 ? -5.323  5.833   9.388   1.00 36.73 ?  144 CYS A O   1 
ATOM   800 C CB  . CYS A 1 157 ? -3.898  5.706   6.473   1.00 33.09 ?  144 CYS A CB  1 
ATOM   801 S SG  . CYS A 1 157 ? -2.967  4.536   5.446   1.00 31.38 ?  144 CYS A SG  1 
ATOM   802 N N   . LEU A 1 161 ? -7.845  4.011   10.478  1.00 28.58 ?  148 LEU A N   1 
ATOM   803 C CA  . LEU A 1 161 ? -7.108  2.907   11.085  1.00 29.60 ?  148 LEU A CA  1 
ATOM   804 C C   . LEU A 1 161 ? -6.384  3.326   12.365  1.00 26.86 ?  148 LEU A C   1 
ATOM   805 O O   . LEU A 1 161 ? -6.348  2.575   13.332  1.00 28.90 ?  148 LEU A O   1 
ATOM   806 C CB  . LEU A 1 161 ? -6.102  2.323   10.087  1.00 30.60 ?  148 LEU A CB  1 
ATOM   807 C CG  . LEU A 1 161 ? -5.010  1.388   10.620  1.00 28.94 ?  148 LEU A CG  1 
ATOM   808 C CD1 . LEU A 1 161 ? -5.609  0.143   11.237  1.00 29.35 ?  148 LEU A CD1 1 
ATOM   809 C CD2 . LEU A 1 161 ? -4.040  1.007   9.516   1.00 23.55 ?  148 LEU A CD2 1 
ATOM   810 N N   . THR A 1 162 ? -5.805  4.520   12.378  1.00 28.93 ?  149 THR A N   1 
ATOM   811 C CA  . THR A 1 162 ? -5.024  4.944   13.540  1.00 27.24 ?  149 THR A CA  1 
ATOM   812 C C   . THR A 1 162 ? -5.918  5.255   14.735  1.00 28.15 ?  149 THR A C   1 
ATOM   813 O O   . THR A 1 162 ? -5.667  4.783   15.840  1.00 30.44 ?  149 THR A O   1 
ATOM   814 C CB  . THR A 1 162 ? -4.169  6.182   13.234  1.00 30.41 ?  149 THR A CB  1 
ATOM   815 O OG1 . THR A 1 162 ? -3.141  6.323   14.236  1.00 36.54 ?  149 THR A OG1 1 
ATOM   816 C CG2 . THR A 1 162 ? -5.040  7.408   13.221  1.00 28.65 ?  149 THR A CG2 1 
HETATM 817 O O   . HOH B 2 .   ? -12.460 -19.388 -1.650  1.00 42.72 ?  201 HOH A O   1 
HETATM 818 O O   . HOH B 2 .   ? -2.778  -14.775 -0.400  1.00 45.53 ?  202 HOH A O   1 
HETATM 819 O O   . HOH B 2 .   ? -9.381  -18.495 0.714   1.00 25.74 ?  203 HOH A O   1 
HETATM 820 O O   . HOH B 2 .   ? 3.007   -15.905 -0.578  1.00 33.36 ?  204 HOH A O   1 
HETATM 821 O O   . HOH B 2 .   ? 2.089   15.215  5.786   1.00 50.65 ?  205 HOH A O   1 
# 
